data_7MBF
#
_entry.id   7MBF
#
_cell.length_a   78.936
_cell.length_b   90.937
_cell.length_c   144.801
_cell.angle_alpha   90.000
_cell.angle_beta   93.529
_cell.angle_gamma   90.000
#
_symmetry.space_group_name_H-M   'P 1 21 1'
#
loop_
_entity.id
_entity.type
_entity.pdbx_description
1 polymer 'NADPH-dependent codeinone reductase 1-3'
2 water water
#
_entity_poly.entity_id   1
_entity_poly.type   'polypeptide(L)'
_entity_poly.pdbx_seq_one_letter_code
;GPGYQMESNGVPMITLSSGIRMPALGMGTAETMVKGTEREKLAFLKAIEVGYRHFDTAAAYQSEECLGEAIAEALQLGLI
KSRDELFITSKLWCADAHADLVLPALQNSLRNLKLDYLDLYLIHHPVSLKPGKFVNEIPKDHILPMDYKSVWAAMEECQT
LGFTRAIGVCNFSCKKLQELMAAAKIPPVVNQVEMSPTLHQKNLREYCKANNIMITAHSVLGAICAPWGSNAVMDSKVLH
QIAVARGKSVAQVSMRWVYQQGASLVVKSFNEGRMKENLKIFDWELTAENMEKISEIPQSRTSSADFLLSPTGPFKTEEE
FWDEKD
;
_entity_poly.pdbx_strand_id   A,B,C,D,E,F
#
# COMPACT_ATOMS: atom_id res chain seq x y z
N GLY A 10 4.87 -26.01 -26.36
CA GLY A 10 3.66 -25.22 -26.55
C GLY A 10 3.66 -23.93 -25.74
N VAL A 11 2.47 -23.51 -25.32
CA VAL A 11 2.31 -22.29 -24.53
C VAL A 11 2.76 -22.57 -23.10
N PRO A 12 3.79 -21.91 -22.60
CA PRO A 12 4.24 -22.16 -21.23
C PRO A 12 3.19 -21.72 -20.21
N MET A 13 3.20 -22.42 -19.08
CA MET A 13 2.31 -22.11 -17.97
C MET A 13 2.97 -21.13 -17.03
N ILE A 14 2.19 -20.18 -16.51
CA ILE A 14 2.66 -19.21 -15.53
C ILE A 14 2.03 -19.56 -14.19
N THR A 15 2.87 -19.71 -13.17
CA THR A 15 2.42 -20.03 -11.82
C THR A 15 2.03 -18.74 -11.12
N LEU A 16 0.74 -18.59 -10.82
CA LEU A 16 0.26 -17.42 -10.12
C LEU A 16 0.57 -17.53 -8.62
N SER A 17 0.33 -16.45 -7.88
CA SER A 17 0.77 -16.39 -6.50
C SER A 17 0.02 -17.38 -5.63
N SER A 18 -1.19 -17.77 -6.02
CA SER A 18 -1.98 -18.72 -5.24
C SER A 18 -1.69 -20.18 -5.60
N GLY A 19 -0.74 -20.43 -6.49
CA GLY A 19 -0.44 -21.77 -6.95
C GLY A 19 -1.19 -22.20 -8.19
N ILE A 20 -2.06 -21.35 -8.74
CA ILE A 20 -2.86 -21.71 -9.90
C ILE A 20 -2.03 -21.51 -11.17
N ARG A 21 -2.04 -22.50 -12.05
CA ARG A 21 -1.30 -22.40 -13.29
C ARG A 21 -2.11 -21.63 -14.32
N MET A 22 -1.43 -20.82 -15.12
CA MET A 22 -2.08 -19.96 -16.09
C MET A 22 -1.34 -20.08 -17.42
N PRO A 23 -2.04 -20.36 -18.51
CA PRO A 23 -1.40 -20.29 -19.84
C PRO A 23 -0.97 -18.86 -20.13
N ALA A 24 0.31 -18.70 -20.45
CA ALA A 24 0.89 -17.36 -20.58
C ALA A 24 0.23 -16.55 -21.68
N LEU A 25 -0.27 -17.22 -22.73
CA LEU A 25 -0.90 -16.54 -23.86
C LEU A 25 -2.37 -16.93 -23.91
N GLY A 26 -3.24 -15.93 -23.88
CA GLY A 26 -4.67 -16.13 -23.99
C GLY A 26 -5.24 -15.34 -25.16
N MET A 27 -6.50 -15.64 -25.47
CA MET A 27 -7.23 -14.95 -26.54
C MET A 27 -8.47 -14.29 -25.96
N GLY A 28 -8.61 -12.98 -26.20
CA GLY A 28 -9.74 -12.23 -25.70
C GLY A 28 -10.85 -12.10 -26.71
N THR A 29 -11.88 -11.34 -26.32
CA THR A 29 -13.04 -11.08 -27.16
C THR A 29 -13.01 -9.64 -27.65
N ALA A 30 -13.53 -9.44 -28.86
CA ALA A 30 -13.62 -8.08 -29.41
C ALA A 30 -14.44 -7.19 -28.50
N GLU A 31 -13.89 -6.02 -28.18
CA GLU A 31 -14.49 -5.12 -27.18
C GLU A 31 -15.69 -4.37 -27.76
N THR A 32 -16.69 -5.13 -28.22
CA THR A 32 -17.93 -4.57 -28.74
C THR A 32 -19.04 -4.83 -27.73
N MET A 33 -19.60 -3.76 -27.17
CA MET A 33 -20.71 -3.89 -26.23
C MET A 33 -22.03 -4.19 -26.90
N VAL A 34 -22.00 -4.98 -27.97
CA VAL A 34 -23.19 -5.41 -28.69
C VAL A 34 -23.30 -6.92 -28.55
N LYS A 35 -24.37 -7.51 -29.09
CA LYS A 35 -24.59 -8.95 -29.04
C LYS A 35 -23.45 -9.73 -29.69
N GLY A 36 -23.52 -11.05 -29.61
CA GLY A 36 -22.46 -11.92 -30.12
C GLY A 36 -22.85 -12.56 -31.44
N THR A 37 -21.91 -12.59 -32.37
CA THR A 37 -22.10 -13.24 -33.65
C THR A 37 -21.67 -14.70 -33.58
N GLU A 38 -22.24 -15.51 -34.47
CA GLU A 38 -21.83 -16.90 -34.60
C GLU A 38 -20.47 -17.04 -35.27
N ARG A 39 -19.96 -15.97 -35.88
CA ARG A 39 -18.58 -15.93 -36.34
C ARG A 39 -17.59 -15.73 -35.20
N GLU A 40 -18.04 -15.12 -34.10
CA GLU A 40 -17.22 -15.09 -32.88
C GLU A 40 -17.12 -16.48 -32.28
N LYS A 41 -18.24 -17.19 -32.21
CA LYS A 41 -18.23 -18.55 -31.67
C LYS A 41 -17.29 -19.45 -32.47
N LEU A 42 -17.34 -19.35 -33.80
CA LEU A 42 -16.48 -20.18 -34.63
C LEU A 42 -15.01 -19.77 -34.51
N ALA A 43 -14.73 -18.51 -34.15
CA ALA A 43 -13.36 -18.11 -33.92
C ALA A 43 -12.82 -18.70 -32.63
N PHE A 44 -13.64 -18.73 -31.58
CA PHE A 44 -13.24 -19.38 -30.33
C PHE A 44 -12.99 -20.86 -30.55
N LEU A 45 -13.89 -21.54 -31.25
CA LEU A 45 -13.72 -22.97 -31.52
C LEU A 45 -12.48 -23.21 -32.36
N LYS A 46 -12.17 -22.30 -33.29
CA LYS A 46 -10.96 -22.45 -34.10
C LYS A 46 -9.71 -22.28 -33.24
N ALA A 47 -9.74 -21.36 -32.28
CA ALA A 47 -8.59 -21.17 -31.39
C ALA A 47 -8.32 -22.41 -30.55
N ILE A 48 -9.38 -23.06 -30.07
CA ILE A 48 -9.21 -24.30 -29.32
C ILE A 48 -8.60 -25.38 -30.20
N GLU A 49 -9.05 -25.46 -31.45
CA GLU A 49 -8.50 -26.45 -32.38
C GLU A 49 -7.04 -26.16 -32.70
N VAL A 50 -6.65 -24.89 -32.73
CA VAL A 50 -5.26 -24.55 -33.03
C VAL A 50 -4.34 -24.82 -31.83
N GLY A 51 -4.83 -24.56 -30.62
CA GLY A 51 -4.05 -24.88 -29.44
C GLY A 51 -4.17 -23.86 -28.32
N TYR A 52 -5.21 -23.03 -28.35
CA TYR A 52 -5.46 -22.06 -27.30
C TYR A 52 -6.26 -22.72 -26.18
N ARG A 53 -5.85 -22.48 -24.94
CA ARG A 53 -6.56 -22.95 -23.77
C ARG A 53 -6.95 -21.85 -22.81
N HIS A 54 -6.35 -20.67 -22.90
CA HIS A 54 -6.67 -19.53 -22.07
C HIS A 54 -7.56 -18.57 -22.87
N PHE A 55 -8.76 -18.31 -22.36
CA PHE A 55 -9.70 -17.43 -23.02
C PHE A 55 -10.21 -16.39 -22.03
N ASP A 56 -10.34 -15.15 -22.51
CA ASP A 56 -10.60 -14.00 -21.65
C ASP A 56 -11.77 -13.23 -22.22
N THR A 57 -12.92 -13.30 -21.54
CA THR A 57 -14.11 -12.58 -21.95
C THR A 57 -14.49 -11.53 -20.89
N ALA A 58 -15.60 -10.85 -21.12
CA ALA A 58 -16.13 -9.88 -20.18
C ALA A 58 -17.64 -9.80 -20.39
N ALA A 59 -18.36 -9.54 -19.29
CA ALA A 59 -19.81 -9.45 -19.35
C ALA A 59 -20.27 -8.20 -20.10
N ALA A 60 -19.39 -7.21 -20.28
CA ALA A 60 -19.75 -5.97 -20.94
C ALA A 60 -19.82 -6.09 -22.46
N TYR A 61 -19.44 -7.22 -23.02
CA TYR A 61 -19.41 -7.41 -24.47
C TYR A 61 -20.47 -8.38 -24.96
N GLN A 62 -21.31 -8.91 -24.06
CA GLN A 62 -22.33 -9.90 -24.36
C GLN A 62 -21.85 -10.95 -25.35
N SER A 63 -20.61 -11.43 -25.16
CA SER A 63 -20.04 -12.47 -26.00
C SER A 63 -19.77 -13.73 -25.20
N GLU A 64 -20.19 -13.78 -23.93
CA GLU A 64 -19.93 -14.95 -23.10
C GLU A 64 -20.66 -16.18 -23.62
N GLU A 65 -21.88 -16.01 -24.13
CA GLU A 65 -22.63 -17.15 -24.64
C GLU A 65 -21.97 -17.74 -25.88
N CYS A 66 -21.23 -16.92 -26.64
CA CYS A 66 -20.50 -17.45 -27.78
C CYS A 66 -19.32 -18.30 -27.34
N LEU A 67 -18.64 -17.89 -26.26
CA LEU A 67 -17.58 -18.72 -25.70
C LEU A 67 -18.14 -19.96 -25.02
N GLY A 68 -19.33 -19.85 -24.40
CA GLY A 68 -19.94 -21.01 -23.81
C GLY A 68 -20.34 -22.05 -24.84
N GLU A 69 -20.88 -21.60 -25.98
CA GLU A 69 -21.20 -22.52 -27.06
C GLU A 69 -19.93 -23.13 -27.66
N ALA A 70 -18.86 -22.34 -27.77
CA ALA A 70 -17.63 -22.85 -28.37
C ALA A 70 -16.96 -23.88 -27.46
N ILE A 71 -17.00 -23.66 -26.14
CA ILE A 71 -16.46 -24.64 -25.21
C ILE A 71 -17.26 -25.95 -25.29
N ALA A 72 -18.58 -25.84 -25.35
CA ALA A 72 -19.43 -27.03 -25.41
C ALA A 72 -19.14 -27.84 -26.67
N GLU A 73 -19.03 -27.17 -27.81
CA GLU A 73 -18.76 -27.89 -29.06
C GLU A 73 -17.31 -28.37 -29.13
N ALA A 74 -16.39 -27.68 -28.48
CA ALA A 74 -15.02 -28.16 -28.42
C ALA A 74 -14.92 -29.46 -27.63
N LEU A 75 -15.75 -29.62 -26.60
CA LEU A 75 -15.81 -30.89 -25.89
C LEU A 75 -16.53 -31.96 -26.70
N GLN A 76 -17.54 -31.56 -27.48
CA GLN A 76 -18.24 -32.52 -28.34
C GLN A 76 -17.30 -33.06 -29.41
N LEU A 77 -16.45 -32.20 -29.98
CA LEU A 77 -15.58 -32.58 -31.08
C LEU A 77 -14.28 -33.22 -30.61
N GLY A 78 -14.10 -33.43 -29.30
CA GLY A 78 -12.90 -34.05 -28.80
C GLY A 78 -11.64 -33.21 -28.93
N LEU A 79 -11.77 -31.92 -29.26
CA LEU A 79 -10.60 -31.05 -29.32
C LEU A 79 -9.95 -30.92 -27.94
N ILE A 80 -10.77 -30.76 -26.90
CA ILE A 80 -10.34 -30.88 -25.52
C ILE A 80 -11.11 -32.02 -24.88
N LYS A 81 -10.49 -32.66 -23.88
CA LYS A 81 -11.13 -33.78 -23.22
C LYS A 81 -11.87 -33.39 -21.95
N SER A 82 -11.55 -32.24 -21.36
CA SER A 82 -12.21 -31.80 -20.14
C SER A 82 -12.18 -30.28 -20.07
N ARG A 83 -13.09 -29.73 -19.26
CA ARG A 83 -13.13 -28.29 -19.06
C ARG A 83 -11.92 -27.81 -18.24
N ASP A 84 -11.35 -28.66 -17.40
CA ASP A 84 -10.18 -28.27 -16.62
C ASP A 84 -8.92 -28.13 -17.47
N GLU A 85 -9.00 -28.43 -18.77
CA GLU A 85 -7.92 -28.11 -19.69
C GLU A 85 -7.91 -26.64 -20.10
N LEU A 86 -8.97 -25.90 -19.78
CA LEU A 86 -9.12 -24.51 -20.18
C LEU A 86 -8.94 -23.58 -18.99
N PHE A 87 -8.58 -22.33 -19.30
CA PHE A 87 -8.44 -21.27 -18.31
C PHE A 87 -9.37 -20.13 -18.74
N ILE A 88 -10.58 -20.13 -18.20
CA ILE A 88 -11.61 -19.18 -18.60
C ILE A 88 -11.61 -18.01 -17.62
N THR A 89 -11.59 -16.79 -18.18
CA THR A 89 -11.61 -15.57 -17.37
C THR A 89 -12.70 -14.64 -17.88
N SER A 90 -13.47 -14.09 -16.94
CA SER A 90 -14.43 -13.05 -17.24
C SER A 90 -14.23 -11.88 -16.29
N LYS A 91 -14.89 -10.77 -16.57
CA LYS A 91 -14.67 -9.53 -15.84
C LYS A 91 -16.00 -8.98 -15.32
N LEU A 92 -15.92 -8.31 -14.18
CA LEU A 92 -17.09 -7.72 -13.53
C LEU A 92 -17.34 -6.32 -14.09
N TRP A 93 -18.52 -6.10 -14.64
CA TRP A 93 -18.85 -4.80 -15.20
C TRP A 93 -19.19 -3.80 -14.11
N CYS A 94 -18.83 -2.53 -14.36
CA CYS A 94 -18.93 -1.49 -13.33
C CYS A 94 -20.35 -1.31 -12.83
N ALA A 95 -21.36 -1.59 -13.67
CA ALA A 95 -22.74 -1.47 -13.24
C ALA A 95 -23.08 -2.47 -12.15
N ASP A 96 -22.37 -3.59 -12.09
CA ASP A 96 -22.54 -4.58 -11.03
C ASP A 96 -21.42 -4.51 -9.99
N ALA A 97 -20.58 -3.48 -10.06
CA ALA A 97 -19.46 -3.35 -9.12
C ALA A 97 -19.93 -2.73 -7.80
N HIS A 98 -20.91 -3.40 -7.20
CA HIS A 98 -21.41 -3.06 -5.88
C HIS A 98 -21.55 -4.33 -5.07
N ALA A 99 -21.46 -4.19 -3.74
CA ALA A 99 -21.24 -5.32 -2.85
C ALA A 99 -22.22 -6.46 -3.11
N ASP A 100 -23.52 -6.19 -2.93
CA ASP A 100 -24.53 -7.23 -3.06
C ASP A 100 -24.82 -7.63 -4.50
N LEU A 101 -24.15 -7.02 -5.47
CA LEU A 101 -24.42 -7.26 -6.89
C LEU A 101 -23.32 -8.05 -7.58
N VAL A 102 -22.24 -8.38 -6.88
CA VAL A 102 -21.12 -9.07 -7.52
C VAL A 102 -21.42 -10.55 -7.74
N LEU A 103 -22.00 -11.21 -6.74
CA LEU A 103 -22.27 -12.64 -6.85
C LEU A 103 -23.39 -12.92 -7.86
N PRO A 104 -24.47 -12.14 -7.90
CA PRO A 104 -25.41 -12.30 -9.02
C PRO A 104 -24.79 -12.03 -10.37
N ALA A 105 -23.81 -11.13 -10.45
CA ALA A 105 -23.14 -10.88 -11.72
C ALA A 105 -22.30 -12.06 -12.16
N LEU A 106 -21.55 -12.67 -11.23
CA LEU A 106 -20.72 -13.81 -11.58
C LEU A 106 -21.56 -15.03 -11.94
N GLN A 107 -22.66 -15.25 -11.21
CA GLN A 107 -23.52 -16.38 -11.52
C GLN A 107 -24.22 -16.20 -12.86
N ASN A 108 -24.45 -14.95 -13.28
CA ASN A 108 -25.01 -14.72 -14.61
C ASN A 108 -23.99 -15.04 -15.70
N SER A 109 -22.73 -14.61 -15.51
CA SER A 109 -21.69 -14.96 -16.47
C SER A 109 -21.49 -16.46 -16.56
N LEU A 110 -21.65 -17.17 -15.44
CA LEU A 110 -21.48 -18.62 -15.45
C LEU A 110 -22.63 -19.30 -16.16
N ARG A 111 -23.85 -18.77 -16.04
CA ARG A 111 -24.97 -19.35 -16.77
C ARG A 111 -24.86 -19.07 -18.27
N ASN A 112 -24.39 -17.87 -18.63
CA ASN A 112 -24.16 -17.57 -20.05
C ASN A 112 -23.05 -18.45 -20.62
N LEU A 113 -21.97 -18.64 -19.85
CA LEU A 113 -20.86 -19.48 -20.27
C LEU A 113 -21.17 -20.97 -20.18
N LYS A 114 -22.33 -21.34 -19.61
CA LYS A 114 -22.69 -22.74 -19.39
C LYS A 114 -21.65 -23.48 -18.57
N LEU A 115 -21.08 -22.80 -17.57
CA LEU A 115 -20.05 -23.32 -16.70
C LEU A 115 -20.54 -23.32 -15.25
N ASP A 116 -19.77 -23.98 -14.39
CA ASP A 116 -20.03 -23.98 -12.95
C ASP A 116 -19.04 -23.13 -12.15
N TYR A 117 -17.85 -22.87 -12.70
CA TYR A 117 -16.88 -22.02 -12.03
C TYR A 117 -15.99 -21.38 -13.10
N LEU A 118 -15.43 -20.23 -12.75
CA LEU A 118 -14.40 -19.60 -13.54
C LEU A 118 -13.03 -19.89 -12.95
N ASP A 119 -12.01 -19.77 -13.80
CA ASP A 119 -10.63 -19.89 -13.33
C ASP A 119 -10.06 -18.57 -12.84
N LEU A 120 -10.63 -17.45 -13.25
CA LEU A 120 -10.17 -16.13 -12.84
C LEU A 120 -11.32 -15.14 -13.04
N TYR A 121 -11.54 -14.30 -12.03
CA TYR A 121 -12.58 -13.28 -12.08
C TYR A 121 -11.96 -11.93 -11.80
N LEU A 122 -12.09 -11.01 -12.75
CA LEU A 122 -11.42 -9.72 -12.68
C LEU A 122 -12.45 -8.60 -12.52
N ILE A 123 -11.98 -7.49 -11.96
CA ILE A 123 -12.72 -6.23 -11.96
C ILE A 123 -12.31 -5.46 -13.20
N HIS A 124 -13.31 -5.06 -13.99
CA HIS A 124 -13.01 -4.52 -15.32
C HIS A 124 -12.34 -3.15 -15.26
N HIS A 125 -12.85 -2.25 -14.41
CA HIS A 125 -12.33 -0.91 -14.33
C HIS A 125 -12.40 -0.42 -12.90
N PRO A 126 -11.51 0.49 -12.48
CA PRO A 126 -11.53 0.96 -11.08
C PRO A 126 -12.62 1.97 -10.79
N VAL A 127 -13.81 1.78 -11.38
CA VAL A 127 -14.94 2.67 -11.16
C VAL A 127 -16.21 1.82 -11.01
N SER A 128 -17.25 2.45 -10.47
CA SER A 128 -18.57 1.86 -10.38
C SER A 128 -19.55 2.63 -11.25
N LEU A 129 -20.65 1.98 -11.59
CA LEU A 129 -21.70 2.59 -12.39
C LEU A 129 -23.05 2.40 -11.70
N LYS A 130 -23.92 3.38 -11.87
CA LYS A 130 -25.25 3.33 -11.28
C LYS A 130 -26.07 2.27 -12.00
N PRO A 131 -26.59 1.24 -11.31
CA PRO A 131 -27.28 0.13 -12.00
C PRO A 131 -28.41 0.56 -12.92
N GLY A 132 -28.27 0.26 -14.20
CA GLY A 132 -29.28 0.58 -15.19
C GLY A 132 -29.47 -0.54 -16.20
CA ILE A 138 -22.08 5.67 -21.46
C ILE A 138 -22.42 7.02 -20.84
N PRO A 139 -23.56 7.09 -20.16
CA PRO A 139 -23.98 8.34 -19.51
C PRO A 139 -23.00 8.72 -18.41
N LYS A 140 -22.57 9.98 -18.42
CA LYS A 140 -21.55 10.43 -17.48
C LYS A 140 -22.10 10.68 -16.08
N ASP A 141 -23.42 10.82 -15.93
CA ASP A 141 -24.01 10.97 -14.60
C ASP A 141 -23.97 9.66 -13.83
N HIS A 142 -23.79 8.53 -14.50
CA HIS A 142 -23.86 7.21 -13.88
C HIS A 142 -22.54 6.71 -13.33
N ILE A 143 -21.42 7.37 -13.64
CA ILE A 143 -20.11 6.91 -13.20
C ILE A 143 -19.92 7.30 -11.73
N LEU A 144 -19.73 6.29 -10.87
CA LEU A 144 -19.71 6.45 -9.44
C LEU A 144 -18.38 5.96 -8.87
N PRO A 145 -17.87 6.62 -7.82
CA PRO A 145 -16.62 6.15 -7.21
C PRO A 145 -16.76 4.78 -6.58
N MET A 146 -15.77 3.93 -6.80
CA MET A 146 -15.80 2.54 -6.36
C MET A 146 -15.36 2.42 -4.90
N ASP A 147 -16.05 1.56 -4.16
CA ASP A 147 -15.65 1.21 -2.80
C ASP A 147 -14.77 -0.03 -2.88
N TYR A 148 -13.45 0.18 -2.85
CA TYR A 148 -12.52 -0.91 -3.09
C TYR A 148 -12.61 -2.00 -2.02
N LYS A 149 -12.94 -1.62 -0.78
CA LYS A 149 -12.94 -2.59 0.30
C LYS A 149 -14.15 -3.51 0.23
N SER A 150 -15.34 -2.94 -0.02
CA SER A 150 -16.55 -3.75 -0.01
C SER A 150 -16.69 -4.60 -1.27
N VAL A 151 -16.27 -4.07 -2.43
CA VAL A 151 -16.35 -4.84 -3.66
C VAL A 151 -15.35 -5.99 -3.65
N TRP A 152 -14.12 -5.72 -3.21
CA TRP A 152 -13.12 -6.78 -3.17
C TRP A 152 -13.49 -7.85 -2.15
N ALA A 153 -14.12 -7.46 -1.04
CA ALA A 153 -14.60 -8.45 -0.08
C ALA A 153 -15.64 -9.36 -0.72
N ALA A 154 -16.50 -8.80 -1.57
CA ALA A 154 -17.44 -9.63 -2.32
C ALA A 154 -16.71 -10.50 -3.33
N MET A 155 -15.69 -9.96 -3.99
CA MET A 155 -14.85 -10.79 -4.85
C MET A 155 -14.15 -11.88 -4.05
N GLU A 156 -13.72 -11.56 -2.83
CA GLU A 156 -13.10 -12.57 -1.98
C GLU A 156 -14.08 -13.67 -1.61
N GLU A 157 -15.35 -13.30 -1.37
CA GLU A 157 -16.34 -14.32 -1.08
C GLU A 157 -16.65 -15.18 -2.29
N CYS A 158 -16.60 -14.60 -3.49
CA CYS A 158 -16.84 -15.37 -4.70
C CYS A 158 -15.88 -16.55 -4.80
N GLN A 159 -14.64 -16.36 -4.36
CA GLN A 159 -13.66 -17.44 -4.39
C GLN A 159 -13.91 -18.45 -3.28
N THR A 160 -14.30 -17.98 -2.09
CA THR A 160 -14.51 -18.89 -0.97
C THR A 160 -15.68 -19.81 -1.22
N LEU A 161 -16.72 -19.31 -1.90
CA LEU A 161 -17.89 -20.14 -2.23
C LEU A 161 -17.63 -21.10 -3.39
N GLY A 162 -16.51 -20.96 -4.09
CA GLY A 162 -16.13 -21.88 -5.13
C GLY A 162 -16.54 -21.50 -6.53
N PHE A 163 -17.10 -20.30 -6.74
CA PHE A 163 -17.54 -19.90 -8.07
C PHE A 163 -16.40 -19.36 -8.93
N THR A 164 -15.23 -19.11 -8.35
CA THR A 164 -14.04 -18.78 -9.11
C THR A 164 -12.83 -19.23 -8.31
N ARG A 165 -11.77 -19.61 -9.03
CA ARG A 165 -10.55 -20.08 -8.37
C ARG A 165 -9.63 -18.95 -7.96
N ALA A 166 -9.74 -17.80 -8.61
CA ALA A 166 -8.87 -16.66 -8.30
C ALA A 166 -9.59 -15.37 -8.65
N ILE A 167 -9.11 -14.27 -8.08
CA ILE A 167 -9.69 -12.96 -8.26
C ILE A 167 -8.57 -11.97 -8.59
N GLY A 168 -8.92 -10.95 -9.37
CA GLY A 168 -7.96 -9.96 -9.79
C GLY A 168 -8.60 -8.65 -10.17
N VAL A 169 -7.82 -7.81 -10.87
CA VAL A 169 -8.24 -6.47 -11.25
C VAL A 169 -7.75 -6.16 -12.66
N CYS A 170 -8.34 -5.13 -13.25
CA CYS A 170 -7.96 -4.64 -14.57
C CYS A 170 -7.82 -3.13 -14.55
N ASN A 171 -6.81 -2.62 -15.25
CA ASN A 171 -6.60 -1.19 -15.44
C ASN A 171 -6.46 -0.46 -14.10
N PHE A 172 -5.86 -1.13 -13.13
CA PHE A 172 -5.61 -0.53 -11.82
C PHE A 172 -4.22 0.09 -11.81
N SER A 173 -4.15 1.36 -11.42
CA SER A 173 -2.87 2.02 -11.27
C SER A 173 -2.14 1.47 -10.04
N CYS A 174 -0.83 1.70 -9.99
CA CYS A 174 -0.05 1.32 -8.82
C CYS A 174 -0.60 1.99 -7.57
N LYS A 175 -1.05 3.24 -7.70
CA LYS A 175 -1.65 3.95 -6.56
C LYS A 175 -2.90 3.23 -6.07
N LYS A 176 -3.82 2.90 -7.00
CA LYS A 176 -5.06 2.25 -6.60
C LYS A 176 -4.87 0.82 -6.13
N LEU A 177 -3.80 0.15 -6.56
CA LEU A 177 -3.55 -1.21 -6.09
C LEU A 177 -3.25 -1.21 -4.59
N GLN A 178 -2.35 -0.33 -4.15
CA GLN A 178 -2.07 -0.20 -2.72
C GLN A 178 -3.34 0.14 -1.94
N GLU A 179 -4.24 0.90 -2.56
CA GLU A 179 -5.51 1.22 -1.90
C GLU A 179 -6.37 -0.02 -1.74
N LEU A 180 -6.33 -0.94 -2.72
CA LEU A 180 -7.07 -2.18 -2.61
C LEU A 180 -6.33 -3.19 -1.73
N MET A 181 -5.00 -3.09 -1.65
CA MET A 181 -4.20 -4.01 -0.86
C MET A 181 -4.25 -3.75 0.64
N ALA A 182 -4.91 -2.67 1.07
CA ALA A 182 -4.90 -2.30 2.48
C ALA A 182 -5.68 -3.30 3.33
N ALA A 183 -6.93 -3.57 2.97
CA ALA A 183 -7.79 -4.48 3.71
C ALA A 183 -7.95 -5.83 3.00
N ALA A 184 -7.07 -6.15 2.06
CA ALA A 184 -7.21 -7.35 1.26
C ALA A 184 -6.84 -8.58 2.06
N LYS A 185 -7.78 -9.52 2.18
CA LYS A 185 -7.47 -10.83 2.73
C LYS A 185 -6.88 -11.74 1.66
N ILE A 186 -7.45 -11.71 0.46
CA ILE A 186 -6.94 -12.44 -0.69
C ILE A 186 -6.40 -11.41 -1.67
N PRO A 187 -5.08 -11.20 -1.75
CA PRO A 187 -4.53 -10.16 -2.62
C PRO A 187 -4.84 -10.45 -4.08
N PRO A 188 -4.86 -9.42 -4.92
CA PRO A 188 -5.13 -9.65 -6.35
C PRO A 188 -4.02 -10.48 -6.99
N VAL A 189 -4.44 -11.51 -7.73
CA VAL A 189 -3.47 -12.38 -8.39
C VAL A 189 -2.95 -11.76 -9.68
N VAL A 190 -3.81 -11.05 -10.40
CA VAL A 190 -3.48 -10.52 -11.71
C VAL A 190 -3.97 -9.08 -11.80
N ASN A 191 -3.16 -8.21 -12.42
CA ASN A 191 -3.58 -6.87 -12.82
C ASN A 191 -3.43 -6.79 -14.33
N GLN A 192 -4.55 -6.85 -15.04
CA GLN A 192 -4.56 -6.79 -16.50
C GLN A 192 -4.56 -5.33 -16.93
N VAL A 193 -3.46 -4.86 -17.52
CA VAL A 193 -3.29 -3.47 -17.90
C VAL A 193 -2.76 -3.40 -19.32
N GLU A 194 -2.83 -2.20 -19.90
CA GLU A 194 -2.26 -1.97 -21.22
C GLU A 194 -0.74 -1.99 -21.13
N MET A 195 -0.11 -2.79 -22.00
CA MET A 195 1.34 -2.89 -22.02
C MET A 195 1.78 -3.27 -23.42
N SER A 196 2.75 -2.53 -23.95
CA SER A 196 3.20 -2.70 -25.32
C SER A 196 4.55 -2.03 -25.45
N PRO A 197 5.23 -2.18 -26.59
CA PRO A 197 6.47 -1.42 -26.82
C PRO A 197 6.30 0.09 -26.77
N THR A 198 5.07 0.60 -26.69
CA THR A 198 4.83 2.02 -26.52
C THR A 198 4.31 2.38 -25.13
N LEU A 199 4.12 1.39 -24.26
CA LEU A 199 3.73 1.62 -22.86
C LEU A 199 4.41 0.54 -22.03
N HIS A 200 5.55 0.89 -21.43
CA HIS A 200 6.38 -0.11 -20.75
C HIS A 200 5.84 -0.46 -19.38
N GLN A 201 5.20 0.49 -18.68
CA GLN A 201 4.63 0.25 -17.35
C GLN A 201 5.70 -0.24 -16.37
N LYS A 202 6.87 0.40 -16.40
CA LYS A 202 7.97 -0.01 -15.52
C LYS A 202 7.57 0.13 -14.05
N ASN A 203 6.99 1.28 -13.69
CA ASN A 203 6.65 1.52 -12.29
C ASN A 203 5.60 0.55 -11.79
N LEU A 204 4.59 0.25 -12.61
CA LEU A 204 3.55 -0.68 -12.19
C LEU A 204 4.09 -2.11 -12.13
N ARG A 205 4.89 -2.51 -13.10
CA ARG A 205 5.51 -3.84 -13.07
C ARG A 205 6.52 -3.97 -11.95
N GLU A 206 7.08 -2.86 -11.47
CA GLU A 206 8.02 -2.90 -10.35
C GLU A 206 7.29 -3.19 -9.05
N TYR A 207 6.12 -2.59 -8.85
CA TYR A 207 5.33 -2.85 -7.64
C TYR A 207 4.71 -4.23 -7.68
N CYS A 208 4.16 -4.64 -8.82
CA CYS A 208 3.51 -5.94 -8.91
C CYS A 208 4.50 -7.08 -8.76
N LYS A 209 5.76 -6.88 -9.15
CA LYS A 209 6.75 -7.94 -9.01
C LYS A 209 7.12 -8.16 -7.55
N ALA A 210 7.17 -7.08 -6.76
CA ALA A 210 7.48 -7.19 -5.34
C ALA A 210 6.32 -7.71 -4.51
N ASN A 211 5.10 -7.68 -5.05
CA ASN A 211 3.92 -8.19 -4.36
C ASN A 211 3.35 -9.43 -5.02
N ASN A 212 4.08 -10.03 -5.97
CA ASN A 212 3.68 -11.27 -6.64
C ASN A 212 2.34 -11.13 -7.34
N ILE A 213 2.10 -9.95 -7.92
CA ILE A 213 0.92 -9.70 -8.74
C ILE A 213 1.31 -9.88 -10.19
N MET A 214 0.58 -10.74 -10.90
CA MET A 214 0.87 -11.01 -12.31
C MET A 214 0.35 -9.88 -13.18
N ILE A 215 1.16 -9.47 -14.16
CA ILE A 215 0.78 -8.48 -15.14
C ILE A 215 0.34 -9.20 -16.40
N THR A 216 -0.93 -9.04 -16.78
CA THR A 216 -1.44 -9.52 -18.05
C THR A 216 -1.66 -8.30 -18.96
N ALA A 217 -1.10 -8.37 -20.16
CA ALA A 217 -1.11 -7.23 -21.08
C ALA A 217 -2.25 -7.36 -22.08
N HIS A 218 -3.10 -6.34 -22.14
CA HIS A 218 -4.04 -6.17 -23.23
C HIS A 218 -3.59 -5.00 -24.10
N SER A 219 -4.12 -4.95 -25.32
CA SER A 219 -3.76 -3.92 -26.29
C SER A 219 -2.26 -3.93 -26.56
N VAL A 220 -1.72 -5.14 -26.79
CA VAL A 220 -0.29 -5.27 -27.08
C VAL A 220 0.06 -4.61 -28.40
N LEU A 221 -0.88 -4.57 -29.34
CA LEU A 221 -0.69 -3.95 -30.64
C LEU A 221 -1.30 -2.55 -30.70
N GLY A 222 -1.57 -1.93 -29.55
CA GLY A 222 -2.11 -0.60 -29.52
C GLY A 222 -3.57 -0.48 -29.90
N ALA A 223 -4.28 -1.60 -30.02
CA ALA A 223 -5.68 -1.62 -30.45
C ALA A 223 -5.87 -0.87 -31.77
N ILE A 224 -5.17 -1.36 -32.80
CA ILE A 224 -5.21 -0.72 -34.11
C ILE A 224 -6.61 -0.73 -34.71
N CYS A 225 -7.46 -1.64 -34.27
CA CYS A 225 -8.80 -1.81 -34.84
C CYS A 225 -9.88 -1.11 -34.05
N ALA A 226 -9.56 -0.49 -32.93
CA ALA A 226 -10.56 0.14 -32.09
C ALA A 226 -10.49 1.66 -32.22
N PRO A 227 -11.61 2.35 -32.01
CA PRO A 227 -11.59 3.83 -32.10
C PRO A 227 -10.64 4.48 -31.10
N TRP A 228 -10.48 3.90 -29.91
CA TRP A 228 -9.59 4.46 -28.89
C TRP A 228 -8.14 4.09 -29.11
N GLY A 229 -7.80 3.39 -30.19
CA GLY A 229 -6.44 2.95 -30.43
C GLY A 229 -5.62 3.94 -31.23
N SER A 230 -4.43 3.51 -31.59
CA SER A 230 -3.51 4.33 -32.38
C SER A 230 -2.69 3.41 -33.27
N ASN A 231 -1.70 3.99 -33.96
CA ASN A 231 -0.82 3.25 -34.85
C ASN A 231 0.62 3.22 -34.36
N ALA A 232 0.84 3.54 -33.08
CA ALA A 232 2.19 3.71 -32.57
C ALA A 232 2.98 2.40 -32.53
N VAL A 233 2.32 1.25 -32.52
CA VAL A 233 2.99 -0.04 -32.47
C VAL A 233 3.11 -0.67 -33.84
N MET A 234 2.02 -0.72 -34.60
CA MET A 234 2.02 -1.41 -35.88
C MET A 234 2.76 -0.64 -36.97
N ASP A 235 2.82 0.69 -36.88
CA ASP A 235 3.54 1.49 -37.84
C ASP A 235 4.90 1.95 -37.32
N SER A 236 5.40 1.34 -36.26
CA SER A 236 6.70 1.71 -35.71
C SER A 236 7.80 1.20 -36.62
N LYS A 237 8.66 2.11 -37.09
CA LYS A 237 9.79 1.73 -37.91
C LYS A 237 10.91 1.09 -37.10
N VAL A 238 10.89 1.25 -35.78
CA VAL A 238 11.81 0.53 -34.92
C VAL A 238 11.46 -0.96 -34.91
N LEU A 239 10.18 -1.26 -34.69
CA LEU A 239 9.76 -2.66 -34.63
C LEU A 239 9.84 -3.32 -36.00
N HIS A 240 9.57 -2.56 -37.06
CA HIS A 240 9.75 -3.09 -38.42
C HIS A 240 11.19 -3.54 -38.64
N GLN A 241 12.15 -2.72 -38.22
CA GLN A 241 13.56 -3.07 -38.42
C GLN A 241 13.93 -4.34 -37.67
N ILE A 242 13.45 -4.49 -36.43
CA ILE A 242 13.72 -5.69 -35.67
C ILE A 242 13.03 -6.90 -36.29
N ALA A 243 11.78 -6.72 -36.75
CA ALA A 243 11.02 -7.82 -37.33
C ALA A 243 11.75 -8.43 -38.53
N VAL A 244 12.37 -7.59 -39.35
CA VAL A 244 13.08 -8.10 -40.53
C VAL A 244 14.38 -8.78 -40.11
N ALA A 245 15.10 -8.18 -39.15
CA ALA A 245 16.35 -8.78 -38.70
C ALA A 245 16.12 -10.17 -38.13
N ARG A 246 14.99 -10.38 -37.45
CA ARG A 246 14.66 -11.65 -36.82
C ARG A 246 13.75 -12.52 -37.67
N GLY A 247 13.35 -12.06 -38.85
CA GLY A 247 12.48 -12.84 -39.72
C GLY A 247 11.10 -13.05 -39.17
N LYS A 248 10.56 -12.05 -38.48
CA LYS A 248 9.24 -12.14 -37.85
C LYS A 248 8.40 -10.96 -38.33
N SER A 249 7.16 -10.91 -37.85
CA SER A 249 6.28 -9.79 -38.15
C SER A 249 6.38 -8.76 -37.02
N VAL A 250 5.84 -7.57 -37.29
CA VAL A 250 5.79 -6.53 -36.26
C VAL A 250 4.95 -7.02 -35.08
N ALA A 251 3.93 -7.84 -35.34
CA ALA A 251 3.04 -8.30 -34.27
C ALA A 251 3.76 -9.26 -33.34
N GLN A 252 4.59 -10.14 -33.89
CA GLN A 252 5.31 -11.12 -33.08
C GLN A 252 6.43 -10.48 -32.29
N VAL A 253 7.05 -9.41 -32.82
CA VAL A 253 8.08 -8.69 -32.07
C VAL A 253 7.47 -8.04 -30.83
N SER A 254 6.28 -7.44 -30.95
CA SER A 254 5.66 -6.80 -29.81
C SER A 254 5.21 -7.80 -28.76
N MET A 255 4.62 -8.92 -29.19
CA MET A 255 4.11 -9.91 -28.25
C MET A 255 5.24 -10.67 -27.58
N ARG A 256 6.32 -10.95 -28.32
CA ARG A 256 7.49 -11.56 -27.69
C ARG A 256 8.08 -10.64 -26.64
N TRP A 257 8.08 -9.34 -26.90
CA TRP A 257 8.61 -8.38 -25.93
C TRP A 257 7.84 -8.41 -24.62
N VAL A 258 6.52 -8.51 -24.69
CA VAL A 258 5.70 -8.53 -23.49
C VAL A 258 6.01 -9.77 -22.65
N TYR A 259 6.09 -10.93 -23.30
CA TYR A 259 6.39 -12.16 -22.57
C TYR A 259 7.82 -12.15 -22.03
N GLN A 260 8.76 -11.63 -22.82
CA GLN A 260 10.15 -11.59 -22.38
C GLN A 260 10.35 -10.64 -21.21
N GLN A 261 9.45 -9.69 -21.00
CA GLN A 261 9.44 -8.86 -19.81
C GLN A 261 8.80 -9.56 -18.62
N GLY A 262 8.46 -10.84 -18.76
CA GLY A 262 7.83 -11.57 -17.68
C GLY A 262 6.37 -11.24 -17.46
N ALA A 263 5.59 -11.13 -18.53
CA ALA A 263 4.20 -10.76 -18.45
C ALA A 263 3.32 -11.73 -19.23
N SER A 264 2.11 -11.94 -18.72
CA SER A 264 1.08 -12.61 -19.49
C SER A 264 0.50 -11.64 -20.52
N LEU A 265 -0.18 -12.20 -21.52
CA LEU A 265 -0.78 -11.35 -22.54
C LEU A 265 -2.03 -12.02 -23.10
N VAL A 266 -3.07 -11.21 -23.30
CA VAL A 266 -4.28 -11.63 -24.01
C VAL A 266 -4.30 -10.89 -25.35
N VAL A 267 -4.55 -11.62 -26.42
CA VAL A 267 -4.55 -11.05 -27.76
C VAL A 267 -5.88 -11.32 -28.43
N LYS A 268 -6.31 -10.39 -29.26
CA LYS A 268 -7.55 -10.52 -30.02
C LYS A 268 -7.21 -10.98 -31.44
N SER A 269 -7.69 -12.17 -31.80
CA SER A 269 -7.39 -12.77 -33.09
C SER A 269 -8.70 -12.96 -33.85
N PHE A 270 -8.85 -12.24 -34.96
CA PHE A 270 -10.05 -12.31 -35.77
C PHE A 270 -9.94 -13.28 -36.93
N ASN A 271 -8.76 -13.86 -37.16
CA ASN A 271 -8.55 -14.75 -38.29
C ASN A 271 -7.58 -15.85 -37.88
N GLU A 272 -7.70 -17.01 -38.55
CA GLU A 272 -6.88 -18.16 -38.17
C GLU A 272 -5.43 -18.00 -38.58
N GLY A 273 -5.12 -17.07 -39.48
CA GLY A 273 -3.73 -16.85 -39.84
C GLY A 273 -2.91 -16.27 -38.69
N ARG A 274 -3.45 -15.23 -38.04
CA ARG A 274 -2.72 -14.58 -36.96
C ARG A 274 -2.68 -15.45 -35.71
N MET A 275 -3.81 -16.06 -35.33
CA MET A 275 -3.82 -16.85 -34.11
C MET A 275 -2.97 -18.11 -34.22
N LYS A 276 -2.67 -18.57 -35.43
CA LYS A 276 -1.68 -19.64 -35.57
C LYS A 276 -0.27 -19.11 -35.37
N GLU A 277 0.00 -17.90 -35.87
CA GLU A 277 1.34 -17.33 -35.72
C GLU A 277 1.59 -16.85 -34.30
N ASN A 278 0.53 -16.50 -33.56
CA ASN A 278 0.71 -15.96 -32.22
C ASN A 278 1.33 -16.99 -31.27
N LEU A 279 1.09 -18.28 -31.52
CA LEU A 279 1.65 -19.33 -30.67
C LEU A 279 3.13 -19.56 -30.91
N LYS A 280 3.71 -18.96 -31.94
CA LYS A 280 5.12 -19.14 -32.25
C LYS A 280 6.03 -18.16 -31.52
N ILE A 281 5.47 -17.29 -30.67
CA ILE A 281 6.30 -16.34 -29.93
C ILE A 281 7.13 -17.02 -28.86
N PHE A 282 6.89 -18.30 -28.58
CA PHE A 282 7.62 -19.03 -27.55
C PHE A 282 8.75 -19.88 -28.11
N ASP A 283 9.02 -19.78 -29.42
CA ASP A 283 10.05 -20.60 -30.04
C ASP A 283 11.29 -19.81 -30.44
N TRP A 284 11.30 -18.50 -30.21
CA TRP A 284 12.46 -17.66 -30.51
C TRP A 284 12.62 -16.65 -29.38
N GLU A 285 13.69 -15.86 -29.46
CA GLU A 285 14.04 -14.95 -28.38
C GLU A 285 14.62 -13.67 -28.94
N LEU A 286 14.18 -12.54 -28.39
CA LEU A 286 14.73 -11.24 -28.75
C LEU A 286 16.11 -11.07 -28.13
N THR A 287 17.07 -10.63 -28.93
CA THR A 287 18.43 -10.43 -28.44
C THR A 287 18.48 -9.25 -27.47
N ALA A 288 19.67 -9.04 -26.89
CA ALA A 288 19.81 -8.01 -25.87
C ALA A 288 19.65 -6.62 -26.47
N GLU A 289 20.19 -6.38 -27.67
CA GLU A 289 20.02 -5.09 -28.31
C GLU A 289 18.56 -4.83 -28.67
N ASN A 290 17.90 -5.83 -29.26
CA ASN A 290 16.49 -5.72 -29.63
C ASN A 290 15.65 -5.14 -28.50
N MET A 291 15.92 -5.57 -27.27
CA MET A 291 15.22 -5.03 -26.11
C MET A 291 15.68 -3.62 -25.79
N GLU A 292 16.98 -3.34 -25.97
CA GLU A 292 17.49 -2.00 -25.71
C GLU A 292 16.98 -1.00 -26.76
N LYS A 293 16.87 -1.44 -28.01
CA LYS A 293 16.30 -0.56 -29.03
C LYS A 293 14.81 -0.34 -28.81
N ILE A 294 14.13 -1.28 -28.16
CA ILE A 294 12.72 -1.10 -27.85
C ILE A 294 12.53 -0.25 -26.60
N SER A 295 13.44 -0.37 -25.62
CA SER A 295 13.31 0.39 -24.38
C SER A 295 13.33 1.89 -24.61
N GLU A 296 13.91 2.36 -25.71
CA GLU A 296 13.99 3.78 -26.02
C GLU A 296 12.88 4.24 -26.94
N ILE A 297 11.88 3.41 -27.21
CA ILE A 297 10.74 3.84 -28.02
C ILE A 297 9.93 4.87 -27.25
N PRO A 298 9.57 6.00 -27.87
CA PRO A 298 8.75 6.99 -27.16
C PRO A 298 7.42 6.40 -26.72
N GLN A 299 6.86 6.97 -25.67
CA GLN A 299 5.71 6.41 -24.97
C GLN A 299 4.42 7.08 -25.42
N SER A 300 3.35 6.28 -25.50
CA SER A 300 2.03 6.78 -25.89
C SER A 300 0.99 5.76 -25.45
N ARG A 301 0.09 6.18 -24.56
CA ARG A 301 -0.99 5.31 -24.10
C ARG A 301 -2.13 5.33 -25.11
N THR A 302 -2.52 4.14 -25.57
CA THR A 302 -3.59 4.03 -26.57
C THR A 302 -4.96 3.94 -25.90
N SER A 303 -5.28 2.78 -25.33
CA SER A 303 -6.59 2.54 -24.73
C SER A 303 -6.90 3.58 -23.67
N SER A 304 -7.73 4.56 -24.04
CA SER A 304 -8.08 5.67 -23.15
C SER A 304 -9.41 5.38 -22.47
N ALA A 305 -9.51 5.75 -21.19
CA ALA A 305 -10.75 5.65 -20.43
C ALA A 305 -11.59 6.91 -20.51
N ASP A 306 -11.52 7.64 -21.64
CA ASP A 306 -12.32 8.86 -21.79
C ASP A 306 -13.81 8.55 -21.84
N PHE A 307 -14.19 7.32 -22.12
CA PHE A 307 -15.59 6.90 -21.98
C PHE A 307 -15.98 6.71 -20.53
N LEU A 308 -15.03 6.85 -19.60
CA LEU A 308 -15.30 6.77 -18.16
C LEU A 308 -14.97 8.08 -17.45
N LEU A 309 -14.65 9.14 -18.18
CA LEU A 309 -14.34 10.43 -17.59
C LEU A 309 -15.61 11.26 -17.50
N SER A 310 -15.99 11.66 -16.29
CA SER A 310 -17.20 12.43 -16.06
C SER A 310 -16.89 13.62 -15.15
N PRO A 311 -17.35 14.81 -15.50
CA PRO A 311 -17.15 15.98 -14.61
C PRO A 311 -17.91 15.86 -13.29
N THR A 312 -18.70 14.82 -13.10
CA THR A 312 -19.41 14.57 -11.86
C THR A 312 -18.89 13.35 -11.10
N GLY A 313 -18.08 12.51 -11.73
CA GLY A 313 -17.65 11.27 -11.14
C GLY A 313 -16.29 11.35 -10.48
N PRO A 314 -15.73 10.18 -10.15
CA PRO A 314 -14.46 10.18 -9.41
C PRO A 314 -13.28 10.69 -10.22
N PHE A 315 -13.22 10.39 -11.51
CA PHE A 315 -12.08 10.76 -12.35
C PHE A 315 -12.56 11.63 -13.51
N LYS A 316 -11.95 12.81 -13.65
CA LYS A 316 -12.33 13.77 -14.66
C LYS A 316 -11.24 14.07 -15.68
N THR A 317 -10.04 13.53 -15.47
CA THR A 317 -8.95 13.64 -16.44
C THR A 317 -8.32 12.26 -16.64
N GLU A 318 -7.53 12.14 -17.71
CA GLU A 318 -6.81 10.90 -17.96
C GLU A 318 -5.72 10.66 -16.93
N GLU A 319 -5.22 11.72 -16.28
CA GLU A 319 -4.15 11.59 -15.30
C GLU A 319 -4.66 11.09 -13.95
N GLU A 320 -5.95 11.27 -13.65
CA GLU A 320 -6.50 10.76 -12.41
C GLU A 320 -6.89 9.28 -12.52
N PHE A 321 -7.37 8.86 -13.68
CA PHE A 321 -7.75 7.46 -13.86
C PHE A 321 -6.52 6.55 -13.83
N TRP A 322 -5.41 7.00 -14.42
CA TRP A 322 -4.21 6.18 -14.50
C TRP A 322 -3.15 6.56 -13.48
N ASP A 323 -3.36 7.63 -12.71
CA ASP A 323 -2.35 8.12 -11.76
C ASP A 323 -1.04 8.47 -12.46
N GLU A 324 -1.13 8.85 -13.73
CA GLU A 324 0.03 9.29 -14.50
C GLU A 324 -0.38 10.37 -15.49
N GLY B 10 -18.16 -20.15 17.42
CA GLY B 10 -17.13 -21.17 17.44
C GLY B 10 -15.74 -20.63 17.23
N VAL B 11 -14.88 -21.45 16.62
CA VAL B 11 -13.50 -21.03 16.32
C VAL B 11 -13.50 -20.27 15.02
N PRO B 12 -13.12 -18.99 15.01
CA PRO B 12 -13.15 -18.20 13.77
C PRO B 12 -12.15 -18.73 12.75
N MET B 13 -12.58 -18.71 11.49
CA MET B 13 -11.71 -19.05 10.37
C MET B 13 -10.96 -17.81 9.92
N ILE B 14 -9.67 -17.98 9.62
CA ILE B 14 -8.82 -16.92 9.08
C ILE B 14 -8.56 -17.22 7.62
N THR B 15 -8.88 -16.27 6.75
CA THR B 15 -8.66 -16.43 5.32
C THR B 15 -7.20 -16.10 4.99
N LEU B 16 -6.46 -17.10 4.50
CA LEU B 16 -5.09 -16.91 4.09
C LEU B 16 -5.03 -16.18 2.75
N SER B 17 -3.81 -15.82 2.34
CA SER B 17 -3.65 -14.98 1.16
C SER B 17 -4.07 -15.70 -0.13
N SER B 18 -4.01 -17.02 -0.14
CA SER B 18 -4.40 -17.79 -1.32
C SER B 18 -5.89 -18.09 -1.36
N GLY B 19 -6.64 -17.73 -0.32
CA GLY B 19 -8.05 -18.02 -0.22
C GLY B 19 -8.38 -19.20 0.67
N ILE B 20 -7.43 -20.12 0.84
CA ILE B 20 -7.64 -21.25 1.74
C ILE B 20 -7.85 -20.72 3.16
N ARG B 21 -8.82 -21.30 3.86
CA ARG B 21 -9.24 -20.82 5.17
C ARG B 21 -8.78 -21.79 6.25
N MET B 22 -8.39 -21.21 7.40
CA MET B 22 -7.74 -21.96 8.46
C MET B 22 -8.34 -21.56 9.81
N PRO B 23 -8.67 -22.52 10.67
CA PRO B 23 -9.15 -22.18 12.01
C PRO B 23 -8.09 -21.39 12.77
N ALA B 24 -8.53 -20.30 13.41
CA ALA B 24 -7.60 -19.40 14.08
C ALA B 24 -6.87 -20.06 15.24
N LEU B 25 -7.42 -21.14 15.79
CA LEU B 25 -6.84 -21.82 16.94
C LEU B 25 -6.65 -23.30 16.61
N GLY B 26 -5.43 -23.79 16.80
CA GLY B 26 -5.12 -25.18 16.57
C GLY B 26 -4.31 -25.76 17.71
N MET B 27 -4.16 -27.08 17.68
CA MET B 27 -3.39 -27.79 18.70
C MET B 27 -2.25 -28.55 18.05
N GLY B 28 -1.09 -28.51 18.70
CA GLY B 28 0.12 -29.11 18.17
C GLY B 28 0.54 -30.37 18.91
N THR B 29 1.77 -30.78 18.64
CA THR B 29 2.34 -31.99 19.21
C THR B 29 3.53 -31.64 20.11
N ALA B 30 3.72 -32.45 21.15
CA ALA B 30 4.90 -32.31 21.98
C ALA B 30 6.14 -32.67 21.18
N GLU B 31 7.21 -31.89 21.36
CA GLU B 31 8.42 -32.08 20.57
C GLU B 31 9.20 -33.35 20.95
N THR B 32 8.63 -34.24 21.76
CA THR B 32 9.26 -35.50 22.10
C THR B 32 9.30 -36.41 20.88
N VAL B 34 10.86 -38.82 19.67
CA VAL B 34 10.44 -40.01 20.40
C VAL B 34 9.15 -40.56 19.80
N LYS B 35 9.13 -41.88 19.57
CA LYS B 35 7.96 -42.53 19.01
C LYS B 35 6.71 -42.20 19.80
N GLY B 36 5.63 -41.87 19.10
CA GLY B 36 4.43 -41.41 19.77
C GLY B 36 3.69 -42.52 20.48
N THR B 37 3.19 -42.20 21.67
CA THR B 37 2.37 -43.12 22.43
C THR B 37 0.93 -43.10 21.94
N GLU B 38 0.13 -44.03 22.48
CA GLU B 38 -1.31 -44.07 22.20
C GLU B 38 -1.97 -42.93 22.97
N ARG B 39 -1.16 -42.26 23.79
CA ARG B 39 -1.64 -41.32 24.79
C ARG B 39 -1.69 -39.88 24.30
N GLU B 40 -0.73 -39.42 23.49
CA GLU B 40 -0.96 -38.19 22.74
C GLU B 40 -1.93 -38.40 21.59
N LYS B 41 -2.18 -39.66 21.22
CA LYS B 41 -3.18 -39.97 20.22
C LYS B 41 -4.59 -39.81 20.79
N LEU B 42 -4.78 -40.21 22.05
CA LEU B 42 -6.05 -39.94 22.71
C LEU B 42 -6.22 -38.47 23.07
N ALA B 43 -5.11 -37.74 23.22
CA ALA B 43 -5.20 -36.29 23.41
C ALA B 43 -5.75 -35.62 22.15
N PHE B 44 -5.26 -36.03 20.97
CA PHE B 44 -5.85 -35.58 19.72
C PHE B 44 -7.32 -35.95 19.65
N LEU B 45 -7.67 -37.17 20.10
CA LEU B 45 -9.01 -37.69 19.88
C LEU B 45 -10.04 -36.94 20.71
N LYS B 46 -9.78 -36.74 22.01
CA LYS B 46 -10.69 -35.95 22.82
C LYS B 46 -10.69 -34.48 22.39
N ALA B 47 -9.63 -34.02 21.72
CA ALA B 47 -9.62 -32.66 21.20
C ALA B 47 -10.60 -32.50 20.04
N ILE B 48 -10.67 -33.51 19.17
CA ILE B 48 -11.66 -33.47 18.08
C ILE B 48 -13.07 -33.48 18.65
N GLU B 49 -13.29 -34.25 19.71
CA GLU B 49 -14.60 -34.27 20.35
C GLU B 49 -14.93 -32.92 20.98
N VAL B 50 -13.91 -32.23 21.51
CA VAL B 50 -14.14 -30.93 22.13
C VAL B 50 -14.47 -29.88 21.08
N GLY B 51 -13.78 -29.91 19.93
CA GLY B 51 -14.11 -29.02 18.85
C GLY B 51 -12.93 -28.44 18.09
N TYR B 52 -11.79 -29.11 18.15
CA TYR B 52 -10.58 -28.65 17.47
C TYR B 52 -10.55 -29.18 16.05
N ARG B 53 -10.37 -28.28 15.08
CA ARG B 53 -10.27 -28.63 13.68
C ARG B 53 -8.89 -28.42 13.07
N HIS B 54 -8.09 -27.53 13.65
CA HIS B 54 -6.74 -27.27 13.18
C HIS B 54 -5.76 -28.09 14.01
N PHE B 55 -4.95 -28.91 13.33
CA PHE B 55 -3.98 -29.76 14.00
C PHE B 55 -2.62 -29.58 13.36
N ASP B 56 -1.59 -29.53 14.20
CA ASP B 56 -0.24 -29.20 13.78
C ASP B 56 0.71 -30.29 14.24
N THR B 57 1.44 -30.89 13.31
CA THR B 57 2.43 -31.92 13.62
C THR B 57 3.73 -31.59 12.89
N ALA B 58 4.74 -32.42 13.11
CA ALA B 58 6.03 -32.23 12.47
C ALA B 58 6.69 -33.58 12.27
N ALA B 59 7.43 -33.72 11.17
CA ALA B 59 8.10 -34.98 10.87
C ALA B 59 9.21 -35.27 11.86
N ALA B 60 9.84 -34.23 12.42
CA ALA B 60 10.95 -34.43 13.34
C ALA B 60 10.50 -34.81 14.75
N TYR B 61 9.24 -34.61 15.08
CA TYR B 61 8.75 -34.88 16.43
C TYR B 61 8.29 -36.32 16.61
N GLN B 62 8.26 -37.12 15.54
CA GLN B 62 7.88 -38.53 15.59
C GLN B 62 6.49 -38.68 16.21
N SER B 63 5.50 -38.02 15.59
CA SER B 63 4.16 -37.99 16.14
C SER B 63 3.07 -38.04 15.07
N GLU B 64 3.40 -38.45 13.85
CA GLU B 64 2.45 -38.42 12.75
C GLU B 64 1.53 -39.62 12.71
N GLU B 65 1.97 -40.79 13.18
CA GLU B 65 1.06 -41.93 13.25
C GLU B 65 -0.07 -41.66 14.22
N CYS B 66 0.24 -41.03 15.35
CA CYS B 66 -0.77 -40.79 16.37
C CYS B 66 -1.84 -39.82 15.89
N LEU B 67 -1.44 -38.80 15.13
CA LEU B 67 -2.44 -37.89 14.56
C LEU B 67 -3.25 -38.57 13.46
N GLY B 68 -2.63 -39.49 12.72
CA GLY B 68 -3.37 -40.22 11.69
C GLY B 68 -4.33 -41.23 12.28
N GLU B 69 -3.92 -41.91 13.36
CA GLU B 69 -4.80 -42.89 13.99
C GLU B 69 -5.98 -42.22 14.70
N ALA B 70 -5.78 -41.00 15.23
CA ALA B 70 -6.88 -40.28 15.84
C ALA B 70 -7.88 -39.80 14.79
N ILE B 71 -7.39 -39.39 13.63
CA ILE B 71 -8.28 -38.91 12.57
C ILE B 71 -9.13 -40.05 12.04
N ALA B 72 -8.52 -41.22 11.82
CA ALA B 72 -9.25 -42.37 11.29
C ALA B 72 -10.36 -42.81 12.23
N GLU B 73 -10.08 -42.87 13.53
CA GLU B 73 -11.09 -43.29 14.48
C GLU B 73 -12.08 -42.19 14.82
N ALA B 74 -11.72 -40.92 14.61
CA ALA B 74 -12.72 -39.86 14.67
C ALA B 74 -13.65 -39.93 13.49
N LEU B 75 -13.18 -40.44 12.35
CA LEU B 75 -14.06 -40.72 11.23
C LEU B 75 -14.89 -41.97 11.47
N GLN B 76 -14.39 -42.91 12.29
CA GLN B 76 -15.11 -44.15 12.53
C GLN B 76 -16.17 -43.99 13.62
N LEU B 77 -15.95 -43.12 14.60
CA LEU B 77 -16.96 -42.85 15.60
C LEU B 77 -18.04 -41.89 15.09
N GLY B 78 -17.78 -41.18 14.00
CA GLY B 78 -18.67 -40.14 13.56
C GLY B 78 -18.45 -38.80 14.19
N LEU B 79 -17.37 -38.63 14.97
CA LEU B 79 -17.02 -37.33 15.52
C LEU B 79 -16.83 -36.31 14.39
N ILE B 80 -15.96 -36.62 13.45
CA ILE B 80 -15.87 -35.92 12.19
C ILE B 80 -16.47 -36.81 11.11
N LYS B 81 -17.10 -36.20 10.12
CA LYS B 81 -17.74 -36.96 9.05
C LYS B 81 -16.85 -37.17 7.84
N SER B 82 -15.81 -36.36 7.67
CA SER B 82 -14.92 -36.49 6.52
C SER B 82 -13.61 -35.77 6.85
N ARG B 83 -12.61 -35.96 5.98
CA ARG B 83 -11.29 -35.41 6.24
C ARG B 83 -11.20 -33.93 5.93
N ASP B 84 -12.04 -33.41 5.02
CA ASP B 84 -11.95 -32.03 4.58
C ASP B 84 -12.44 -31.08 5.68
N GLU B 85 -12.90 -31.65 6.79
CA GLU B 85 -13.28 -30.86 7.96
C GLU B 85 -12.08 -30.41 8.77
N LEU B 86 -10.95 -31.07 8.64
CA LEU B 86 -9.76 -30.78 9.44
C LEU B 86 -8.72 -30.00 8.66
N PHE B 87 -7.90 -29.24 9.39
CA PHE B 87 -6.78 -28.50 8.82
C PHE B 87 -5.50 -29.12 9.36
N ILE B 88 -4.91 -30.02 8.59
CA ILE B 88 -3.73 -30.77 9.00
C ILE B 88 -2.49 -30.07 8.48
N THR B 89 -1.56 -29.75 9.38
CA THR B 89 -0.31 -29.10 9.03
C THR B 89 0.85 -29.98 9.47
N SER B 90 1.87 -30.06 8.62
CA SER B 90 3.10 -30.79 8.95
C SER B 90 4.29 -29.96 8.50
N LYS B 91 5.46 -30.33 9.00
CA LYS B 91 6.68 -29.58 8.74
C LYS B 91 7.75 -30.48 8.14
N LEU B 92 8.70 -29.85 7.45
CA LEU B 92 9.81 -30.53 6.80
C LEU B 92 11.05 -30.40 7.67
N TRP B 93 11.67 -31.54 7.96
CA TRP B 93 12.86 -31.52 8.81
C TRP B 93 14.07 -31.01 8.03
N CYS B 94 14.99 -30.37 8.75
CA CYS B 94 16.13 -29.71 8.13
C CYS B 94 17.04 -30.68 7.38
N ALA B 95 17.15 -31.92 7.85
CA ALA B 95 17.86 -32.94 7.10
C ALA B 95 17.22 -33.22 5.74
N ASP B 96 15.94 -32.91 5.59
CA ASP B 96 15.22 -33.12 4.34
C ASP B 96 15.04 -31.82 3.56
N ALA B 97 15.69 -30.73 3.99
CA ALA B 97 15.58 -29.42 3.34
C ALA B 97 16.53 -29.30 2.16
N HIS B 98 16.50 -30.31 1.29
CA HIS B 98 17.24 -30.30 0.04
C HIS B 98 16.27 -30.58 -1.10
N ALA B 99 16.60 -30.04 -2.28
CA ALA B 99 15.64 -29.98 -3.39
C ALA B 99 15.02 -31.34 -3.68
N ASP B 100 15.86 -32.33 -3.99
CA ASP B 100 15.35 -33.65 -4.37
C ASP B 100 14.70 -34.41 -3.22
N LEU B 101 14.90 -33.97 -1.97
CA LEU B 101 14.42 -34.70 -0.82
C LEU B 101 13.10 -34.15 -0.27
N VAL B 102 12.59 -33.05 -0.82
CA VAL B 102 11.40 -32.42 -0.25
C VAL B 102 10.14 -33.21 -0.58
N LEU B 103 9.97 -33.59 -1.85
CA LEU B 103 8.75 -34.30 -2.24
C LEU B 103 8.63 -35.67 -1.57
N PRO B 104 9.68 -36.51 -1.53
CA PRO B 104 9.54 -37.78 -0.80
C PRO B 104 9.33 -37.60 0.68
N ALA B 105 9.86 -36.52 1.28
CA ALA B 105 9.66 -36.29 2.70
C ALA B 105 8.21 -35.93 3.01
N LEU B 106 7.58 -35.15 2.13
CA LEU B 106 6.17 -34.85 2.30
C LEU B 106 5.31 -36.09 2.12
N GLN B 107 5.61 -36.90 1.10
CA GLN B 107 4.86 -38.13 0.87
C GLN B 107 5.06 -39.12 2.01
N ASN B 108 6.25 -39.14 2.62
CA ASN B 108 6.46 -39.97 3.80
C ASN B 108 5.64 -39.46 4.98
N SER B 109 5.56 -38.14 5.14
CA SER B 109 4.70 -37.57 6.17
C SER B 109 3.24 -37.91 5.92
N LEU B 110 2.84 -37.93 4.65
CA LEU B 110 1.45 -38.23 4.31
C LEU B 110 1.10 -39.68 4.63
N ARG B 111 1.97 -40.62 4.26
CA ARG B 111 1.68 -42.02 4.51
C ARG B 111 1.70 -42.35 6.00
N ASN B 112 2.53 -41.64 6.79
CA ASN B 112 2.47 -41.78 8.23
C ASN B 112 1.15 -41.26 8.77
N LEU B 113 0.63 -40.19 8.18
CA LEU B 113 -0.67 -39.64 8.57
C LEU B 113 -1.83 -40.39 7.95
N LYS B 114 -1.58 -41.35 7.08
CA LYS B 114 -2.63 -42.10 6.38
C LYS B 114 -3.56 -41.17 5.61
N LEU B 115 -3.03 -40.04 5.15
CA LEU B 115 -3.80 -39.04 4.43
C LEU B 115 -3.31 -38.93 3.00
N ASP B 116 -4.14 -38.32 2.15
CA ASP B 116 -3.80 -38.13 0.75
C ASP B 116 -3.19 -36.76 0.47
N TYR B 117 -3.47 -35.77 1.31
CA TYR B 117 -2.92 -34.44 1.10
C TYR B 117 -2.87 -33.71 2.44
N LEU B 118 -1.99 -32.71 2.51
CA LEU B 118 -1.90 -31.81 3.64
C LEU B 118 -2.55 -30.48 3.29
N ASP B 119 -3.09 -29.80 4.30
CA ASP B 119 -3.64 -28.46 4.05
C ASP B 119 -2.54 -27.40 4.08
N LEU B 120 -1.47 -27.64 4.81
CA LEU B 120 -0.37 -26.68 4.94
C LEU B 120 0.91 -27.44 5.23
N TYR B 121 1.97 -27.11 4.49
CA TYR B 121 3.27 -27.74 4.67
C TYR B 121 4.32 -26.65 4.91
N LEU B 122 5.08 -26.80 5.99
CA LEU B 122 5.97 -25.74 6.46
C LEU B 122 7.42 -26.21 6.45
N ILE B 123 8.32 -25.24 6.30
CA ILE B 123 9.75 -25.47 6.51
C ILE B 123 10.06 -25.18 7.97
N HIS B 124 10.70 -26.14 8.64
CA HIS B 124 10.80 -26.07 10.11
C HIS B 124 11.77 -24.98 10.55
N HIS B 125 12.95 -24.92 9.94
CA HIS B 125 13.97 -23.98 10.35
C HIS B 125 14.69 -23.42 9.13
N PRO B 126 15.23 -22.20 9.21
CA PRO B 126 15.94 -21.63 8.06
C PRO B 126 17.33 -22.19 7.85
N VAL B 127 17.53 -23.46 8.21
CA VAL B 127 18.80 -24.15 8.00
C VAL B 127 18.53 -25.50 7.35
N SER B 128 19.60 -26.09 6.83
CA SER B 128 19.56 -27.44 6.28
C SER B 128 20.61 -28.29 6.97
N LEU B 129 20.32 -29.58 7.12
CA LEU B 129 21.23 -30.51 7.75
C LEU B 129 21.64 -31.60 6.77
N LYS B 130 22.79 -32.20 7.02
CA LYS B 130 23.19 -33.38 6.27
C LYS B 130 22.25 -34.53 6.59
N PRO B 131 21.77 -35.26 5.58
CA PRO B 131 20.82 -36.37 5.78
C PRO B 131 21.42 -37.50 6.61
N ASN B 136 17.61 -35.71 17.33
CA ASN B 136 17.82 -35.87 18.76
C ASN B 136 19.03 -35.06 19.24
N GLU B 137 20.09 -35.04 18.44
CA GLU B 137 21.16 -34.06 18.61
C GLU B 137 21.91 -33.91 17.29
N ILE B 138 22.13 -32.67 16.90
CA ILE B 138 22.71 -32.32 15.61
C ILE B 138 24.17 -31.98 15.82
N PRO B 139 25.11 -32.73 15.24
CA PRO B 139 26.52 -32.31 15.30
C PRO B 139 26.68 -30.95 14.65
N LYS B 140 27.53 -30.12 15.27
CA LYS B 140 27.68 -28.73 14.80
C LYS B 140 28.27 -28.64 13.39
N ASP B 141 28.76 -29.74 12.83
CA ASP B 141 29.19 -29.75 11.44
C ASP B 141 28.05 -30.03 10.47
N HIS B 142 26.96 -30.64 10.94
CA HIS B 142 25.83 -30.97 10.08
C HIS B 142 24.95 -29.77 9.75
N ILE B 143 25.26 -28.59 10.29
CA ILE B 143 24.43 -27.41 10.09
C ILE B 143 24.96 -26.64 8.89
N LEU B 144 24.23 -26.71 7.78
CA LEU B 144 24.60 -26.15 6.48
C LEU B 144 23.72 -24.95 6.14
N PRO B 145 24.26 -23.96 5.43
CA PRO B 145 23.40 -22.87 4.93
C PRO B 145 22.38 -23.41 3.94
N MET B 146 21.13 -22.98 4.12
CA MET B 146 20.02 -23.46 3.30
C MET B 146 19.90 -22.61 2.04
N ASP B 147 19.87 -23.29 0.89
CA ASP B 147 19.62 -22.60 -0.37
C ASP B 147 18.12 -22.34 -0.46
N TYR B 148 17.72 -21.11 -0.13
CA TYR B 148 16.31 -20.78 0.00
C TYR B 148 15.58 -20.91 -1.32
N LYS B 149 16.25 -20.61 -2.43
CA LYS B 149 15.59 -20.62 -3.73
C LYS B 149 15.26 -22.03 -4.19
N SER B 150 16.23 -22.95 -4.11
CA SER B 150 16.01 -24.30 -4.59
C SER B 150 15.01 -25.06 -3.71
N VAL B 151 15.15 -24.94 -2.39
CA VAL B 151 14.27 -25.67 -1.49
C VAL B 151 12.83 -25.19 -1.63
N TRP B 152 12.64 -23.87 -1.73
CA TRP B 152 11.30 -23.34 -1.92
C TRP B 152 10.71 -23.74 -3.25
N ALA B 153 11.55 -23.85 -4.29
CA ALA B 153 11.06 -24.30 -5.59
C ALA B 153 10.54 -25.73 -5.51
N ALA B 154 11.18 -26.57 -4.71
CA ALA B 154 10.66 -27.92 -4.50
C ALA B 154 9.38 -27.91 -3.68
N MET B 155 9.24 -26.94 -2.78
CA MET B 155 8.00 -26.81 -2.01
C MET B 155 6.87 -26.31 -2.89
N GLU B 156 7.15 -25.38 -3.80
CA GLU B 156 6.14 -24.93 -4.75
C GLU B 156 5.68 -26.08 -5.64
N GLU B 157 6.60 -26.99 -5.98
CA GLU B 157 6.22 -28.16 -6.77
C GLU B 157 5.31 -29.08 -5.96
N CYS B 158 5.54 -29.18 -4.65
CA CYS B 158 4.66 -29.98 -3.80
C CYS B 158 3.23 -29.48 -3.86
N GLN B 159 3.02 -28.16 -3.83
CA GLN B 159 1.68 -27.62 -3.96
C GLN B 159 1.15 -27.75 -5.38
N THR B 160 2.05 -27.67 -6.38
CA THR B 160 1.62 -27.82 -7.76
C THR B 160 1.10 -29.22 -8.04
N LEU B 161 1.80 -30.24 -7.56
CA LEU B 161 1.40 -31.63 -7.80
C LEU B 161 0.17 -32.05 -6.99
N GLY B 162 -0.36 -31.17 -6.14
CA GLY B 162 -1.60 -31.44 -5.44
C GLY B 162 -1.45 -32.13 -4.10
N PHE B 163 -0.24 -32.25 -3.58
CA PHE B 163 -0.02 -32.96 -2.33
C PHE B 163 -0.21 -32.08 -1.09
N THR B 164 -0.15 -30.76 -1.25
CA THR B 164 -0.42 -29.84 -0.16
C THR B 164 -1.16 -28.63 -0.71
N ARG B 165 -2.10 -28.11 0.07
CA ARG B 165 -2.92 -26.98 -0.40
C ARG B 165 -2.21 -25.65 -0.24
N ALA B 166 -1.39 -25.50 0.80
CA ALA B 166 -0.65 -24.26 1.03
C ALA B 166 0.75 -24.59 1.54
N ILE B 167 1.65 -23.62 1.37
CA ILE B 167 3.04 -23.76 1.79
C ILE B 167 3.43 -22.56 2.62
N GLY B 168 4.29 -22.79 3.61
CA GLY B 168 4.76 -21.73 4.48
C GLY B 168 6.11 -22.06 5.09
N VAL B 169 6.51 -21.31 6.11
CA VAL B 169 7.81 -21.46 6.76
C VAL B 169 7.64 -21.34 8.27
N CYS B 170 8.73 -21.62 8.99
CA CYS B 170 8.77 -21.49 10.44
C CYS B 170 10.09 -20.87 10.87
N ASN B 171 10.01 -19.99 11.87
CA ASN B 171 11.19 -19.39 12.50
C ASN B 171 12.07 -18.66 11.50
N PHE B 172 11.43 -17.97 10.56
CA PHE B 172 12.13 -17.13 9.58
C PHE B 172 12.13 -15.69 10.06
N SER B 173 13.28 -15.04 9.94
CA SER B 173 13.37 -13.62 10.27
C SER B 173 12.77 -12.78 9.14
N CYS B 174 12.62 -11.48 9.42
CA CYS B 174 12.11 -10.57 8.39
C CYS B 174 13.07 -10.50 7.21
N LYS B 175 14.38 -10.51 7.48
CA LYS B 175 15.36 -10.49 6.40
C LYS B 175 15.34 -11.80 5.61
N LYS B 176 15.19 -12.93 6.31
CA LYS B 176 15.21 -14.21 5.62
C LYS B 176 13.94 -14.43 4.80
N LEU B 177 12.82 -13.82 5.20
CA LEU B 177 11.63 -13.88 4.38
C LEU B 177 11.81 -13.05 3.10
N GLN B 178 12.46 -11.90 3.21
CA GLN B 178 12.78 -11.11 2.01
C GLN B 178 13.61 -11.90 1.02
N GLU B 179 14.46 -12.81 1.52
CA GLU B 179 15.25 -13.65 0.63
C GLU B 179 14.38 -14.71 -0.04
N LEU B 180 13.55 -15.40 0.74
CA LEU B 180 12.67 -16.41 0.17
C LEU B 180 11.69 -15.79 -0.82
N MET B 181 11.21 -14.58 -0.52
CA MET B 181 10.23 -13.91 -1.37
C MET B 181 10.83 -13.34 -2.65
N ALA B 182 12.16 -13.37 -2.81
CA ALA B 182 12.78 -12.75 -3.97
C ALA B 182 12.51 -13.54 -5.24
N ALA B 183 12.74 -14.85 -5.21
CA ALA B 183 12.52 -15.71 -6.36
C ALA B 183 11.26 -16.55 -6.23
N ALA B 184 10.37 -16.20 -5.30
CA ALA B 184 9.19 -17.01 -5.04
C ALA B 184 8.10 -16.73 -6.07
N LYS B 185 7.48 -17.80 -6.55
CA LYS B 185 6.26 -17.72 -7.35
C LYS B 185 5.00 -17.93 -6.52
N ILE B 186 5.03 -18.88 -5.59
CA ILE B 186 3.98 -19.02 -4.58
C ILE B 186 4.54 -18.49 -3.28
N PRO B 187 4.14 -17.28 -2.83
CA PRO B 187 4.72 -16.73 -1.62
C PRO B 187 4.27 -17.50 -0.40
N PRO B 188 5.05 -17.48 0.69
CA PRO B 188 4.67 -18.22 1.90
C PRO B 188 3.39 -17.67 2.50
N VAL B 189 2.44 -18.56 2.75
CA VAL B 189 1.17 -18.17 3.36
C VAL B 189 1.35 -17.92 4.86
N VAL B 190 2.16 -18.74 5.52
CA VAL B 190 2.30 -18.73 6.97
C VAL B 190 3.77 -18.72 7.34
N ASN B 191 4.12 -17.90 8.34
CA ASN B 191 5.42 -17.96 9.00
C ASN B 191 5.15 -18.23 10.49
N GLN B 192 5.30 -19.47 10.90
CA GLN B 192 5.03 -19.86 12.28
C GLN B 192 6.26 -19.56 13.13
N VAL B 193 6.11 -18.60 14.07
CA VAL B 193 7.21 -18.17 14.92
C VAL B 193 6.71 -18.03 16.35
N GLU B 194 7.65 -17.98 17.27
CA GLU B 194 7.33 -17.76 18.68
C GLU B 194 6.82 -16.33 18.89
N MET B 195 5.67 -16.21 19.54
CA MET B 195 5.08 -14.89 19.78
C MET B 195 4.25 -14.96 21.05
N SER B 196 4.56 -14.10 22.00
CA SER B 196 3.92 -14.12 23.31
C SER B 196 4.00 -12.71 23.88
N PRO B 197 3.34 -12.46 25.03
CA PRO B 197 3.55 -11.19 25.73
C PRO B 197 5.00 -10.92 26.11
N THR B 198 5.90 -11.89 25.97
CA THR B 198 7.33 -11.68 26.19
C THR B 198 8.11 -11.59 24.89
N LEU B 199 7.45 -11.68 23.73
CA LEU B 199 8.12 -11.55 22.44
C LEU B 199 7.07 -11.02 21.45
N HIS B 200 7.04 -9.71 21.28
CA HIS B 200 5.99 -9.07 20.49
C HIS B 200 6.18 -9.26 18.99
N GLN B 201 7.44 -9.32 18.52
CA GLN B 201 7.74 -9.55 17.10
C GLN B 201 7.10 -8.48 16.22
N LYS B 202 7.20 -7.22 16.65
CA LYS B 202 6.56 -6.12 15.93
C LYS B 202 7.07 -6.01 14.51
N ASN B 203 8.40 -6.03 14.33
CA ASN B 203 8.98 -5.85 13.02
C ASN B 203 8.58 -6.96 12.05
N LEU B 204 8.62 -8.21 12.50
CA LEU B 204 8.16 -9.31 11.66
C LEU B 204 6.66 -9.22 11.40
N ARG B 205 5.88 -8.71 12.35
CA ARG B 205 4.44 -8.66 12.17
C ARG B 205 4.02 -7.59 11.17
N GLU B 206 4.77 -6.49 11.07
CA GLU B 206 4.38 -5.45 10.13
C GLU B 206 4.85 -5.76 8.72
N TYR B 207 5.96 -6.47 8.56
CA TYR B 207 6.38 -6.91 7.23
C TYR B 207 5.42 -7.98 6.70
N CYS B 208 5.05 -8.94 7.54
CA CYS B 208 4.17 -10.00 7.10
C CYS B 208 2.76 -9.50 6.79
N LYS B 209 2.32 -8.42 7.45
CA LYS B 209 1.02 -7.85 7.14
C LYS B 209 1.04 -7.07 5.83
N ALA B 210 2.17 -6.41 5.52
CA ALA B 210 2.30 -5.71 4.25
C ALA B 210 2.43 -6.67 3.07
N ASN B 211 2.83 -7.92 3.32
CA ASN B 211 2.91 -8.94 2.29
C ASN B 211 1.85 -10.02 2.47
N ASN B 212 0.88 -9.80 3.35
CA ASN B 212 -0.24 -10.71 3.57
C ASN B 212 0.23 -12.11 4.00
N ILE B 213 1.34 -12.17 4.72
CA ILE B 213 1.81 -13.43 5.29
C ILE B 213 1.21 -13.57 6.67
N MET B 214 0.52 -14.69 6.90
CA MET B 214 -0.05 -14.97 8.20
C MET B 214 1.03 -15.45 9.16
N ILE B 215 0.99 -14.97 10.40
CA ILE B 215 1.90 -15.41 11.45
C ILE B 215 1.11 -16.28 12.42
N THR B 216 1.48 -17.55 12.52
CA THR B 216 0.92 -18.47 13.49
C THR B 216 1.90 -18.59 14.65
N ALA B 217 1.42 -18.32 15.87
CA ALA B 217 2.29 -18.25 17.02
C ALA B 217 2.36 -19.59 17.74
N HIS B 218 3.58 -20.07 18.00
CA HIS B 218 3.80 -21.18 18.92
C HIS B 218 4.48 -20.65 20.18
N SER B 219 4.47 -21.48 21.22
CA SER B 219 5.06 -21.14 22.51
C SER B 219 4.42 -19.88 23.08
N VAL B 220 3.09 -19.80 22.98
CA VAL B 220 2.36 -18.64 23.49
C VAL B 220 2.58 -18.50 25.00
N LEU B 221 2.70 -19.62 25.70
CA LEU B 221 2.89 -19.63 27.14
C LEU B 221 4.36 -19.79 27.53
N GLY B 222 5.27 -19.49 26.62
CA GLY B 222 6.69 -19.55 26.93
C GLY B 222 7.25 -20.95 27.12
N ALA B 223 6.51 -21.99 26.73
CA ALA B 223 6.95 -23.38 26.86
C ALA B 223 7.30 -23.70 28.31
N ILE B 224 6.38 -23.36 29.21
CA ILE B 224 6.56 -23.66 30.63
C ILE B 224 6.71 -25.17 30.83
N CYS B 225 6.21 -25.97 29.90
CA CYS B 225 6.21 -27.42 30.02
C CYS B 225 7.39 -28.08 29.31
N ALA B 226 8.33 -27.31 28.77
CA ALA B 226 9.41 -27.86 27.98
C ALA B 226 10.75 -27.63 28.67
N PRO B 227 11.74 -28.51 28.43
CA PRO B 227 13.04 -28.33 29.09
C PRO B 227 13.74 -27.03 28.69
N TRP B 228 13.62 -26.63 27.43
CA TRP B 228 14.22 -25.37 26.97
C TRP B 228 13.40 -24.15 27.34
N GLY B 229 12.21 -24.32 27.90
CA GLY B 229 11.30 -23.22 28.11
C GLY B 229 11.69 -22.33 29.27
N SER B 230 10.72 -21.53 29.70
CA SER B 230 10.93 -20.56 30.76
C SER B 230 9.60 -20.29 31.45
N ASN B 231 9.62 -19.40 32.44
CA ASN B 231 8.42 -19.04 33.20
C ASN B 231 8.05 -17.57 33.02
N ALA B 232 8.64 -16.89 32.03
CA ALA B 232 8.46 -15.45 31.91
C ALA B 232 7.02 -15.05 31.62
N VAL B 233 6.20 -15.98 31.11
CA VAL B 233 4.81 -15.69 30.82
C VAL B 233 3.89 -16.13 31.96
N MET B 234 4.08 -17.36 32.46
CA MET B 234 3.16 -17.89 33.46
C MET B 234 3.32 -17.22 34.81
N ASP B 235 4.52 -16.76 35.14
CA ASP B 235 4.78 -16.09 36.41
C ASP B 235 4.87 -14.57 36.26
N SER B 236 4.38 -14.03 35.15
CA SER B 236 4.38 -12.59 34.96
C SER B 236 3.39 -11.94 35.92
N LYS B 237 3.82 -10.85 36.56
CA LYS B 237 2.94 -10.15 37.48
C LYS B 237 1.95 -9.25 36.75
N VAL B 238 2.39 -8.63 35.64
CA VAL B 238 1.48 -7.83 34.84
C VAL B 238 0.35 -8.69 34.29
N LEU B 239 0.68 -9.91 33.84
CA LEU B 239 -0.35 -10.79 33.28
C LEU B 239 -1.33 -11.25 34.36
N HIS B 240 -0.84 -11.48 35.58
CA HIS B 240 -1.72 -11.85 36.67
C HIS B 240 -2.71 -10.73 36.98
N GLN B 241 -2.24 -9.48 37.00
CA GLN B 241 -3.10 -8.36 37.35
C GLN B 241 -4.19 -8.15 36.30
N ILE B 242 -3.82 -8.20 35.02
CA ILE B 242 -4.82 -8.14 33.96
C ILE B 242 -5.75 -9.34 34.02
N ALA B 243 -5.22 -10.49 34.46
CA ALA B 243 -6.02 -11.71 34.51
C ALA B 243 -7.19 -11.56 35.48
N VAL B 244 -6.89 -11.18 36.74
CA VAL B 244 -7.95 -11.02 37.73
C VAL B 244 -8.88 -9.89 37.33
N ALA B 245 -8.32 -8.82 36.75
CA ALA B 245 -9.13 -7.67 36.37
C ALA B 245 -10.20 -8.04 35.35
N ARG B 246 -9.95 -9.06 34.53
CA ARG B 246 -10.86 -9.46 33.47
C ARG B 246 -11.58 -10.77 33.75
N GLY B 247 -11.31 -11.41 34.89
CA GLY B 247 -11.90 -12.70 35.16
C GLY B 247 -11.35 -13.81 34.28
N LYS B 248 -10.15 -13.63 33.73
CA LYS B 248 -9.51 -14.61 32.87
C LYS B 248 -8.20 -15.04 33.52
N SER B 249 -7.63 -16.13 33.00
CA SER B 249 -6.39 -16.65 33.55
C SER B 249 -5.19 -16.03 32.83
N VAL B 250 -4.01 -16.24 33.42
CA VAL B 250 -2.78 -15.76 32.79
C VAL B 250 -2.61 -16.40 31.41
N ALA B 251 -3.04 -17.65 31.27
CA ALA B 251 -2.91 -18.33 29.99
C ALA B 251 -3.85 -17.74 28.95
N GLN B 252 -5.06 -17.34 29.35
CA GLN B 252 -6.01 -16.79 28.38
C GLN B 252 -5.68 -15.35 28.01
N VAL B 253 -5.03 -14.61 28.90
CA VAL B 253 -4.59 -13.26 28.55
C VAL B 253 -3.55 -13.32 27.42
N SER B 254 -2.60 -14.24 27.53
CA SER B 254 -1.57 -14.36 26.52
C SER B 254 -2.13 -14.88 25.20
N MET B 255 -3.08 -15.82 25.27
CA MET B 255 -3.67 -16.37 24.04
C MET B 255 -4.56 -15.33 23.37
N ARG B 256 -5.33 -14.57 24.15
CA ARG B 256 -6.15 -13.52 23.56
C ARG B 256 -5.30 -12.39 23.00
N TRP B 257 -4.20 -12.05 23.69
CA TRP B 257 -3.32 -11.01 23.19
C TRP B 257 -2.73 -11.39 21.83
N VAL B 258 -2.41 -12.66 21.64
CA VAL B 258 -1.89 -13.12 20.35
C VAL B 258 -2.95 -12.94 19.27
N TYR B 259 -4.15 -13.46 19.50
CA TYR B 259 -5.21 -13.37 18.50
C TYR B 259 -5.68 -11.94 18.28
N GLN B 260 -5.62 -11.10 19.32
CA GLN B 260 -6.04 -9.70 19.18
C GLN B 260 -5.01 -8.85 18.46
N GLN B 261 -3.74 -9.25 18.46
CA GLN B 261 -2.74 -8.65 17.59
C GLN B 261 -2.88 -9.11 16.14
N GLY B 262 -3.92 -9.89 15.84
CA GLY B 262 -4.16 -10.36 14.49
C GLY B 262 -3.29 -11.53 14.07
N ALA B 263 -3.10 -12.51 14.96
CA ALA B 263 -2.25 -13.66 14.67
C ALA B 263 -3.00 -14.94 14.96
N SER B 264 -2.61 -16.00 14.25
CA SER B 264 -3.06 -17.34 14.58
C SER B 264 -2.19 -17.92 15.70
N LEU B 265 -2.66 -19.01 16.30
CA LEU B 265 -1.93 -19.62 17.40
C LEU B 265 -2.18 -21.11 17.43
N VAL B 266 -1.11 -21.88 17.65
CA VAL B 266 -1.18 -23.30 17.93
C VAL B 266 -0.82 -23.50 19.39
N VAL B 267 -1.69 -24.16 20.14
CA VAL B 267 -1.48 -24.41 21.55
C VAL B 267 -1.19 -25.89 21.76
N LYS B 268 -0.39 -26.19 22.77
CA LYS B 268 -0.08 -27.57 23.14
C LYS B 268 -0.77 -27.87 24.46
N SER B 269 -1.79 -28.70 24.42
CA SER B 269 -2.62 -29.00 25.58
C SER B 269 -2.64 -30.50 25.82
N PHE B 270 -2.32 -30.90 27.06
CA PHE B 270 -2.38 -32.29 27.48
C PHE B 270 -3.54 -32.56 28.41
N ASN B 271 -4.37 -31.55 28.67
CA ASN B 271 -5.54 -31.68 29.53
C ASN B 271 -6.76 -31.17 28.78
N GLU B 272 -7.91 -31.81 29.03
CA GLU B 272 -9.14 -31.28 28.49
C GLU B 272 -9.59 -29.99 29.19
N GLY B 273 -8.99 -29.67 30.35
CA GLY B 273 -9.29 -28.42 31.00
C GLY B 273 -8.79 -27.22 30.21
N ARG B 274 -7.52 -27.26 29.78
CA ARG B 274 -6.99 -26.19 28.97
C ARG B 274 -7.73 -26.09 27.63
N MET B 275 -7.79 -27.20 26.90
CA MET B 275 -8.23 -27.16 25.51
C MET B 275 -9.70 -26.78 25.38
N LYS B 276 -10.54 -27.12 26.37
CA LYS B 276 -11.93 -26.68 26.34
C LYS B 276 -12.11 -25.28 26.92
N GLU B 277 -11.20 -24.82 27.75
CA GLU B 277 -11.21 -23.42 28.18
C GLU B 277 -10.42 -22.51 27.25
N ASN B 278 -9.56 -23.09 26.40
CA ASN B 278 -8.86 -22.27 25.41
C ASN B 278 -9.80 -21.80 24.32
N LEU B 279 -10.85 -22.57 24.00
CA LEU B 279 -11.83 -22.19 23.00
C LEU B 279 -12.67 -20.99 23.41
N LYS B 280 -12.43 -20.42 24.59
CA LYS B 280 -13.22 -19.30 25.09
C LYS B 280 -12.45 -17.99 25.05
N ILE B 281 -11.28 -17.97 24.40
CA ILE B 281 -10.61 -16.70 24.13
C ILE B 281 -11.38 -15.88 23.10
N PHE B 282 -12.22 -16.52 22.30
CA PHE B 282 -12.98 -15.86 21.25
C PHE B 282 -14.29 -15.27 21.74
N ASP B 283 -14.52 -15.23 23.05
CA ASP B 283 -15.76 -14.70 23.61
C ASP B 283 -15.57 -13.43 24.42
N TRP B 284 -14.32 -12.99 24.63
CA TRP B 284 -14.06 -11.81 25.43
C TRP B 284 -12.97 -10.98 24.76
N GLU B 285 -12.83 -9.74 25.22
CA GLU B 285 -11.98 -8.75 24.57
C GLU B 285 -11.05 -8.10 25.58
N LEU B 286 -9.77 -8.01 25.24
CA LEU B 286 -8.82 -7.26 26.05
C LEU B 286 -9.00 -5.77 25.78
N THR B 287 -9.01 -4.98 26.85
CA THR B 287 -9.18 -3.55 26.71
C THR B 287 -7.87 -2.89 26.27
N ALA B 288 -7.99 -1.64 25.80
CA ALA B 288 -6.83 -0.94 25.24
C ALA B 288 -5.75 -0.72 26.30
N GLU B 289 -6.15 -0.47 27.54
CA GLU B 289 -5.16 -0.30 28.61
C GLU B 289 -4.45 -1.62 28.89
N ASN B 290 -5.17 -2.74 28.82
CA ASN B 290 -4.54 -4.04 28.95
C ASN B 290 -3.56 -4.31 27.81
N MET B 291 -3.82 -3.76 26.63
CA MET B 291 -2.91 -3.95 25.51
C MET B 291 -1.60 -3.19 25.72
N GLU B 292 -1.68 -1.99 26.29
CA GLU B 292 -0.47 -1.20 26.53
C GLU B 292 0.32 -1.74 27.72
N LYS B 293 -0.35 -2.30 28.73
CA LYS B 293 0.36 -2.93 29.83
C LYS B 293 1.23 -4.08 29.33
N ILE B 294 0.75 -4.81 28.33
CA ILE B 294 1.50 -5.94 27.79
C ILE B 294 2.66 -5.47 26.93
N SER B 295 2.50 -4.35 26.22
CA SER B 295 3.60 -3.83 25.41
C SER B 295 4.79 -3.39 26.25
N GLU B 296 4.58 -3.12 27.54
CA GLU B 296 5.67 -2.75 28.43
C GLU B 296 6.42 -3.95 28.99
N ILE B 297 5.86 -5.15 28.85
CA ILE B 297 6.49 -6.36 29.41
C ILE B 297 7.87 -6.54 28.77
N PRO B 298 8.94 -6.68 29.56
CA PRO B 298 10.28 -6.80 28.96
C PRO B 298 10.40 -8.06 28.11
N GLN B 299 11.00 -7.89 26.93
CA GLN B 299 11.05 -8.96 25.94
C GLN B 299 12.10 -9.99 26.31
N SER B 300 11.80 -11.25 25.97
CA SER B 300 12.70 -12.36 26.22
C SER B 300 12.29 -13.53 25.32
N ARG B 301 13.27 -14.17 24.70
CA ARG B 301 13.03 -15.30 23.80
C ARG B 301 13.24 -16.59 24.56
N THR B 302 12.18 -17.39 24.69
CA THR B 302 12.28 -18.67 25.39
C THR B 302 12.80 -19.76 24.47
N SER B 303 12.12 -19.97 23.33
CA SER B 303 12.52 -20.99 22.37
C SER B 303 13.77 -20.51 21.64
N SER B 304 14.94 -20.98 22.09
CA SER B 304 16.21 -20.55 21.57
C SER B 304 16.59 -21.36 20.33
N ALA B 305 17.67 -20.94 19.67
CA ALA B 305 18.19 -21.57 18.47
C ALA B 305 19.66 -21.92 18.64
N ASP B 306 20.05 -22.35 19.84
CA ASP B 306 21.43 -22.71 20.11
C ASP B 306 21.76 -24.16 19.78
N PHE B 307 20.75 -25.02 19.62
CA PHE B 307 20.95 -26.33 19.02
C PHE B 307 21.22 -26.23 17.53
N LEU B 308 21.26 -25.01 17.02
CA LEU B 308 21.42 -24.72 15.60
C LEU B 308 22.54 -23.73 15.31
N LEU B 309 23.22 -23.22 16.31
CA LEU B 309 24.36 -22.33 16.12
C LEU B 309 25.65 -23.13 16.07
N SER B 310 26.61 -22.65 15.28
CA SER B 310 27.88 -23.33 15.11
C SER B 310 28.90 -22.35 14.56
N PRO B 311 30.19 -22.52 14.90
CA PRO B 311 31.24 -21.72 14.25
C PRO B 311 31.49 -22.22 12.83
N THR B 312 31.36 -23.53 12.64
CA THR B 312 31.45 -24.15 11.33
C THR B 312 30.07 -24.32 10.70
N GLY B 313 29.29 -23.24 10.72
CA GLY B 313 27.94 -23.26 10.20
C GLY B 313 27.47 -21.90 9.73
N PRO B 314 26.24 -21.82 9.25
CA PRO B 314 25.75 -20.55 8.69
C PRO B 314 25.64 -19.43 9.71
N PHE B 315 25.19 -19.73 10.93
CA PHE B 315 24.99 -18.72 11.95
C PHE B 315 25.67 -19.13 13.24
N LYS B 316 26.35 -18.18 13.86
CA LYS B 316 27.03 -18.36 15.14
C LYS B 316 26.36 -17.64 16.28
N THR B 317 25.83 -16.43 16.03
CA THR B 317 25.19 -15.63 17.05
C THR B 317 23.68 -15.85 17.03
N GLU B 318 23.07 -15.80 18.23
CA GLU B 318 21.62 -15.83 18.30
C GLU B 318 21.01 -14.64 17.57
N GLU B 319 21.75 -13.55 17.43
CA GLU B 319 21.27 -12.36 16.75
C GLU B 319 21.51 -12.39 15.25
N GLU B 320 22.27 -13.36 14.75
CA GLU B 320 22.37 -13.60 13.31
C GLU B 320 21.25 -14.53 12.84
N PHE B 321 20.90 -15.52 13.66
CA PHE B 321 19.82 -16.43 13.32
C PHE B 321 18.50 -15.68 13.20
N TRP B 322 18.14 -14.92 14.23
CA TRP B 322 16.88 -14.17 14.25
C TRP B 322 17.00 -12.80 13.59
N ASP B 323 18.21 -12.36 13.26
CA ASP B 323 18.44 -11.05 12.64
C ASP B 323 17.87 -9.93 13.51
N GLU B 324 17.87 -10.15 14.82
CA GLU B 324 17.55 -9.12 15.82
C GLU B 324 17.92 -9.63 17.21
N GLY C 10 17.71 -20.29 54.36
CA GLY C 10 17.38 -21.06 53.18
C GLY C 10 16.14 -21.91 53.35
N VAL C 11 16.17 -23.11 52.77
CA VAL C 11 15.04 -24.04 52.88
C VAL C 11 15.08 -24.69 54.26
N PRO C 12 13.99 -24.61 55.03
CA PRO C 12 14.00 -25.16 56.38
C PRO C 12 14.10 -26.67 56.39
N MET C 13 14.49 -27.21 57.54
CA MET C 13 14.59 -28.64 57.75
C MET C 13 13.36 -29.15 58.49
N ILE C 14 12.91 -30.35 58.13
CA ILE C 14 11.79 -31.01 58.78
C ILE C 14 12.31 -32.29 59.43
N THR C 15 12.07 -32.42 60.74
CA THR C 15 12.51 -33.59 61.48
C THR C 15 11.47 -34.70 61.34
N LEU C 16 11.91 -35.86 60.86
CA LEU C 16 11.03 -37.00 60.69
C LEU C 16 10.89 -37.77 62.00
N SER C 17 10.10 -38.85 61.97
CA SER C 17 9.83 -39.60 63.20
C SER C 17 11.05 -40.39 63.67
N SER C 18 11.90 -40.83 62.74
CA SER C 18 13.11 -41.57 63.08
C SER C 18 14.29 -40.66 63.40
N GLY C 19 14.04 -39.37 63.64
CA GLY C 19 15.09 -38.42 63.92
C GLY C 19 15.79 -37.86 62.70
N ILE C 20 15.60 -38.46 61.53
CA ILE C 20 16.25 -37.97 60.31
C ILE C 20 15.62 -36.66 59.87
N ARG C 21 16.47 -35.70 59.52
CA ARG C 21 16.02 -34.38 59.11
C ARG C 21 15.97 -34.27 57.59
N MET C 22 14.94 -33.61 57.09
CA MET C 22 14.68 -33.57 55.66
C MET C 22 14.36 -32.15 55.21
N PRO C 23 14.93 -31.70 54.10
CA PRO C 23 14.53 -30.41 53.55
C PRO C 23 13.07 -30.40 53.15
N ALA C 24 12.36 -29.33 53.53
CA ALA C 24 10.92 -29.27 53.32
C ALA C 24 10.56 -29.25 51.84
N LEU C 25 11.43 -28.70 51.00
CA LEU C 25 11.18 -28.58 49.58
C LEU C 25 12.24 -29.35 48.80
N GLY C 26 11.79 -30.25 47.93
CA GLY C 26 12.67 -30.98 47.05
C GLY C 26 12.23 -30.87 45.60
N MET C 27 13.12 -31.26 44.71
CA MET C 27 12.85 -31.26 43.28
C MET C 27 12.84 -32.69 42.76
N GLY C 28 11.80 -33.03 42.00
CA GLY C 28 11.60 -34.38 41.50
C GLY C 28 12.02 -34.53 40.05
N THR C 29 11.74 -35.72 39.52
CA THR C 29 12.08 -36.07 38.15
C THR C 29 10.81 -36.19 37.32
N ALA C 30 10.97 -36.03 36.01
CA ALA C 30 9.84 -36.08 35.10
C ALA C 30 9.22 -37.47 35.09
N GLU C 31 7.90 -37.52 35.28
CA GLU C 31 7.18 -38.80 35.28
C GLU C 31 7.06 -39.34 33.87
N THR C 32 8.20 -39.68 33.26
CA THR C 32 8.25 -40.17 31.89
C THR C 32 9.08 -41.45 31.88
N MET C 33 8.43 -42.58 31.57
CA MET C 33 9.11 -43.87 31.61
C MET C 33 9.97 -44.10 30.38
N VAL C 34 10.79 -43.09 30.03
CA VAL C 34 11.77 -43.19 28.97
C VAL C 34 13.13 -42.91 29.58
N LYS C 35 14.19 -43.08 28.79
CA LYS C 35 15.54 -42.83 29.23
C LYS C 35 15.71 -41.38 29.66
N GLY C 36 16.75 -41.13 30.47
CA GLY C 36 17.02 -39.78 30.94
C GLY C 36 17.81 -38.97 29.93
N THR C 37 17.53 -37.67 29.91
CA THR C 37 18.17 -36.75 28.99
C THR C 37 19.35 -36.05 29.64
N GLU C 38 20.31 -35.63 28.83
CA GLU C 38 21.45 -34.87 29.34
C GLU C 38 21.01 -33.56 29.96
N ARG C 39 19.89 -32.99 29.49
CA ARG C 39 19.37 -31.78 30.09
C ARG C 39 18.79 -32.04 31.49
N GLU C 40 18.30 -33.25 31.73
CA GLU C 40 17.83 -33.60 33.08
C GLU C 40 18.97 -33.51 34.08
N LYS C 41 20.15 -34.00 33.72
CA LYS C 41 21.31 -33.87 34.59
C LYS C 41 21.65 -32.40 34.83
N LEU C 42 21.71 -31.61 33.75
CA LEU C 42 22.02 -30.19 33.88
C LEU C 42 20.93 -29.44 34.63
N ALA C 43 19.73 -30.02 34.75
CA ALA C 43 18.71 -29.43 35.60
C ALA C 43 18.95 -29.76 37.06
N PHE C 44 19.23 -31.04 37.36
CA PHE C 44 19.63 -31.44 38.71
C PHE C 44 20.86 -30.65 39.16
N LEU C 45 21.88 -30.61 38.30
CA LEU C 45 23.12 -29.91 38.65
C LEU C 45 22.87 -28.43 38.89
N LYS C 46 21.96 -27.83 38.12
CA LYS C 46 21.68 -26.40 38.29
C LYS C 46 20.96 -26.14 39.63
N ALA C 47 20.01 -27.00 39.99
CA ALA C 47 19.28 -26.80 41.25
C ALA C 47 20.22 -26.90 42.44
N ILE C 48 21.21 -27.79 42.38
CA ILE C 48 22.25 -27.84 43.40
C ILE C 48 22.93 -26.48 43.52
N GLU C 49 23.24 -25.87 42.38
CA GLU C 49 23.85 -24.55 42.38
C GLU C 49 22.93 -23.49 42.98
N VAL C 50 21.62 -23.62 42.75
CA VAL C 50 20.68 -22.63 43.29
C VAL C 50 20.51 -22.81 44.80
N GLY C 51 20.61 -24.04 45.29
CA GLY C 51 20.52 -24.28 46.73
C GLY C 51 19.64 -25.47 47.09
N TYR C 52 19.26 -26.27 46.10
CA TYR C 52 18.46 -27.45 46.36
C TYR C 52 19.30 -28.57 46.94
N ARG C 53 18.73 -29.32 47.88
CA ARG C 53 19.43 -30.44 48.51
C ARG C 53 18.59 -31.71 48.49
N HIS C 54 17.27 -31.59 48.64
CA HIS C 54 16.38 -32.75 48.57
C HIS C 54 16.08 -33.06 47.11
N PHE C 55 16.41 -34.29 46.68
CA PHE C 55 16.18 -34.71 45.30
C PHE C 55 15.46 -36.05 45.32
N ASP C 56 14.31 -36.10 44.66
CA ASP C 56 13.41 -37.25 44.70
C ASP C 56 13.26 -37.81 43.29
N THR C 57 13.61 -39.09 43.13
CA THR C 57 13.50 -39.75 41.84
C THR C 57 12.80 -41.10 41.98
N ALA C 58 12.74 -41.86 40.89
CA ALA C 58 12.12 -43.18 40.92
C ALA C 58 12.82 -44.07 39.90
N ALA C 59 12.77 -45.38 40.15
CA ALA C 59 13.40 -46.33 39.25
C ALA C 59 12.61 -46.55 37.96
N ALA C 60 11.33 -46.21 37.96
CA ALA C 60 10.50 -46.39 36.77
C ALA C 60 10.68 -45.29 35.74
N TYR C 61 11.38 -44.21 36.09
CA TYR C 61 11.51 -43.06 35.21
C TYR C 61 12.87 -42.97 34.53
N GLN C 62 13.79 -43.89 34.84
CA GLN C 62 15.08 -44.01 34.16
C GLN C 62 15.89 -42.72 34.18
N SER C 63 15.71 -41.90 35.23
CA SER C 63 16.51 -40.71 35.42
C SER C 63 17.49 -40.85 36.57
N GLU C 64 17.69 -42.07 37.07
CA GLU C 64 18.56 -42.26 38.24
C GLU C 64 20.02 -42.03 37.89
N GLU C 65 20.45 -42.47 36.71
CA GLU C 65 21.82 -42.15 36.28
C GLU C 65 22.01 -40.65 36.12
N CYS C 66 20.98 -39.95 35.62
CA CYS C 66 21.06 -38.50 35.48
C CYS C 66 21.31 -37.84 36.84
N LEU C 67 20.59 -38.27 37.87
CA LEU C 67 20.81 -37.71 39.20
C LEU C 67 22.16 -38.15 39.76
N GLY C 68 22.56 -39.39 39.49
CA GLY C 68 23.86 -39.86 39.97
C GLY C 68 25.01 -39.08 39.37
N GLU C 69 24.97 -38.86 38.05
CA GLU C 69 26.01 -38.08 37.39
C GLU C 69 26.03 -36.64 37.92
N ALA C 70 24.84 -36.05 38.09
CA ALA C 70 24.78 -34.65 38.52
C ALA C 70 25.30 -34.48 39.95
N ILE C 71 25.20 -35.52 40.78
CA ILE C 71 25.74 -35.43 42.14
C ILE C 71 27.25 -35.54 42.12
N ALA C 72 27.79 -36.49 41.34
CA ALA C 72 29.24 -36.62 41.23
C ALA C 72 29.87 -35.34 40.70
N GLU C 73 29.27 -34.79 39.63
CA GLU C 73 29.80 -33.56 39.04
C GLU C 73 29.54 -32.33 39.90
N ALA C 74 28.55 -32.39 40.80
CA ALA C 74 28.39 -31.30 41.76
C ALA C 74 29.46 -31.36 42.84
N LEU C 75 29.92 -32.56 43.18
CA LEU C 75 31.03 -32.70 44.12
C LEU C 75 32.35 -32.33 43.46
N GLN C 76 32.51 -32.66 42.17
CA GLN C 76 33.71 -32.27 41.45
C GLN C 76 33.83 -30.75 41.35
N LEU C 77 32.73 -30.07 41.08
CA LEU C 77 32.72 -28.62 40.92
C LEU C 77 32.67 -27.87 42.23
N GLY C 78 32.67 -28.57 43.36
CA GLY C 78 32.66 -27.89 44.65
C GLY C 78 31.35 -27.25 45.03
N LEU C 79 30.26 -27.53 44.31
CA LEU C 79 28.96 -26.98 44.68
C LEU C 79 28.55 -27.44 46.07
N ILE C 80 28.65 -28.74 46.33
CA ILE C 80 28.49 -29.29 47.67
C ILE C 80 29.83 -29.89 48.09
N LYS C 81 30.09 -29.85 49.39
CA LYS C 81 31.34 -30.36 49.92
C LYS C 81 31.30 -31.87 50.16
N SER C 82 30.12 -32.44 50.37
CA SER C 82 30.03 -33.86 50.73
C SER C 82 28.62 -34.36 50.41
N ARG C 83 28.54 -35.69 50.23
CA ARG C 83 27.28 -36.32 49.85
C ARG C 83 26.25 -36.27 50.97
N ASP C 84 26.69 -36.20 52.23
CA ASP C 84 25.74 -36.11 53.33
C ASP C 84 25.06 -34.75 53.41
N GLU C 85 25.38 -33.82 52.49
CA GLU C 85 24.65 -32.57 52.39
C GLU C 85 23.39 -32.69 51.54
N LEU C 86 23.16 -33.84 50.90
CA LEU C 86 22.01 -34.06 50.03
C LEU C 86 21.06 -35.07 50.64
N PHE C 87 19.78 -34.91 50.34
CA PHE C 87 18.73 -35.83 50.76
C PHE C 87 18.19 -36.50 49.49
N ILE C 88 18.60 -37.75 49.28
CA ILE C 88 18.29 -38.47 48.05
C ILE C 88 17.18 -39.47 48.33
N THR C 89 16.04 -39.26 47.69
CA THR C 89 14.90 -40.17 47.80
C THR C 89 14.66 -40.87 46.47
N SER C 90 14.45 -42.18 46.53
CA SER C 90 14.07 -42.97 45.36
C SER C 90 12.90 -43.86 45.72
N LYS C 91 12.32 -44.51 44.72
CA LYS C 91 11.10 -45.27 44.89
C LYS C 91 11.21 -46.64 44.25
N LEU C 92 10.46 -47.59 44.79
CA LEU C 92 10.45 -48.97 44.35
C LEU C 92 9.31 -49.18 43.36
N TRP C 93 9.64 -49.64 42.15
CA TRP C 93 8.62 -49.90 41.15
C TRP C 93 7.92 -51.21 41.45
N CYS C 94 6.64 -51.28 41.07
CA CYS C 94 5.78 -52.39 41.49
C CYS C 94 6.24 -53.73 40.94
N ALA C 95 7.00 -53.75 39.84
CA ALA C 95 7.51 -55.01 39.31
C ALA C 95 8.49 -55.66 40.29
N ASP C 96 9.16 -54.85 41.12
CA ASP C 96 10.04 -55.35 42.16
C ASP C 96 9.38 -55.37 43.53
N ALA C 97 8.08 -55.02 43.61
CA ALA C 97 7.37 -55.00 44.87
C ALA C 97 6.99 -56.42 45.31
N HIS C 98 7.96 -57.32 45.29
CA HIS C 98 7.80 -58.68 45.80
C HIS C 98 8.98 -58.96 46.73
N ALA C 99 8.67 -59.34 47.96
CA ALA C 99 9.60 -59.46 49.09
C ALA C 99 11.07 -59.61 48.71
N ASP C 100 11.43 -60.73 48.06
CA ASP C 100 12.82 -61.03 47.74
C ASP C 100 13.29 -60.38 46.44
N LEU C 101 12.49 -59.50 45.84
CA LEU C 101 12.95 -58.67 44.75
C LEU C 101 13.17 -57.23 45.18
N VAL C 102 13.04 -56.95 46.49
CA VAL C 102 13.12 -55.58 46.97
C VAL C 102 14.58 -55.14 47.12
N LEU C 103 15.41 -55.97 47.74
CA LEU C 103 16.81 -55.63 48.01
C LEU C 103 17.63 -55.53 46.72
N PRO C 104 17.51 -56.48 45.78
CA PRO C 104 18.22 -56.30 44.50
C PRO C 104 17.75 -55.09 43.72
N ALA C 105 16.50 -54.66 43.91
CA ALA C 105 16.04 -53.46 43.22
C ALA C 105 16.68 -52.20 43.81
N LEU C 106 16.78 -52.13 45.14
CA LEU C 106 17.41 -50.99 45.78
C LEU C 106 18.87 -50.87 45.37
N GLN C 107 19.62 -51.99 45.44
CA GLN C 107 21.01 -51.97 45.05
C GLN C 107 21.18 -51.65 43.57
N ASN C 108 20.21 -52.07 42.74
CA ASN C 108 20.23 -51.67 41.33
C ASN C 108 20.10 -50.16 41.19
N SER C 109 19.18 -49.55 41.96
CA SER C 109 19.04 -48.11 41.93
C SER C 109 20.27 -47.42 42.50
N LEU C 110 20.89 -48.02 43.53
CA LEU C 110 22.02 -47.39 44.19
C LEU C 110 23.25 -47.33 43.29
N ARG C 111 23.45 -48.34 42.44
CA ARG C 111 24.59 -48.31 41.54
C ARG C 111 24.33 -47.42 40.33
N ASN C 112 23.06 -47.24 39.95
CA ASN C 112 22.73 -46.26 38.93
C ASN C 112 22.93 -44.83 39.43
N LEU C 113 22.77 -44.63 40.74
CA LEU C 113 22.97 -43.33 41.37
C LEU C 113 24.41 -43.11 41.83
N LYS C 114 25.27 -44.12 41.72
CA LYS C 114 26.65 -44.07 42.21
C LYS C 114 26.71 -43.71 43.69
N LEU C 115 25.72 -44.19 44.46
CA LEU C 115 25.64 -43.92 45.89
C LEU C 115 25.66 -45.23 46.67
N ASP C 116 26.15 -45.14 47.91
CA ASP C 116 26.16 -46.28 48.81
C ASP C 116 24.89 -46.41 49.64
N TYR C 117 24.14 -45.32 49.81
CA TYR C 117 22.93 -45.36 50.62
C TYR C 117 21.99 -44.26 50.17
N LEU C 118 20.69 -44.55 50.25
CA LEU C 118 19.66 -43.55 50.09
C LEU C 118 19.33 -42.91 51.44
N ASP C 119 18.63 -41.78 51.39
CA ASP C 119 18.10 -41.17 52.60
C ASP C 119 16.63 -41.50 52.82
N LEU C 120 15.92 -41.90 51.78
CA LEU C 120 14.51 -42.25 51.89
C LEU C 120 14.15 -43.18 50.74
N TYR C 121 13.40 -44.24 51.06
CA TYR C 121 13.01 -45.25 50.09
C TYR C 121 11.52 -45.51 50.23
N LEU C 122 10.77 -45.35 49.15
CA LEU C 122 9.32 -45.39 49.19
C LEU C 122 8.78 -46.49 48.29
N ILE C 123 7.56 -46.91 48.58
CA ILE C 123 6.81 -47.83 47.72
C ILE C 123 5.94 -46.97 46.81
N HIS C 124 6.13 -47.12 45.49
CA HIS C 124 5.57 -46.17 44.54
C HIS C 124 4.04 -46.18 44.55
N HIS C 125 3.43 -47.36 44.58
CA HIS C 125 1.98 -47.48 44.53
C HIS C 125 1.54 -48.67 45.33
N PRO C 126 0.30 -48.67 45.85
CA PRO C 126 -0.20 -49.80 46.64
C PRO C 126 -0.62 -51.00 45.79
N VAL C 127 0.13 -51.31 44.73
CA VAL C 127 -0.11 -52.48 43.90
C VAL C 127 1.24 -53.08 43.51
N SER C 128 1.20 -54.34 43.09
CA SER C 128 2.38 -55.06 42.63
C SER C 128 2.24 -55.43 41.16
N LEU C 129 3.38 -55.41 40.46
CA LEU C 129 3.45 -55.80 39.06
C LEU C 129 4.25 -57.10 38.93
N LYS C 130 4.42 -57.54 37.69
CA LYS C 130 4.95 -58.87 37.43
C LYS C 130 6.38 -58.79 36.93
N PRO C 131 7.32 -59.51 37.57
CA PRO C 131 8.77 -59.57 37.31
C PRO C 131 9.11 -59.62 35.82
N ILE C 138 1.41 -50.50 31.04
CA ILE C 138 0.23 -50.90 31.80
C ILE C 138 -0.55 -52.02 31.12
N PRO C 139 0.00 -53.24 31.10
CA PRO C 139 -0.81 -54.38 30.69
C PRO C 139 -1.88 -54.65 31.73
N LYS C 140 -3.14 -54.55 31.31
CA LYS C 140 -4.25 -54.48 32.26
C LYS C 140 -4.63 -55.84 32.87
N ASP C 141 -3.98 -56.93 32.46
CA ASP C 141 -3.96 -58.14 33.26
C ASP C 141 -2.69 -58.24 34.10
N HIS C 142 -1.78 -57.28 33.95
CA HIS C 142 -0.55 -57.26 34.73
C HIS C 142 -0.64 -56.27 35.90
N ILE C 143 -1.58 -56.52 36.80
CA ILE C 143 -1.57 -55.90 38.12
C ILE C 143 -2.03 -56.96 39.12
N LEU C 144 -1.21 -57.18 40.15
CA LEU C 144 -1.39 -58.20 41.17
C LEU C 144 -1.44 -57.53 42.54
N PRO C 145 -2.23 -58.05 43.47
CA PRO C 145 -2.30 -57.43 44.81
C PRO C 145 -0.97 -57.46 45.53
N MET C 146 -0.84 -56.59 46.53
CA MET C 146 0.39 -56.45 47.30
C MET C 146 0.17 -56.99 48.70
N ASP C 147 1.11 -57.82 49.16
CA ASP C 147 1.08 -58.38 50.51
C ASP C 147 1.89 -57.44 51.41
N TYR C 148 1.18 -56.48 52.02
CA TYR C 148 1.85 -55.38 52.72
C TYR C 148 2.80 -55.89 53.81
N LYS C 149 2.43 -56.98 54.48
CA LYS C 149 3.22 -57.45 55.61
C LYS C 149 4.62 -57.89 55.17
N SER C 150 4.71 -58.77 54.18
CA SER C 150 5.99 -59.34 53.80
C SER C 150 6.80 -58.41 52.91
N VAL C 151 6.14 -57.54 52.13
CA VAL C 151 6.88 -56.61 51.29
C VAL C 151 7.45 -55.47 52.13
N TRP C 152 6.68 -54.96 53.09
CA TRP C 152 7.22 -53.94 54.00
C TRP C 152 8.29 -54.53 54.91
N ALA C 153 8.21 -55.82 55.20
CA ALA C 153 9.26 -56.46 55.99
C ALA C 153 10.59 -56.45 55.25
N ALA C 154 10.55 -56.60 53.93
CA ALA C 154 11.77 -56.48 53.14
C ALA C 154 12.24 -55.02 53.08
N MET C 155 11.30 -54.08 53.06
CA MET C 155 11.67 -52.67 53.17
C MET C 155 12.31 -52.38 54.51
N GLU C 156 11.82 -53.03 55.57
CA GLU C 156 12.43 -52.85 56.89
C GLU C 156 13.85 -53.42 56.92
N GLU C 157 14.06 -54.56 56.25
CA GLU C 157 15.40 -55.14 56.21
C GLU C 157 16.37 -54.22 55.47
N CYS C 158 15.91 -53.55 54.41
CA CYS C 158 16.77 -52.63 53.67
C CYS C 158 17.29 -51.52 54.57
N GLN C 159 16.49 -51.08 55.55
CA GLN C 159 16.94 -50.04 56.47
C GLN C 159 17.89 -50.60 57.52
N THR C 160 17.57 -51.78 58.07
CA THR C 160 18.43 -52.37 59.10
C THR C 160 19.78 -52.78 58.53
N LEU C 161 19.84 -53.10 57.23
CA LEU C 161 21.11 -53.44 56.61
C LEU C 161 21.98 -52.22 56.35
N GLY C 162 21.42 -51.02 56.39
CA GLY C 162 22.18 -49.81 56.17
C GLY C 162 22.15 -49.25 54.76
N PHE C 163 21.31 -49.81 53.88
CA PHE C 163 21.25 -49.33 52.51
C PHE C 163 20.34 -48.11 52.35
N THR C 164 19.40 -47.91 53.27
CA THR C 164 18.57 -46.72 53.29
C THR C 164 18.38 -46.28 54.73
N ARG C 165 18.32 -44.97 54.94
CA ARG C 165 18.17 -44.44 56.29
C ARG C 165 16.71 -44.48 56.75
N ALA C 166 15.76 -44.41 55.83
CA ALA C 166 14.35 -44.41 56.18
C ALA C 166 13.55 -45.12 55.09
N ILE C 167 12.28 -45.41 55.42
CA ILE C 167 11.37 -46.07 54.49
C ILE C 167 9.99 -45.42 54.61
N GLY C 168 9.20 -45.56 53.55
CA GLY C 168 7.86 -45.01 53.54
C GLY C 168 7.06 -45.55 52.38
N VAL C 169 5.94 -44.88 52.09
CA VAL C 169 4.99 -45.31 51.07
C VAL C 169 4.57 -44.10 50.23
N CYS C 170 3.94 -44.39 49.09
CA CYS C 170 3.40 -43.37 48.20
C CYS C 170 1.97 -43.72 47.81
N ASN C 171 1.11 -42.71 47.78
CA ASN C 171 -0.27 -42.85 47.28
C ASN C 171 -1.07 -43.85 48.10
N PHE C 172 -0.81 -43.89 49.41
CA PHE C 172 -1.56 -44.74 50.32
C PHE C 172 -2.67 -43.94 50.98
N SER C 173 -3.86 -44.53 51.05
CA SER C 173 -4.97 -43.90 51.74
C SER C 173 -4.86 -44.14 53.24
N CYS C 174 -5.77 -43.52 54.00
CA CYS C 174 -5.81 -43.74 55.44
C CYS C 174 -6.09 -45.21 55.76
N LYS C 175 -7.01 -45.82 55.01
CA LYS C 175 -7.31 -47.24 55.19
C LYS C 175 -6.11 -48.11 54.86
N LYS C 176 -5.45 -47.83 53.73
CA LYS C 176 -4.31 -48.67 53.32
C LYS C 176 -3.12 -48.50 54.25
N LEU C 177 -2.99 -47.33 54.89
CA LEU C 177 -1.94 -47.17 55.88
C LEU C 177 -2.26 -47.92 57.16
N GLN C 178 -3.53 -47.90 57.59
CA GLN C 178 -3.92 -48.66 58.76
C GLN C 178 -3.60 -50.13 58.60
N GLU C 179 -3.81 -50.69 57.40
CA GLU C 179 -3.43 -52.07 57.14
C GLU C 179 -1.93 -52.27 57.31
N LEU C 180 -1.13 -51.41 56.66
CA LEU C 180 0.32 -51.55 56.73
C LEU C 180 0.82 -51.33 58.16
N MET C 181 0.14 -50.49 58.94
CA MET C 181 0.56 -50.23 60.31
C MET C 181 0.24 -51.39 61.25
N ALA C 182 -0.67 -52.28 60.85
CA ALA C 182 -1.12 -53.33 61.78
C ALA C 182 -0.02 -54.33 62.09
N ALA C 183 0.97 -54.47 61.21
CA ALA C 183 2.03 -55.45 61.40
C ALA C 183 3.43 -54.85 61.25
N ALA C 184 3.54 -53.54 61.10
CA ALA C 184 4.84 -52.92 60.86
C ALA C 184 5.63 -52.80 62.16
N LYS C 185 6.90 -53.22 62.11
CA LYS C 185 7.80 -52.97 63.23
C LYS C 185 8.42 -51.57 63.13
N ILE C 186 8.76 -51.15 61.92
CA ILE C 186 9.25 -49.80 61.64
C ILE C 186 8.14 -49.06 60.88
N PRO C 187 7.45 -48.11 61.52
CA PRO C 187 6.33 -47.46 60.85
C PRO C 187 6.81 -46.63 59.68
N PRO C 188 5.97 -46.46 58.64
CA PRO C 188 6.36 -45.61 57.52
C PRO C 188 6.56 -44.17 57.95
N VAL C 189 7.69 -43.59 57.54
CA VAL C 189 8.04 -42.25 57.98
C VAL C 189 7.36 -41.20 57.13
N VAL C 190 7.12 -41.49 55.85
CA VAL C 190 6.58 -40.52 54.90
C VAL C 190 5.51 -41.19 54.05
N ASN C 191 4.42 -40.47 53.80
CA ASN C 191 3.40 -40.86 52.84
C ASN C 191 3.35 -39.78 51.76
N GLN C 192 3.98 -40.05 50.62
CA GLN C 192 4.03 -39.10 49.52
C GLN C 192 2.77 -39.27 48.67
N VAL C 193 1.88 -38.27 48.73
CA VAL C 193 0.61 -38.31 48.03
C VAL C 193 0.41 -37.00 47.28
N GLU C 194 -0.64 -36.95 46.47
CA GLU C 194 -1.01 -35.72 45.80
C GLU C 194 -1.69 -34.80 46.80
N MET C 195 -1.16 -33.58 46.94
CA MET C 195 -1.76 -32.58 47.80
C MET C 195 -1.63 -31.22 47.13
N SER C 196 -2.76 -30.53 47.00
CA SER C 196 -2.80 -29.26 46.30
C SER C 196 -4.02 -28.49 46.82
N PRO C 197 -4.14 -27.20 46.47
CA PRO C 197 -5.37 -26.46 46.83
C PRO C 197 -6.64 -27.06 46.25
N THR C 198 -6.55 -28.06 45.38
CA THR C 198 -7.73 -28.75 44.85
C THR C 198 -7.89 -30.16 45.42
N LEU C 199 -7.01 -30.59 46.32
CA LEU C 199 -7.12 -31.89 46.98
C LEU C 199 -6.42 -31.77 48.33
N HIS C 200 -7.20 -31.43 49.36
CA HIS C 200 -6.64 -31.07 50.66
C HIS C 200 -6.21 -32.29 51.47
N GLN C 201 -6.79 -33.46 51.22
CA GLN C 201 -6.37 -34.71 51.87
C GLN C 201 -6.47 -34.62 53.39
N LYS C 202 -7.56 -34.00 53.87
CA LYS C 202 -7.64 -33.64 55.28
C LYS C 202 -7.76 -34.88 56.17
N ASN C 203 -8.46 -35.91 55.72
CA ASN C 203 -8.54 -37.15 56.50
C ASN C 203 -7.19 -37.85 56.56
N LEU C 204 -6.42 -37.78 55.48
CA LEU C 204 -5.09 -38.40 55.48
C LEU C 204 -4.13 -37.63 56.37
N ARG C 205 -4.25 -36.30 56.41
CA ARG C 205 -3.35 -35.50 57.23
C ARG C 205 -3.68 -35.62 58.72
N GLU C 206 -4.95 -35.86 59.06
CA GLU C 206 -5.30 -36.06 60.46
C GLU C 206 -4.73 -37.38 60.98
N TYR C 207 -4.88 -38.45 60.20
CA TYR C 207 -4.35 -39.75 60.61
C TYR C 207 -2.84 -39.74 60.66
N CYS C 208 -2.19 -39.24 59.61
CA CYS C 208 -0.74 -39.21 59.57
C CYS C 208 -0.14 -38.32 60.66
N LYS C 209 -0.89 -37.30 61.09
CA LYS C 209 -0.40 -36.44 62.16
C LYS C 209 -0.50 -37.13 63.51
N ALA C 210 -1.58 -37.89 63.74
CA ALA C 210 -1.73 -38.65 64.98
C ALA C 210 -0.75 -39.81 65.07
N ASN C 211 -0.07 -40.16 63.98
CA ASN C 211 0.88 -41.27 63.96
C ASN C 211 2.27 -40.82 63.52
N ASN C 212 2.51 -39.52 63.44
CA ASN C 212 3.84 -38.96 63.15
C ASN C 212 4.38 -39.42 61.80
N ILE C 213 3.50 -39.46 60.81
CA ILE C 213 3.88 -39.79 59.43
C ILE C 213 3.89 -38.50 58.62
N MET C 214 5.02 -38.20 58.00
CA MET C 214 5.13 -36.97 57.22
C MET C 214 4.41 -37.11 55.89
N ILE C 215 3.63 -36.11 55.54
CA ILE C 215 2.97 -36.03 54.24
C ILE C 215 3.84 -35.19 53.31
N THR C 216 4.30 -35.80 52.23
CA THR C 216 5.05 -35.09 51.19
C THR C 216 4.16 -34.99 49.96
N ALA C 217 4.02 -33.77 49.43
CA ALA C 217 3.05 -33.49 48.38
C ALA C 217 3.71 -33.55 47.01
N HIS C 218 3.08 -34.26 46.08
CA HIS C 218 3.38 -34.17 44.67
C HIS C 218 2.15 -33.64 43.93
N SER C 219 2.36 -33.27 42.67
CA SER C 219 1.29 -32.68 41.84
C SER C 219 0.67 -31.47 42.54
N VAL C 220 1.53 -30.61 43.09
CA VAL C 220 1.04 -29.41 43.76
C VAL C 220 0.40 -28.46 42.77
N LEU C 221 0.87 -28.46 41.52
CA LEU C 221 0.31 -27.64 40.45
C LEU C 221 -0.68 -28.41 39.58
N GLY C 222 -1.15 -29.56 40.06
CA GLY C 222 -2.14 -30.32 39.32
C GLY C 222 -1.61 -31.03 38.10
N ALA C 223 -0.29 -31.23 38.00
CA ALA C 223 0.33 -31.89 36.86
C ALA C 223 -0.12 -31.26 35.54
N ILE C 224 0.04 -29.94 35.46
CA ILE C 224 -0.49 -29.18 34.32
C ILE C 224 0.12 -29.68 33.01
N CYS C 225 1.40 -30.04 33.05
CA CYS C 225 2.10 -30.53 31.86
C CYS C 225 1.99 -32.03 31.67
N ALA C 226 1.43 -32.74 32.63
CA ALA C 226 1.36 -34.19 32.47
C ALA C 226 0.01 -34.62 31.93
N PRO C 227 0.02 -35.67 31.08
CA PRO C 227 -1.23 -36.23 30.55
C PRO C 227 -2.37 -36.37 31.56
N TRP C 228 -2.14 -37.08 32.65
CA TRP C 228 -3.17 -37.29 33.68
C TRP C 228 -3.49 -36.02 34.47
N GLY C 229 -2.97 -34.86 34.09
CA GLY C 229 -3.15 -33.66 34.86
C GLY C 229 -4.43 -32.91 34.53
N SER C 230 -4.59 -31.76 35.19
CA SER C 230 -5.74 -30.90 35.00
C SER C 230 -5.28 -29.45 35.05
N ASN C 231 -6.23 -28.54 34.86
CA ASN C 231 -5.98 -27.11 34.95
C ASN C 231 -6.56 -26.49 36.21
N ALA C 232 -6.95 -27.33 37.19
CA ALA C 232 -7.71 -26.84 38.33
C ALA C 232 -6.89 -25.89 39.21
N VAL C 233 -5.58 -26.08 39.29
CA VAL C 233 -4.75 -25.24 40.15
C VAL C 233 -4.31 -23.97 39.44
N MET C 234 -3.75 -24.10 38.24
CA MET C 234 -3.19 -22.93 37.56
C MET C 234 -4.25 -21.99 37.00
N ASP C 235 -5.49 -22.45 36.88
CA ASP C 235 -6.58 -21.63 36.33
C ASP C 235 -7.55 -21.15 37.41
N SER C 236 -7.27 -21.42 38.68
CA SER C 236 -8.19 -21.05 39.75
C SER C 236 -8.19 -19.54 39.93
N LYS C 237 -9.38 -18.93 39.80
CA LYS C 237 -9.51 -17.50 40.05
C LYS C 237 -9.27 -17.15 41.50
N VAL C 238 -9.61 -18.06 42.42
CA VAL C 238 -9.32 -17.85 43.83
C VAL C 238 -7.82 -17.71 44.04
N LEU C 239 -7.04 -18.61 43.44
CA LEU C 239 -5.59 -18.54 43.57
C LEU C 239 -5.02 -17.32 42.85
N HIS C 240 -5.59 -16.95 41.71
CA HIS C 240 -5.20 -15.72 41.05
C HIS C 240 -5.51 -14.50 41.92
N GLN C 241 -6.70 -14.49 42.52
CA GLN C 241 -7.09 -13.38 43.39
C GLN C 241 -6.07 -13.16 44.50
N ILE C 242 -5.68 -14.24 45.18
CA ILE C 242 -4.72 -14.13 46.27
C ILE C 242 -3.34 -13.77 45.73
N ALA C 243 -2.99 -14.33 44.56
CA ALA C 243 -1.67 -14.09 44.00
C ALA C 243 -1.45 -12.63 43.66
N VAL C 244 -2.50 -11.94 43.19
CA VAL C 244 -2.38 -10.53 42.85
C VAL C 244 -2.36 -9.67 44.12
N ALA C 245 -3.14 -10.05 45.13
CA ALA C 245 -3.20 -9.27 46.37
C ALA C 245 -1.86 -9.26 47.08
N ARG C 246 -1.14 -10.38 47.05
CA ARG C 246 0.16 -10.50 47.68
C ARG C 246 1.31 -10.22 46.72
N GLY C 247 1.03 -10.06 45.43
CA GLY C 247 2.07 -9.79 44.45
C GLY C 247 2.97 -10.97 44.18
N LYS C 248 2.37 -12.14 43.92
CA LYS C 248 3.13 -13.36 43.68
C LYS C 248 2.41 -14.19 42.63
N SER C 249 2.99 -15.34 42.30
CA SER C 249 2.45 -16.20 41.26
C SER C 249 1.48 -17.23 41.85
N VAL C 250 0.66 -17.81 40.97
CA VAL C 250 -0.21 -18.90 41.38
C VAL C 250 0.61 -20.09 41.87
N ALA C 251 1.76 -20.32 41.23
CA ALA C 251 2.65 -21.39 41.69
C ALA C 251 3.18 -21.11 43.08
N GLN C 252 3.52 -19.84 43.36
CA GLN C 252 3.95 -19.47 44.70
C GLN C 252 2.86 -19.72 45.73
N VAL C 253 1.62 -19.37 45.38
CA VAL C 253 0.51 -19.49 46.34
C VAL C 253 0.27 -20.95 46.70
N SER C 254 0.24 -21.83 45.70
CA SER C 254 -0.04 -23.24 45.96
C SER C 254 1.06 -23.89 46.77
N MET C 255 2.33 -23.54 46.48
CA MET C 255 3.44 -24.13 47.23
C MET C 255 3.46 -23.64 48.66
N ARG C 256 3.19 -22.36 48.88
CA ARG C 256 3.12 -21.84 50.25
C ARG C 256 2.02 -22.54 51.04
N TRP C 257 0.87 -22.75 50.42
CA TRP C 257 -0.25 -23.40 51.10
C TRP C 257 0.13 -24.81 51.56
N VAL C 258 0.84 -25.56 50.71
CA VAL C 258 1.21 -26.92 51.06
C VAL C 258 2.14 -26.93 52.26
N TYR C 259 3.15 -26.06 52.25
CA TYR C 259 4.07 -26.00 53.39
C TYR C 259 3.42 -25.38 54.61
N GLN C 260 2.53 -24.41 54.42
CA GLN C 260 1.81 -23.81 55.54
C GLN C 260 0.82 -24.77 56.18
N GLN C 261 0.40 -25.81 55.45
CA GLN C 261 -0.42 -26.88 56.01
C GLN C 261 0.42 -27.95 56.71
N GLY C 262 1.69 -27.68 56.95
CA GLY C 262 2.54 -28.61 57.67
C GLY C 262 2.96 -29.83 56.88
N ALA C 263 3.19 -29.68 55.58
CA ALA C 263 3.58 -30.80 54.73
C ALA C 263 4.82 -30.44 53.93
N SER C 264 5.56 -31.45 53.52
CA SER C 264 6.67 -31.30 52.61
C SER C 264 6.18 -31.43 51.18
N LEU C 265 7.01 -31.00 50.23
CA LEU C 265 6.58 -30.98 48.84
C LEU C 265 7.77 -31.22 47.91
N VAL C 266 7.53 -32.03 46.88
CA VAL C 266 8.48 -32.22 45.78
C VAL C 266 7.92 -31.54 44.55
N VAL C 267 8.71 -30.66 43.94
CA VAL C 267 8.27 -29.85 42.81
C VAL C 267 9.09 -30.21 41.58
N LYS C 268 8.44 -30.24 40.43
CA LYS C 268 9.09 -30.49 39.15
C LYS C 268 9.35 -29.15 38.47
N SER C 269 10.63 -28.84 38.27
CA SER C 269 11.06 -27.62 37.60
C SER C 269 12.03 -27.98 36.49
N PHE C 270 11.70 -27.56 35.27
CA PHE C 270 12.54 -27.68 34.08
C PHE C 270 12.95 -26.31 33.56
N ASN C 271 12.75 -25.28 34.36
CA ASN C 271 13.18 -23.92 34.05
C ASN C 271 13.99 -23.40 35.21
N GLU C 272 15.10 -22.71 34.91
CA GLU C 272 15.90 -22.10 35.95
C GLU C 272 15.12 -21.03 36.70
N GLY C 273 14.18 -20.36 36.02
CA GLY C 273 13.42 -19.30 36.66
C GLY C 273 12.45 -19.83 37.70
N ARG C 274 11.78 -20.95 37.41
CA ARG C 274 10.82 -21.51 38.35
C ARG C 274 11.52 -22.07 39.59
N MET C 275 12.61 -22.81 39.39
CA MET C 275 13.27 -23.44 40.54
C MET C 275 13.94 -22.42 41.43
N LYS C 276 14.32 -21.25 40.91
CA LYS C 276 14.81 -20.18 41.77
C LYS C 276 13.68 -19.55 42.56
N GLU C 277 12.53 -19.35 41.91
CA GLU C 277 11.38 -18.75 42.58
C GLU C 277 10.74 -19.67 43.61
N ASN C 278 10.94 -21.00 43.49
CA ASN C 278 10.30 -21.93 44.41
C ASN C 278 10.92 -21.86 45.81
N LEU C 279 12.22 -21.57 45.89
CA LEU C 279 12.88 -21.44 47.19
C LEU C 279 12.45 -20.20 47.96
N LYS C 280 11.56 -19.39 47.40
CA LYS C 280 11.08 -18.18 48.05
C LYS C 280 9.77 -18.38 48.80
N ILE C 281 9.18 -19.58 48.74
CA ILE C 281 7.96 -19.85 49.48
C ILE C 281 8.16 -19.85 50.99
N PHE C 282 9.41 -19.75 51.44
CA PHE C 282 9.72 -19.72 52.86
C PHE C 282 9.98 -18.30 53.38
N ASP C 283 9.87 -17.29 52.53
CA ASP C 283 10.11 -15.91 52.92
C ASP C 283 8.83 -15.11 53.12
N TRP C 284 7.67 -15.78 53.10
CA TRP C 284 6.39 -15.10 53.27
C TRP C 284 5.38 -16.13 53.75
N GLU C 285 4.20 -15.64 54.14
CA GLU C 285 3.15 -16.51 54.65
C GLU C 285 1.79 -15.99 54.22
N LEU C 286 0.88 -16.91 53.92
CA LEU C 286 -0.48 -16.55 53.57
C LEU C 286 -1.25 -16.11 54.82
N THR C 287 -2.13 -15.13 54.63
CA THR C 287 -2.93 -14.62 55.74
C THR C 287 -4.00 -15.65 56.12
N ALA C 288 -4.76 -15.33 57.17
CA ALA C 288 -5.79 -16.24 57.64
C ALA C 288 -6.96 -16.31 56.65
N GLU C 289 -7.33 -15.17 56.06
CA GLU C 289 -8.40 -15.18 55.07
C GLU C 289 -7.96 -15.82 53.76
N ASN C 290 -6.68 -15.69 53.41
CA ASN C 290 -6.15 -16.38 52.24
C ASN C 290 -6.32 -17.89 52.38
N MET C 291 -5.86 -18.45 53.50
CA MET C 291 -5.99 -19.88 53.73
C MET C 291 -7.46 -20.30 53.82
N GLU C 292 -8.32 -19.44 54.36
CA GLU C 292 -9.71 -19.80 54.55
C GLU C 292 -10.50 -19.73 53.24
N LYS C 293 -10.10 -18.87 52.31
CA LYS C 293 -10.68 -18.89 50.97
C LYS C 293 -10.09 -19.98 50.09
N ILE C 294 -8.87 -20.44 50.39
CA ILE C 294 -8.35 -21.61 49.70
C ILE C 294 -9.08 -22.87 50.16
N SER C 295 -9.51 -22.91 51.42
CA SER C 295 -10.18 -24.09 51.94
C SER C 295 -11.53 -24.34 51.27
N GLU C 296 -12.15 -23.32 50.72
CA GLU C 296 -13.45 -23.44 50.06
C GLU C 296 -13.33 -23.69 48.57
N ILE C 297 -12.13 -23.90 48.05
CA ILE C 297 -11.96 -24.23 46.63
C ILE C 297 -12.57 -25.59 46.35
N PRO C 298 -13.34 -25.75 45.27
CA PRO C 298 -13.92 -27.07 44.97
C PRO C 298 -12.83 -28.12 44.78
N GLN C 299 -13.09 -29.30 45.33
CA GLN C 299 -12.11 -30.38 45.35
C GLN C 299 -12.20 -31.23 44.09
N SER C 300 -11.06 -31.79 43.70
CA SER C 300 -10.97 -32.61 42.50
C SER C 300 -9.64 -33.35 42.45
N ARG C 301 -9.66 -34.67 42.61
CA ARG C 301 -8.43 -35.45 42.49
C ARG C 301 -7.97 -35.43 41.04
N THR C 302 -6.72 -35.00 40.83
CA THR C 302 -6.16 -34.90 39.49
C THR C 302 -5.44 -36.18 39.09
N SER C 303 -4.46 -36.61 39.89
CA SER C 303 -3.69 -37.80 39.60
C SER C 303 -4.57 -39.04 39.50
N SER C 304 -4.64 -39.62 38.32
CA SER C 304 -5.42 -40.84 38.12
C SER C 304 -4.65 -42.05 38.62
N ALA C 305 -5.37 -43.15 38.81
CA ALA C 305 -4.78 -44.44 39.12
C ALA C 305 -4.92 -45.41 37.96
N ASP C 306 -5.53 -45.00 36.85
CA ASP C 306 -5.67 -45.86 35.69
C ASP C 306 -4.31 -46.30 35.16
N PHE C 307 -3.38 -45.36 35.05
CA PHE C 307 -2.03 -45.67 34.58
C PHE C 307 -1.18 -46.23 35.72
N PRO C 311 -8.51 -53.86 36.57
CA PRO C 311 -9.38 -54.76 35.81
C PRO C 311 -9.48 -56.14 36.42
N THR C 312 -8.76 -57.10 35.83
CA THR C 312 -8.71 -58.46 36.36
C THR C 312 -7.63 -58.56 37.44
N GLY C 313 -7.37 -57.46 38.14
CA GLY C 313 -6.37 -57.43 39.17
C GLY C 313 -6.94 -57.03 40.52
N PRO C 314 -6.19 -56.24 41.29
CA PRO C 314 -6.58 -55.80 42.63
C PRO C 314 -7.40 -54.53 42.62
N GLU C 319 -11.20 -44.90 43.15
CA GLU C 319 -12.35 -45.30 43.95
C GLU C 319 -11.98 -46.41 44.92
N GLU C 320 -11.31 -47.44 44.41
CA GLU C 320 -10.69 -48.49 45.22
C GLU C 320 -9.23 -48.20 45.52
N PHE C 321 -8.54 -47.54 44.59
CA PHE C 321 -7.14 -47.18 44.78
C PHE C 321 -6.97 -46.13 45.87
N TRP C 322 -8.00 -45.31 46.10
CA TRP C 322 -7.90 -44.19 47.03
C TRP C 322 -8.84 -44.29 48.21
N ASP C 323 -9.87 -45.13 48.15
CA ASP C 323 -10.82 -45.30 49.25
C ASP C 323 -11.44 -43.98 49.69
N GLY D 10 -0.80 17.31 -51.62
CA GLY D 10 -1.94 16.63 -51.01
C GLY D 10 -2.40 15.43 -51.81
N VAL D 11 -3.70 15.14 -51.70
CA VAL D 11 -4.30 13.99 -52.40
C VAL D 11 -4.54 14.36 -53.86
N PRO D 12 -3.89 13.70 -54.81
CA PRO D 12 -4.10 14.04 -56.22
C PRO D 12 -5.51 13.69 -56.67
N MET D 13 -6.02 14.51 -57.58
CA MET D 13 -7.31 14.26 -58.21
C MET D 13 -7.15 13.26 -59.34
N ILE D 14 -8.13 12.36 -59.47
CA ILE D 14 -8.18 11.40 -60.57
C ILE D 14 -9.38 11.75 -61.44
N THR D 15 -9.11 12.02 -62.72
CA THR D 15 -10.18 12.34 -63.66
C THR D 15 -10.85 11.05 -64.13
N LEU D 16 -12.15 10.99 -63.98
CA LEU D 16 -12.93 9.84 -64.42
C LEU D 16 -13.38 10.04 -65.87
N SER D 17 -13.91 8.97 -66.47
CA SER D 17 -14.22 8.99 -67.90
C SER D 17 -15.28 10.02 -68.22
N SER D 18 -16.16 10.33 -67.27
CA SER D 18 -17.20 11.34 -67.51
C SER D 18 -16.70 12.76 -67.30
N GLY D 19 -15.46 12.94 -66.85
CA GLY D 19 -14.90 14.25 -66.57
C GLY D 19 -14.96 14.65 -65.12
N ILE D 20 -15.80 14.01 -64.32
CA ILE D 20 -15.87 14.29 -62.89
C ILE D 20 -14.57 13.88 -62.24
N ARG D 21 -14.03 14.75 -61.39
CA ARG D 21 -12.75 14.52 -60.74
C ARG D 21 -12.95 13.93 -59.35
N MET D 22 -12.03 13.04 -58.96
CA MET D 22 -12.18 12.19 -57.79
C MET D 22 -10.87 12.17 -57.02
N PRO D 23 -10.90 12.42 -55.71
CA PRO D 23 -9.69 12.25 -54.89
C PRO D 23 -9.19 10.83 -54.96
N ALA D 24 -7.88 10.66 -55.17
CA ALA D 24 -7.33 9.33 -55.35
C ALA D 24 -7.43 8.49 -54.10
N LEU D 25 -7.50 9.13 -52.93
CA LEU D 25 -7.54 8.45 -51.65
C LEU D 25 -8.79 8.88 -50.88
N GLY D 26 -9.58 7.90 -50.44
CA GLY D 26 -10.78 8.17 -49.68
C GLY D 26 -10.86 7.29 -48.44
N MET D 27 -11.73 7.70 -47.53
CA MET D 27 -11.97 6.98 -46.29
C MET D 27 -13.31 6.27 -46.35
N GLY D 28 -13.32 4.98 -46.04
CA GLY D 28 -14.51 4.17 -46.11
C GLY D 28 -15.21 4.02 -44.78
N THR D 29 -16.14 3.07 -44.74
CA THR D 29 -16.99 2.82 -43.59
C THR D 29 -16.75 1.42 -43.04
N ALA D 30 -16.65 1.29 -41.72
CA ALA D 30 -16.60 -0.02 -41.09
C ALA D 30 -17.82 -0.83 -41.47
N GLU D 31 -17.60 -2.01 -42.06
CA GLU D 31 -18.67 -2.78 -42.69
C GLU D 31 -19.56 -3.49 -41.68
N THR D 32 -19.58 -3.01 -40.44
CA THR D 32 -20.43 -3.59 -39.41
C THR D 32 -21.90 -3.33 -39.77
N MET D 33 -22.62 -4.41 -40.07
CA MET D 33 -24.05 -4.32 -40.42
C MET D 33 -24.94 -4.05 -39.22
N VAL D 34 -24.52 -3.17 -38.31
CA VAL D 34 -25.34 -2.73 -37.20
C VAL D 34 -25.51 -1.21 -37.30
N LYS D 35 -26.25 -0.62 -36.37
CA LYS D 35 -26.47 0.81 -36.40
C LYS D 35 -25.15 1.56 -36.21
N GLY D 36 -25.13 2.80 -36.70
CA GLY D 36 -23.94 3.61 -36.58
C GLY D 36 -23.78 4.20 -35.20
N THR D 37 -22.53 4.47 -34.83
CA THR D 37 -22.18 5.02 -33.53
C THR D 37 -21.69 6.46 -33.68
N GLU D 38 -21.73 7.19 -32.58
CA GLU D 38 -21.26 8.57 -32.57
C GLU D 38 -19.75 8.67 -32.71
N ARG D 39 -19.01 7.63 -32.33
CA ARG D 39 -17.58 7.61 -32.53
C ARG D 39 -17.19 7.34 -33.98
N GLU D 40 -18.11 6.78 -34.77
CA GLU D 40 -17.90 6.71 -36.21
C GLU D 40 -18.04 8.09 -36.85
N LYS D 41 -19.05 8.85 -36.43
CA LYS D 41 -19.22 10.20 -36.94
C LYS D 41 -18.05 11.09 -36.56
N LEU D 42 -17.50 10.89 -35.36
CA LEU D 42 -16.33 11.65 -34.94
C LEU D 42 -15.10 11.25 -35.74
N ALA D 43 -15.03 10.00 -36.21
CA ALA D 43 -13.92 9.58 -37.05
C ALA D 43 -13.95 10.27 -38.41
N PHE D 44 -15.14 10.31 -39.03
CA PHE D 44 -15.29 11.07 -40.27
C PHE D 44 -14.91 12.53 -40.06
N LEU D 45 -15.34 13.12 -38.95
CA LEU D 45 -15.11 14.54 -38.72
C LEU D 45 -13.62 14.85 -38.56
N LYS D 46 -12.91 14.03 -37.78
CA LYS D 46 -11.46 14.22 -37.66
C LYS D 46 -10.76 13.98 -38.99
N ALA D 47 -11.33 13.12 -39.83
CA ALA D 47 -10.75 12.90 -41.16
C ALA D 47 -10.89 14.13 -42.04
N ILE D 48 -12.06 14.78 -41.99
CA ILE D 48 -12.23 16.04 -42.72
C ILE D 48 -11.23 17.08 -42.21
N GLU D 49 -11.00 17.09 -40.90
CA GLU D 49 -10.04 18.03 -40.33
C GLU D 49 -8.62 17.73 -40.82
N VAL D 50 -8.30 16.45 -41.01
CA VAL D 50 -6.96 16.08 -41.47
C VAL D 50 -6.78 16.43 -42.96
N GLY D 51 -7.84 16.28 -43.75
CA GLY D 51 -7.79 16.68 -45.15
C GLY D 51 -8.46 15.72 -46.10
N TYR D 52 -9.20 14.75 -45.56
CA TYR D 52 -9.94 13.81 -46.40
C TYR D 52 -11.14 14.50 -47.03
N ARG D 53 -11.30 14.34 -48.34
CA ARG D 53 -12.43 14.91 -49.05
C ARG D 53 -13.24 13.87 -49.81
N HIS D 54 -12.79 12.61 -49.83
CA HIS D 54 -13.48 11.52 -50.50
C HIS D 54 -13.96 10.54 -49.43
N PHE D 55 -15.27 10.32 -49.37
CA PHE D 55 -15.86 9.43 -48.39
C PHE D 55 -16.79 8.44 -49.07
N ASP D 56 -16.79 7.21 -48.56
CA ASP D 56 -17.48 6.09 -49.18
C ASP D 56 -18.25 5.35 -48.10
N THR D 57 -19.54 5.10 -48.35
CA THR D 57 -20.39 4.38 -47.40
C THR D 57 -21.28 3.43 -48.19
N ALA D 58 -22.26 2.84 -47.51
CA ALA D 58 -23.19 1.93 -48.14
C ALA D 58 -24.45 1.84 -47.30
N ALA D 59 -25.58 1.60 -47.99
CA ALA D 59 -26.84 1.41 -47.27
C ALA D 59 -26.83 0.15 -46.44
N ALA D 60 -26.06 -0.86 -46.85
CA ALA D 60 -25.97 -2.11 -46.10
C ALA D 60 -25.17 -1.98 -44.82
N TYR D 61 -24.47 -0.86 -44.62
CA TYR D 61 -23.66 -0.66 -43.43
C TYR D 61 -24.31 0.32 -42.45
N GLN D 62 -25.57 0.68 -42.69
CA GLN D 62 -26.42 1.42 -41.76
C GLN D 62 -25.70 2.57 -41.08
N SER D 63 -24.80 3.24 -41.80
CA SER D 63 -23.99 4.29 -41.22
C SER D 63 -24.05 5.60 -41.99
N GLU D 64 -24.87 5.69 -43.04
CA GLU D 64 -24.94 6.92 -43.83
C GLU D 64 -25.33 8.12 -42.98
N GLU D 65 -25.98 7.89 -41.84
CA GLU D 65 -26.39 8.99 -40.97
C GLU D 65 -25.26 9.47 -40.07
N CYS D 66 -24.21 8.65 -39.89
CA CYS D 66 -23.01 9.13 -39.21
C CYS D 66 -22.15 9.96 -40.15
N LEU D 67 -22.13 9.64 -41.44
CA LEU D 67 -21.46 10.49 -42.40
C LEU D 67 -22.26 11.76 -42.65
N GLY D 68 -23.59 11.70 -42.52
CA GLY D 68 -24.40 12.88 -42.73
C GLY D 68 -24.19 13.94 -41.67
N GLU D 69 -24.16 13.53 -40.40
CA GLU D 69 -23.92 14.47 -39.32
C GLU D 69 -22.51 15.03 -39.35
N ALA D 70 -21.53 14.22 -39.76
CA ALA D 70 -20.16 14.72 -39.85
C ALA D 70 -20.04 15.79 -40.92
N ILE D 71 -20.73 15.62 -42.04
CA ILE D 71 -20.72 16.64 -43.08
C ILE D 71 -21.32 17.95 -42.57
N ALA D 72 -22.41 17.84 -41.81
CA ALA D 72 -23.08 19.03 -41.29
C ALA D 72 -22.20 19.80 -40.33
N GLU D 73 -21.61 19.10 -39.35
CA GLU D 73 -20.81 19.78 -38.34
C GLU D 73 -19.49 20.31 -38.92
N ALA D 74 -18.94 19.64 -39.93
CA ALA D 74 -17.77 20.17 -40.61
C ALA D 74 -18.07 21.45 -41.37
N LEU D 75 -19.33 21.66 -41.76
CA LEU D 75 -19.72 22.90 -42.41
C LEU D 75 -19.96 24.02 -41.41
N GLN D 76 -20.42 23.70 -40.21
CA GLN D 76 -20.40 24.63 -39.09
C GLN D 76 -18.97 25.11 -38.83
N LEU D 77 -18.14 24.18 -38.38
CA LEU D 77 -16.79 24.46 -37.89
C LEU D 77 -15.85 25.04 -38.95
N GLY D 78 -16.35 25.23 -40.16
CA GLY D 78 -15.60 25.92 -41.19
C GLY D 78 -14.44 25.11 -41.72
N LEU D 79 -14.39 23.82 -41.33
CA LEU D 79 -13.40 22.92 -41.89
C LEU D 79 -13.51 22.86 -43.40
N ILE D 80 -14.73 22.66 -43.90
CA ILE D 80 -15.04 22.75 -45.33
C ILE D 80 -16.00 23.92 -45.51
N LYS D 81 -15.83 24.65 -46.62
CA LYS D 81 -16.66 25.80 -46.92
C LYS D 81 -17.94 25.44 -47.67
N SER D 82 -17.99 24.24 -48.26
CA SER D 82 -19.13 23.86 -49.09
C SER D 82 -19.17 22.36 -49.24
N ARG D 83 -20.33 21.85 -49.65
CA ARG D 83 -20.51 20.41 -49.84
C ARG D 83 -19.91 19.94 -51.15
N ASP D 84 -19.88 20.78 -52.18
CA ASP D 84 -19.27 20.40 -53.45
C ASP D 84 -17.74 20.32 -53.37
N GLU D 85 -17.20 20.50 -52.16
CA GLU D 85 -15.81 20.23 -51.87
C GLU D 85 -15.56 18.79 -51.45
N LEU D 86 -16.62 18.01 -51.25
CA LEU D 86 -16.55 16.61 -50.85
C LEU D 86 -16.92 15.70 -52.00
N PHE D 87 -16.46 14.45 -51.91
CA PHE D 87 -16.82 13.40 -52.86
C PHE D 87 -17.51 12.30 -52.06
N ILE D 88 -18.84 12.27 -52.11
CA ILE D 88 -19.64 11.32 -51.35
C ILE D 88 -20.03 10.16 -52.26
N THR D 89 -19.77 8.94 -51.81
CA THR D 89 -20.13 7.73 -52.52
C THR D 89 -21.00 6.86 -51.63
N SER D 90 -21.99 6.21 -52.22
CA SER D 90 -22.81 5.24 -51.51
C SER D 90 -23.08 4.06 -52.42
N LYS D 91 -23.65 3.00 -51.85
CA LYS D 91 -23.85 1.74 -52.55
C LYS D 91 -25.30 1.31 -52.47
N LEU D 92 -25.74 0.59 -53.50
CA LEU D 92 -27.07 0.04 -53.58
C LEU D 92 -27.08 -1.39 -53.05
N TRP D 93 -27.93 -1.66 -52.06
CA TRP D 93 -28.00 -2.99 -51.49
C TRP D 93 -28.75 -3.95 -52.40
N CYS D 94 -28.41 -5.23 -52.30
CA CYS D 94 -28.97 -6.24 -53.20
C CYS D 94 -30.48 -6.40 -53.02
N ALA D 95 -31.02 -6.06 -51.85
CA ALA D 95 -32.46 -6.15 -51.65
C ALA D 95 -33.21 -5.06 -52.43
N ASP D 96 -32.54 -3.95 -52.74
CA ASP D 96 -33.10 -2.90 -53.59
C ASP D 96 -32.58 -2.97 -55.01
N ALA D 97 -31.89 -4.05 -55.37
CA ALA D 97 -31.31 -4.19 -56.71
C ALA D 97 -32.36 -4.68 -57.71
N HIS D 98 -33.52 -4.05 -57.71
CA HIS D 98 -34.57 -4.30 -58.69
C HIS D 98 -35.00 -2.96 -59.24
N ALA D 99 -35.25 -2.92 -60.56
CA ALA D 99 -35.38 -1.66 -61.28
C ALA D 99 -36.32 -0.68 -60.57
N ASP D 100 -37.46 -1.18 -60.08
CA ASP D 100 -38.43 -0.31 -59.43
C ASP D 100 -37.98 0.16 -58.06
N LEU D 101 -36.91 -0.42 -57.51
CA LEU D 101 -36.47 -0.14 -56.15
C LEU D 101 -35.19 0.68 -56.09
N VAL D 102 -34.67 1.12 -57.24
CA VAL D 102 -33.37 1.77 -57.27
C VAL D 102 -33.48 3.24 -56.85
N LEU D 103 -34.31 4.01 -57.56
CA LEU D 103 -34.50 5.41 -57.17
C LEU D 103 -35.05 5.57 -55.76
N PRO D 104 -35.97 4.74 -55.26
CA PRO D 104 -36.34 4.84 -53.83
C PRO D 104 -35.15 4.62 -52.91
N ALA D 105 -34.30 3.63 -53.21
CA ALA D 105 -33.15 3.35 -52.36
C ALA D 105 -32.16 4.51 -52.38
N LEU D 106 -31.90 5.06 -53.56
CA LEU D 106 -30.99 6.20 -53.65
C LEU D 106 -31.53 7.42 -52.92
N GLN D 107 -32.84 7.64 -53.02
CA GLN D 107 -33.44 8.77 -52.31
C GLN D 107 -33.49 8.53 -50.81
N ASN D 108 -33.57 7.26 -50.39
CA ASN D 108 -33.48 6.96 -48.95
C ASN D 108 -32.07 7.21 -48.43
N SER D 109 -31.06 6.81 -49.21
CA SER D 109 -29.68 7.08 -48.81
C SER D 109 -29.41 8.58 -48.77
N LEU D 110 -29.95 9.32 -49.73
CA LEU D 110 -29.78 10.77 -49.74
C LEU D 110 -30.43 11.43 -48.52
N ARG D 111 -31.51 10.84 -48.02
CA ARG D 111 -32.15 11.38 -46.81
C ARG D 111 -31.29 11.10 -45.58
N ASN D 112 -30.81 9.85 -45.45
CA ASN D 112 -29.96 9.51 -44.31
C ASN D 112 -28.66 10.32 -44.33
N LEU D 113 -28.17 10.68 -45.51
CA LEU D 113 -26.98 11.51 -45.63
C LEU D 113 -27.27 12.99 -45.54
N LYS D 114 -28.54 13.39 -45.63
CA LYS D 114 -28.94 14.80 -45.62
C LYS D 114 -28.20 15.59 -46.69
N LEU D 115 -28.08 14.99 -47.88
CA LEU D 115 -27.50 15.61 -49.05
C LEU D 115 -28.52 15.61 -50.18
N ASP D 116 -28.36 16.54 -51.12
CA ASP D 116 -29.28 16.59 -52.25
C ASP D 116 -28.84 15.66 -53.38
N TYR D 117 -27.55 15.45 -53.55
CA TYR D 117 -27.04 14.62 -54.63
C TYR D 117 -25.81 13.85 -54.16
N LEU D 118 -25.60 12.69 -54.75
CA LEU D 118 -24.37 11.92 -54.55
C LEU D 118 -23.40 12.20 -55.69
N ASP D 119 -22.11 12.06 -55.40
CA ASP D 119 -21.10 12.18 -56.44
C ASP D 119 -20.91 10.87 -57.18
N LEU D 120 -21.07 9.74 -56.48
CA LEU D 120 -20.94 8.43 -57.09
C LEU D 120 -21.93 7.48 -56.42
N TYR D 121 -22.59 6.64 -57.22
CA TYR D 121 -23.55 5.67 -56.73
C TYR D 121 -23.22 4.31 -57.34
N LEU D 122 -22.98 3.32 -56.49
CA LEU D 122 -22.46 2.03 -56.93
C LEU D 122 -23.46 0.91 -56.61
N ILE D 123 -23.36 -0.16 -57.39
CA ILE D 123 -24.05 -1.41 -57.08
C ILE D 123 -23.14 -2.23 -56.17
N HIS D 124 -23.69 -2.72 -55.06
CA HIS D 124 -22.86 -3.39 -54.05
C HIS D 124 -22.33 -4.73 -54.55
N HIS D 125 -23.20 -5.56 -55.13
CA HIS D 125 -22.81 -6.89 -55.55
C HIS D 125 -23.56 -7.26 -56.82
N PRO D 126 -23.01 -8.15 -57.65
CA PRO D 126 -23.73 -8.55 -58.86
C PRO D 126 -24.83 -9.58 -58.61
N VAL D 127 -25.57 -9.41 -57.52
CA VAL D 127 -26.68 -10.30 -57.18
C VAL D 127 -27.86 -9.46 -56.70
N SER D 128 -29.02 -10.09 -56.67
CA SER D 128 -30.22 -9.48 -56.12
C SER D 128 -30.81 -10.42 -55.06
N LEU D 129 -31.42 -9.82 -54.04
CA LEU D 129 -32.02 -10.56 -52.95
C LEU D 129 -33.51 -10.25 -52.86
N LYS D 130 -34.25 -11.14 -52.21
CA LYS D 130 -35.67 -10.91 -52.02
C LYS D 130 -35.88 -9.66 -51.18
N PRO D 131 -36.71 -8.70 -51.64
CA PRO D 131 -36.95 -7.41 -50.98
C PRO D 131 -37.45 -7.55 -49.54
N ILE D 138 -29.46 -13.31 -44.06
CA ILE D 138 -29.72 -13.76 -45.42
C ILE D 138 -29.94 -15.27 -45.46
N PRO D 139 -31.19 -15.69 -45.68
CA PRO D 139 -31.44 -17.07 -46.10
C PRO D 139 -31.08 -17.24 -47.57
N LYS D 140 -30.35 -18.31 -47.87
CA LYS D 140 -29.77 -18.47 -49.19
C LYS D 140 -30.78 -18.86 -50.26
N ASP D 141 -32.04 -19.12 -49.89
CA ASP D 141 -33.11 -19.23 -50.87
C ASP D 141 -33.68 -17.86 -51.26
N HIS D 142 -33.09 -16.78 -50.77
CA HIS D 142 -33.45 -15.42 -51.17
C HIS D 142 -32.52 -14.86 -52.24
N ILE D 143 -31.40 -15.51 -52.51
CA ILE D 143 -30.40 -15.01 -53.45
C ILE D 143 -30.90 -15.23 -54.87
N LEU D 144 -31.13 -14.13 -55.60
CA LEU D 144 -31.74 -14.16 -56.91
C LEU D 144 -30.74 -13.69 -57.97
N PRO D 145 -30.86 -14.18 -59.21
CA PRO D 145 -30.02 -13.65 -60.29
C PRO D 145 -30.47 -12.25 -60.68
N MET D 146 -29.48 -11.37 -60.87
CA MET D 146 -29.76 -9.98 -61.18
C MET D 146 -29.93 -9.79 -62.69
N ASP D 147 -30.96 -9.04 -63.07
CA ASP D 147 -31.13 -8.62 -64.46
C ASP D 147 -30.34 -7.33 -64.64
N TYR D 148 -29.17 -7.45 -65.26
CA TYR D 148 -28.24 -6.32 -65.32
C TYR D 148 -28.79 -5.20 -66.18
N LYS D 149 -29.51 -5.54 -67.26
CA LYS D 149 -29.99 -4.53 -68.19
C LYS D 149 -31.00 -3.60 -67.53
N SER D 150 -31.96 -4.17 -66.79
CA SER D 150 -32.99 -3.35 -66.14
C SER D 150 -32.40 -2.57 -64.97
N VAL D 151 -31.58 -3.22 -64.15
CA VAL D 151 -31.02 -2.56 -62.97
C VAL D 151 -30.12 -1.41 -63.39
N TRP D 152 -29.31 -1.62 -64.43
CA TRP D 152 -28.42 -0.55 -64.87
C TRP D 152 -29.19 0.59 -65.53
N ALA D 153 -30.25 0.25 -66.27
CA ALA D 153 -31.10 1.30 -66.85
C ALA D 153 -31.72 2.16 -65.75
N ALA D 154 -32.05 1.55 -64.62
CA ALA D 154 -32.55 2.33 -63.48
C ALA D 154 -31.43 3.18 -62.89
N MET D 155 -30.20 2.67 -62.86
CA MET D 155 -29.07 3.46 -62.39
C MET D 155 -28.81 4.65 -63.30
N GLU D 156 -28.90 4.44 -64.62
CA GLU D 156 -28.68 5.53 -65.56
C GLU D 156 -29.72 6.63 -65.39
N GLU D 157 -30.95 6.27 -65.05
CA GLU D 157 -31.96 7.30 -64.79
C GLU D 157 -31.60 8.10 -63.54
N CYS D 158 -31.06 7.44 -62.52
CA CYS D 158 -30.62 8.14 -61.31
C CYS D 158 -29.63 9.26 -61.64
N GLN D 159 -28.76 9.01 -62.63
CA GLN D 159 -27.88 10.07 -63.10
C GLN D 159 -28.63 11.07 -63.97
N THR D 160 -29.56 10.60 -64.80
CA THR D 160 -30.33 11.48 -65.66
C THR D 160 -31.14 12.48 -64.84
N LEU D 161 -31.85 11.99 -63.82
CA LEU D 161 -32.67 12.86 -63.00
C LEU D 161 -31.86 13.78 -62.10
N GLY D 162 -30.54 13.60 -62.03
CA GLY D 162 -29.69 14.49 -61.27
C GLY D 162 -29.48 14.13 -59.82
N PHE D 163 -29.83 12.91 -59.41
CA PHE D 163 -29.62 12.50 -58.02
C PHE D 163 -28.21 12.00 -57.75
N THR D 164 -27.46 11.65 -58.79
CA THR D 164 -26.06 11.28 -58.64
C THR D 164 -25.30 11.75 -59.88
N ARG D 165 -24.05 12.14 -59.67
CA ARG D 165 -23.23 12.64 -60.76
C ARG D 165 -22.61 11.53 -61.59
N ALA D 166 -22.37 10.37 -60.98
CA ALA D 166 -21.76 9.26 -61.68
C ALA D 166 -22.31 7.94 -61.11
N ILE D 167 -22.10 6.86 -61.87
CA ILE D 167 -22.59 5.55 -61.49
C ILE D 167 -21.49 4.52 -61.75
N GLY D 168 -21.53 3.43 -61.00
CA GLY D 168 -20.57 2.37 -61.16
C GLY D 168 -21.04 1.10 -60.47
N VAL D 169 -20.11 0.15 -60.33
CA VAL D 169 -20.40 -1.15 -59.75
C VAL D 169 -19.33 -1.49 -58.72
N CYS D 170 -19.61 -2.53 -57.94
CA CYS D 170 -18.65 -3.09 -56.99
C CYS D 170 -18.57 -4.60 -57.17
N ASN D 171 -17.35 -5.12 -57.11
CA ASN D 171 -17.10 -6.57 -57.12
C ASN D 171 -17.65 -7.24 -58.38
N PHE D 172 -17.64 -6.53 -59.50
CA PHE D 172 -18.00 -7.10 -60.79
C PHE D 172 -16.74 -7.66 -61.44
N SER D 173 -16.83 -8.90 -61.92
CA SER D 173 -15.71 -9.52 -62.60
C SER D 173 -15.57 -8.96 -64.02
N CYS D 174 -14.54 -9.42 -64.73
CA CYS D 174 -14.37 -9.01 -66.12
C CYS D 174 -15.54 -9.47 -66.97
N LYS D 175 -15.99 -10.70 -66.78
CA LYS D 175 -17.11 -11.22 -67.58
C LYS D 175 -18.39 -10.45 -67.30
N LYS D 176 -18.70 -10.23 -66.03
CA LYS D 176 -19.93 -9.54 -65.65
C LYS D 176 -19.94 -8.07 -66.07
N LEU D 177 -18.76 -7.46 -66.25
CA LEU D 177 -18.72 -6.08 -66.72
C LEU D 177 -19.12 -6.00 -68.19
N GLN D 178 -18.63 -6.94 -69.01
CA GLN D 178 -18.99 -6.96 -70.43
C GLN D 178 -20.50 -7.15 -70.60
N GLU D 179 -21.11 -8.01 -69.79
CA GLU D 179 -22.55 -8.19 -69.87
C GLU D 179 -23.28 -6.90 -69.48
N LEU D 180 -22.72 -6.15 -68.52
CA LEU D 180 -23.28 -4.85 -68.18
C LEU D 180 -23.04 -3.83 -69.28
N MET D 181 -21.82 -3.82 -69.83
CA MET D 181 -21.47 -2.88 -70.90
C MET D 181 -22.27 -3.12 -72.17
N ALA D 182 -22.91 -4.27 -72.31
CA ALA D 182 -23.56 -4.63 -73.56
C ALA D 182 -24.65 -3.62 -73.93
N ALA D 183 -25.66 -3.49 -73.09
CA ALA D 183 -26.78 -2.59 -73.35
C ALA D 183 -26.63 -1.25 -72.64
N ALA D 184 -25.42 -0.90 -72.22
CA ALA D 184 -25.20 0.30 -71.44
C ALA D 184 -25.11 1.53 -72.34
N LYS D 185 -25.83 2.58 -71.96
CA LYS D 185 -25.69 3.89 -72.59
C LYS D 185 -24.69 4.75 -71.84
N ILE D 186 -24.85 4.88 -70.53
CA ILE D 186 -23.87 5.51 -69.66
C ILE D 186 -23.02 4.39 -69.05
N PRO D 187 -21.78 4.20 -69.49
CA PRO D 187 -20.97 3.10 -68.98
C PRO D 187 -20.56 3.32 -67.54
N PRO D 188 -20.23 2.27 -66.80
CA PRO D 188 -19.81 2.44 -65.40
C PRO D 188 -18.50 3.20 -65.31
N VAL D 189 -18.48 4.19 -64.41
CA VAL D 189 -17.29 5.03 -64.24
C VAL D 189 -16.27 4.35 -63.33
N VAL D 190 -16.73 3.66 -62.30
CA VAL D 190 -15.87 3.06 -61.29
C VAL D 190 -16.29 1.62 -61.07
N ASN D 191 -15.31 0.73 -60.91
CA ASN D 191 -15.53 -0.64 -60.46
C ASN D 191 -14.73 -0.84 -59.17
N GLN D 192 -15.40 -0.80 -58.03
CA GLN D 192 -14.73 -0.94 -56.74
C GLN D 192 -14.58 -2.42 -56.42
N VAL D 193 -13.34 -2.91 -56.39
CA VAL D 193 -13.05 -4.33 -56.16
C VAL D 193 -11.93 -4.43 -55.14
N GLU D 194 -11.73 -5.65 -54.64
CA GLU D 194 -10.64 -5.92 -53.71
C GLU D 194 -9.33 -5.98 -54.48
N MET D 195 -8.36 -5.18 -54.06
CA MET D 195 -7.05 -5.16 -54.71
C MET D 195 -5.99 -4.90 -53.66
N SER D 196 -4.99 -5.78 -53.59
CA SER D 196 -3.95 -5.71 -52.58
C SER D 196 -2.74 -6.47 -53.11
N PRO D 197 -1.59 -6.38 -52.43
CA PRO D 197 -0.44 -7.20 -52.84
C PRO D 197 -0.70 -8.71 -52.81
N THR D 198 -1.84 -9.15 -52.28
CA THR D 198 -2.23 -10.55 -52.32
C THR D 198 -3.35 -10.83 -53.32
N LEU D 199 -3.85 -9.81 -54.01
CA LEU D 199 -4.87 -10.01 -55.06
C LEU D 199 -4.62 -8.93 -56.12
N HIS D 200 -3.80 -9.27 -57.11
CA HIS D 200 -3.37 -8.29 -58.10
C HIS D 200 -4.49 -7.82 -59.02
N GLN D 201 -5.53 -8.65 -59.22
CA GLN D 201 -6.62 -8.31 -60.12
C GLN D 201 -6.09 -7.91 -61.50
N LYS D 202 -5.11 -8.67 -61.99
CA LYS D 202 -4.34 -8.26 -63.16
C LYS D 202 -5.17 -8.28 -64.44
N ASN D 203 -6.10 -9.24 -64.56
CA ASN D 203 -6.95 -9.27 -65.74
C ASN D 203 -7.97 -8.15 -65.71
N LEU D 204 -8.63 -7.95 -64.56
CA LEU D 204 -9.65 -6.91 -64.45
C LEU D 204 -9.08 -5.53 -64.71
N ARG D 205 -7.82 -5.29 -64.31
CA ARG D 205 -7.22 -3.98 -64.52
C ARG D 205 -6.97 -3.70 -65.99
N GLU D 206 -6.69 -4.74 -66.78
CA GLU D 206 -6.45 -4.54 -68.21
C GLU D 206 -7.75 -4.22 -68.95
N TYR D 207 -8.82 -4.95 -68.64
CA TYR D 207 -10.11 -4.65 -69.26
C TYR D 207 -10.61 -3.28 -68.86
N CYS D 208 -10.54 -2.96 -67.56
CA CYS D 208 -11.03 -1.67 -67.09
C CYS D 208 -10.18 -0.52 -67.63
N LYS D 209 -8.89 -0.74 -67.87
CA LYS D 209 -8.08 0.28 -68.52
C LYS D 209 -8.48 0.45 -69.98
N ALA D 210 -8.75 -0.65 -70.67
CA ALA D 210 -9.12 -0.58 -72.08
C ALA D 210 -10.50 0.06 -72.29
N ASN D 211 -11.31 0.17 -71.24
CA ASN D 211 -12.62 0.79 -71.34
C ASN D 211 -12.77 1.98 -70.39
N ASN D 212 -11.65 2.52 -69.91
CA ASN D 212 -11.61 3.76 -69.13
C ASN D 212 -12.39 3.67 -67.82
N ILE D 213 -12.62 2.46 -67.32
CA ILE D 213 -13.24 2.26 -66.02
C ILE D 213 -12.15 2.33 -64.95
N MET D 214 -12.35 3.19 -63.96
CA MET D 214 -11.37 3.36 -62.89
C MET D 214 -11.59 2.30 -61.82
N ILE D 215 -10.51 1.63 -61.44
CA ILE D 215 -10.54 0.63 -60.38
C ILE D 215 -10.35 1.33 -59.04
N THR D 216 -11.26 1.07 -58.10
CA THR D 216 -11.13 1.54 -56.73
C THR D 216 -10.90 0.34 -55.82
N ALA D 217 -9.76 0.32 -55.16
CA ALA D 217 -9.37 -0.83 -54.35
C ALA D 217 -9.92 -0.70 -52.94
N HIS D 218 -10.54 -1.77 -52.46
CA HIS D 218 -10.89 -1.90 -51.05
C HIS D 218 -10.16 -3.12 -50.47
N SER D 219 -10.13 -3.17 -49.14
CA SER D 219 -9.43 -4.24 -48.42
C SER D 219 -7.95 -4.29 -48.82
N VAL D 220 -7.34 -3.11 -48.93
CA VAL D 220 -5.93 -3.03 -49.33
C VAL D 220 -5.03 -3.66 -48.28
N LEU D 221 -5.45 -3.64 -47.02
CA LEU D 221 -4.69 -4.23 -45.93
C LEU D 221 -5.20 -5.63 -45.56
N GLY D 222 -5.95 -6.27 -46.46
CA GLY D 222 -6.45 -7.60 -46.19
C GLY D 222 -7.57 -7.68 -45.17
N ALA D 223 -8.13 -6.54 -44.76
CA ALA D 223 -9.19 -6.51 -43.76
C ALA D 223 -8.75 -7.17 -42.46
N ILE D 224 -7.59 -6.73 -41.94
CA ILE D 224 -7.01 -7.34 -40.76
C ILE D 224 -7.94 -7.22 -39.56
N CYS D 225 -8.81 -6.20 -39.57
CA CYS D 225 -9.70 -5.96 -38.44
C CYS D 225 -11.06 -6.64 -38.60
N ALA D 226 -11.42 -7.05 -39.81
CA ALA D 226 -12.72 -7.65 -40.04
C ALA D 226 -12.68 -9.15 -39.72
N PRO D 227 -13.81 -9.70 -39.25
CA PRO D 227 -13.81 -11.14 -38.91
C PRO D 227 -13.59 -12.04 -40.11
N TRP D 228 -14.09 -11.66 -41.30
CA TRP D 228 -13.80 -12.41 -42.52
C TRP D 228 -12.42 -12.11 -43.08
N GLY D 229 -11.66 -11.24 -42.44
CA GLY D 229 -10.38 -10.80 -42.96
C GLY D 229 -9.29 -11.83 -42.80
N SER D 230 -8.06 -11.36 -43.01
CA SER D 230 -6.90 -12.24 -43.03
C SER D 230 -5.67 -11.43 -42.63
N ASN D 231 -4.54 -12.14 -42.51
CA ASN D 231 -3.26 -11.54 -42.19
C ASN D 231 -2.28 -11.61 -43.34
N ALA D 232 -2.77 -11.91 -44.56
CA ALA D 232 -1.88 -12.13 -45.69
C ALA D 232 -1.08 -10.88 -46.05
N VAL D 233 -1.63 -9.70 -45.76
CA VAL D 233 -0.95 -8.45 -46.12
C VAL D 233 -0.11 -7.93 -44.97
N MET D 234 -0.70 -7.80 -43.77
CA MET D 234 0.01 -7.15 -42.68
C MET D 234 1.13 -8.01 -42.11
N ASP D 235 1.01 -9.34 -42.17
CA ASP D 235 2.04 -10.23 -41.69
C ASP D 235 2.89 -10.80 -42.82
N SER D 236 2.88 -10.16 -43.99
CA SER D 236 3.73 -10.58 -45.09
C SER D 236 5.18 -10.19 -44.81
N LYS D 237 6.09 -11.16 -44.96
CA LYS D 237 7.50 -10.89 -44.75
C LYS D 237 8.15 -10.19 -45.95
N VAL D 238 7.55 -10.32 -47.14
CA VAL D 238 8.06 -9.59 -48.30
C VAL D 238 7.79 -8.11 -48.17
N LEU D 239 6.59 -7.75 -47.68
CA LEU D 239 6.28 -6.34 -47.49
C LEU D 239 7.09 -5.75 -46.34
N HIS D 240 7.31 -6.53 -45.27
CA HIS D 240 8.20 -6.08 -44.21
C HIS D 240 9.58 -5.75 -44.75
N GLN D 241 10.09 -6.58 -45.67
CA GLN D 241 11.40 -6.33 -46.27
C GLN D 241 11.41 -5.01 -47.02
N ILE D 242 10.41 -4.79 -47.88
CA ILE D 242 10.34 -3.54 -48.63
C ILE D 242 10.11 -2.36 -47.70
N ALA D 243 9.32 -2.57 -46.64
CA ALA D 243 8.99 -1.48 -45.72
C ALA D 243 10.23 -0.95 -45.02
N VAL D 244 11.14 -1.85 -44.63
CA VAL D 244 12.36 -1.42 -43.95
C VAL D 244 13.35 -0.80 -44.93
N ALA D 245 13.46 -1.38 -46.13
CA ALA D 245 14.39 -0.83 -47.12
C ALA D 245 14.00 0.57 -47.56
N ARG D 246 12.72 0.91 -47.49
CA ARG D 246 12.24 2.22 -47.91
C ARG D 246 11.83 3.12 -46.75
N GLY D 247 12.00 2.67 -45.51
CA GLY D 247 11.65 3.49 -44.36
C GLY D 247 10.18 3.81 -44.26
N LYS D 248 9.32 2.84 -44.52
CA LYS D 248 7.88 3.01 -44.49
C LYS D 248 7.26 1.86 -43.70
N SER D 249 5.97 1.98 -43.41
CA SER D 249 5.25 0.89 -42.78
C SER D 249 4.75 -0.09 -43.84
N VAL D 250 4.30 -1.26 -43.39
CA VAL D 250 3.71 -2.24 -44.30
C VAL D 250 2.45 -1.67 -44.93
N ALA D 251 1.66 -0.93 -44.16
CA ALA D 251 0.46 -0.31 -44.70
C ALA D 251 0.80 0.72 -45.76
N GLN D 252 1.89 1.48 -45.55
CA GLN D 252 2.32 2.44 -46.56
C GLN D 252 2.72 1.74 -47.85
N VAL D 253 3.38 0.58 -47.73
CA VAL D 253 3.83 -0.14 -48.92
C VAL D 253 2.64 -0.64 -49.74
N SER D 254 1.62 -1.19 -49.06
CA SER D 254 0.49 -1.77 -49.77
C SER D 254 -0.33 -0.71 -50.48
N MET D 255 -0.61 0.40 -49.79
CA MET D 255 -1.42 1.46 -50.40
C MET D 255 -0.68 2.11 -51.57
N ARG D 256 0.63 2.28 -51.46
CA ARG D 256 1.39 2.85 -52.57
C ARG D 256 1.42 1.91 -53.76
N TRP D 257 1.50 0.60 -53.52
CA TRP D 257 1.45 -0.37 -54.61
C TRP D 257 0.15 -0.23 -55.39
N VAL D 258 -0.97 -0.05 -54.69
CA VAL D 258 -2.27 0.09 -55.36
C VAL D 258 -2.29 1.35 -56.20
N TYR D 259 -1.92 2.50 -55.61
CA TYR D 259 -1.93 3.75 -56.35
C TYR D 259 -0.93 3.74 -57.50
N GLN D 260 0.20 3.04 -57.34
CA GLN D 260 1.19 2.97 -58.42
C GLN D 260 0.72 2.09 -59.56
N GLN D 261 -0.22 1.19 -59.33
CA GLN D 261 -0.84 0.42 -60.41
C GLN D 261 -1.97 1.18 -61.09
N GLY D 262 -2.12 2.47 -60.80
CA GLY D 262 -3.12 3.28 -61.46
C GLY D 262 -4.52 3.13 -60.93
N ALA D 263 -4.68 2.86 -59.63
CA ALA D 263 -5.98 2.63 -59.03
C ALA D 263 -6.22 3.58 -57.88
N SER D 264 -7.49 3.94 -57.69
CA SER D 264 -7.91 4.63 -56.48
C SER D 264 -8.01 3.62 -55.33
N LEU D 265 -8.25 4.14 -54.13
CA LEU D 265 -8.34 3.26 -52.97
C LEU D 265 -9.14 3.95 -51.88
N VAL D 266 -10.06 3.21 -51.27
CA VAL D 266 -10.74 3.62 -50.04
C VAL D 266 -10.14 2.82 -48.89
N VAL D 267 -9.81 3.50 -47.80
CA VAL D 267 -9.10 2.90 -46.68
C VAL D 267 -9.93 3.11 -45.42
N LYS D 268 -10.07 2.04 -44.62
CA LYS D 268 -10.74 2.12 -43.34
C LYS D 268 -9.78 2.70 -42.32
N SER D 269 -10.17 3.82 -41.70
CA SER D 269 -9.32 4.51 -40.74
C SER D 269 -10.06 4.63 -39.42
N PHE D 270 -9.46 4.12 -38.35
CA PHE D 270 -10.08 4.12 -37.04
C PHE D 270 -9.38 5.04 -36.04
N ASN D 271 -8.29 5.69 -36.44
CA ASN D 271 -7.60 6.63 -35.56
C ASN D 271 -6.80 7.59 -36.41
N GLU D 272 -6.56 8.78 -35.85
CA GLU D 272 -5.82 9.83 -36.56
C GLU D 272 -4.39 9.42 -36.88
N GLY D 273 -3.90 8.31 -36.33
CA GLY D 273 -2.58 7.83 -36.64
C GLY D 273 -2.39 7.52 -38.12
N ARG D 274 -3.14 6.54 -38.63
CA ARG D 274 -3.03 6.21 -40.05
C ARG D 274 -3.73 7.25 -40.92
N MET D 275 -4.78 7.90 -40.40
CA MET D 275 -5.44 8.98 -41.15
C MET D 275 -4.41 9.99 -41.65
N LYS D 276 -3.49 10.41 -40.79
CA LYS D 276 -2.43 11.31 -41.21
C LYS D 276 -1.32 10.59 -41.96
N GLU D 277 -1.15 9.29 -41.72
CA GLU D 277 -0.07 8.56 -42.40
C GLU D 277 -0.47 8.13 -43.80
N ASN D 278 -1.75 7.80 -44.03
CA ASN D 278 -2.18 7.34 -45.35
C ASN D 278 -1.97 8.41 -46.41
N LEU D 279 -2.02 9.68 -46.03
CA LEU D 279 -1.86 10.77 -46.98
C LEU D 279 -0.43 10.92 -47.48
N LYS D 280 0.54 10.24 -46.89
CA LYS D 280 1.94 10.38 -47.27
C LYS D 280 2.37 9.40 -48.35
N ILE D 281 1.43 8.63 -48.92
CA ILE D 281 1.78 7.70 -49.98
C ILE D 281 2.09 8.43 -51.29
N PHE D 282 1.58 9.65 -51.45
CA PHE D 282 1.84 10.45 -52.64
C PHE D 282 3.15 11.23 -52.54
N ASP D 283 3.99 10.92 -51.54
CA ASP D 283 5.23 11.66 -51.33
C ASP D 283 6.48 10.87 -51.65
N TRP D 284 6.35 9.59 -52.03
CA TRP D 284 7.49 8.73 -52.30
C TRP D 284 7.09 7.74 -53.39
N GLU D 285 8.05 6.96 -53.85
CA GLU D 285 7.84 6.04 -54.96
C GLU D 285 8.43 4.68 -54.66
N LEU D 286 7.77 3.64 -55.16
CA LEU D 286 8.30 2.28 -55.10
C LEU D 286 9.21 2.02 -56.29
N THR D 287 10.34 1.37 -56.01
CA THR D 287 11.29 1.04 -57.07
C THR D 287 10.75 -0.10 -57.93
N ALA D 288 11.41 -0.31 -59.07
CA ALA D 288 11.03 -1.41 -59.95
C ALA D 288 11.29 -2.77 -59.30
N GLU D 289 12.32 -2.87 -58.47
CA GLU D 289 12.58 -4.13 -57.77
C GLU D 289 11.54 -4.38 -56.69
N ASN D 290 11.06 -3.33 -56.02
CA ASN D 290 9.98 -3.49 -55.06
C ASN D 290 8.72 -3.99 -55.75
N MET D 291 8.41 -3.46 -56.92
CA MET D 291 7.21 -3.86 -57.64
C MET D 291 7.28 -5.31 -58.09
N GLU D 292 8.47 -5.77 -58.48
CA GLU D 292 8.61 -7.16 -58.91
C GLU D 292 8.42 -8.13 -57.76
N LYS D 293 9.00 -7.82 -56.60
CA LYS D 293 8.85 -8.70 -55.45
C LYS D 293 7.41 -8.80 -54.97
N ILE D 294 6.62 -7.75 -55.21
CA ILE D 294 5.20 -7.82 -54.87
C ILE D 294 4.44 -8.68 -55.88
N SER D 295 4.89 -8.69 -57.14
CA SER D 295 4.23 -9.50 -58.16
C SER D 295 4.32 -11.00 -57.83
N GLU D 296 5.40 -11.42 -57.17
CA GLU D 296 5.60 -12.82 -56.84
C GLU D 296 4.92 -13.24 -55.54
N ILE D 297 4.23 -12.33 -54.86
CA ILE D 297 3.54 -12.70 -53.62
C ILE D 297 2.39 -13.65 -53.95
N PRO D 298 2.28 -14.78 -53.27
CA PRO D 298 1.17 -15.71 -53.55
C PRO D 298 -0.19 -15.03 -53.38
N GLN D 299 -1.10 -15.36 -54.29
CA GLN D 299 -2.40 -14.71 -54.35
C GLN D 299 -3.38 -15.34 -53.37
N SER D 300 -4.25 -14.51 -52.80
CA SER D 300 -5.27 -14.96 -51.87
C SER D 300 -6.34 -13.89 -51.77
N ARG D 301 -7.60 -14.33 -51.70
CA ARG D 301 -8.75 -13.44 -51.62
C ARG D 301 -9.32 -13.51 -50.22
N THR D 302 -9.28 -12.39 -49.49
CA THR D 302 -9.79 -12.35 -48.12
C THR D 302 -11.29 -12.15 -48.12
N SER D 303 -11.78 -11.09 -48.74
CA SER D 303 -13.20 -10.80 -48.82
C SER D 303 -13.87 -11.85 -49.72
N SER D 304 -14.46 -12.85 -49.09
CA SER D 304 -15.12 -13.93 -49.83
C SER D 304 -16.56 -13.55 -50.15
N ALA D 305 -17.12 -14.25 -51.14
CA ALA D 305 -18.53 -14.13 -51.49
C ALA D 305 -19.40 -15.16 -50.75
N ASP D 306 -19.00 -15.55 -49.55
CA ASP D 306 -19.61 -16.69 -48.86
C ASP D 306 -21.13 -16.55 -48.75
N PHE D 307 -21.61 -15.37 -48.39
CA PHE D 307 -23.03 -15.19 -48.13
C PHE D 307 -23.87 -15.21 -49.40
N LEU D 308 -23.28 -14.94 -50.56
CA LEU D 308 -24.03 -14.88 -51.81
C LEU D 308 -23.88 -16.14 -52.65
N LEU D 309 -23.41 -17.24 -52.06
CA LEU D 309 -23.37 -18.53 -52.72
C LEU D 309 -24.51 -19.41 -52.21
N SER D 310 -25.02 -20.28 -53.08
CA SER D 310 -26.08 -21.20 -52.70
C SER D 310 -26.23 -22.31 -53.74
N PRO D 311 -26.68 -23.50 -53.34
CA PRO D 311 -26.80 -24.60 -54.33
C PRO D 311 -27.83 -24.33 -55.41
N THR D 312 -28.99 -23.78 -55.06
CA THR D 312 -30.04 -23.47 -56.03
C THR D 312 -30.14 -21.98 -56.30
N GLY D 313 -29.00 -21.31 -56.43
CA GLY D 313 -28.96 -19.91 -56.71
C GLY D 313 -28.15 -19.60 -57.95
N PRO D 314 -28.01 -18.31 -58.28
CA PRO D 314 -27.26 -17.94 -59.49
C PRO D 314 -25.81 -18.42 -59.48
N PHE D 315 -25.12 -18.34 -58.34
CA PHE D 315 -23.72 -18.74 -58.26
C PHE D 315 -23.55 -19.75 -57.13
N LYS D 316 -23.22 -20.99 -57.49
CA LYS D 316 -22.97 -22.05 -56.52
C LYS D 316 -21.54 -22.06 -56.01
N THR D 317 -20.59 -21.57 -56.81
CA THR D 317 -19.17 -21.72 -56.54
C THR D 317 -18.52 -20.35 -56.39
N GLU D 318 -17.40 -20.31 -55.68
CA GLU D 318 -16.66 -19.07 -55.50
C GLU D 318 -16.08 -18.60 -56.83
N GLU D 319 -15.66 -19.52 -57.69
CA GLU D 319 -15.12 -19.16 -58.99
C GLU D 319 -16.20 -18.79 -60.00
N GLU D 320 -17.47 -19.07 -59.71
CA GLU D 320 -18.56 -18.58 -60.54
C GLU D 320 -18.98 -17.17 -60.17
N PHE D 321 -18.72 -16.75 -58.93
CA PHE D 321 -19.00 -15.37 -58.53
C PHE D 321 -17.94 -14.42 -59.07
N TRP D 322 -16.67 -14.84 -59.05
CA TRP D 322 -15.58 -14.01 -59.53
C TRP D 322 -15.16 -14.32 -60.96
N ASP D 323 -15.72 -15.38 -61.56
CA ASP D 323 -15.40 -15.77 -62.94
C ASP D 323 -13.90 -16.00 -63.12
N GLU D 324 -13.21 -16.34 -62.04
CA GLU D 324 -11.78 -16.60 -62.07
C GLU D 324 -11.39 -17.70 -61.08
N GLY E 10 3.77 24.22 -20.19
CA GLY E 10 3.93 24.74 -18.84
C GLY E 10 2.85 25.73 -18.43
N VAL E 11 3.26 26.95 -18.12
CA VAL E 11 2.32 27.98 -17.68
C VAL E 11 1.64 28.58 -18.91
N PRO E 12 0.31 28.60 -18.97
CA PRO E 12 -0.36 29.21 -20.12
C PRO E 12 -0.10 30.71 -20.18
N MET E 13 0.05 31.21 -21.40
CA MET E 13 0.23 32.64 -21.62
C MET E 13 -1.12 33.33 -21.75
N ILE E 14 -1.23 34.51 -21.15
CA ILE E 14 -2.45 35.31 -21.21
C ILE E 14 -2.16 36.51 -22.10
N THR E 15 -2.96 36.66 -23.15
CA THR E 15 -2.79 37.76 -24.09
C THR E 15 -3.46 39.01 -23.54
N LEU E 16 -2.67 40.05 -23.31
CA LEU E 16 -3.20 41.31 -22.80
C LEU E 16 -3.79 42.12 -23.95
N SER E 17 -4.51 43.20 -23.59
CA SER E 17 -5.24 43.98 -24.58
C SER E 17 -4.32 44.66 -25.61
N SER E 18 -3.07 44.91 -25.26
CA SER E 18 -2.13 45.53 -26.19
C SER E 18 -1.42 44.51 -27.07
N GLY E 19 -1.73 43.22 -26.93
CA GLY E 19 -1.06 42.17 -27.67
C GLY E 19 0.08 41.51 -26.92
N ILE E 20 0.57 42.15 -25.85
CA ILE E 20 1.64 41.58 -25.06
C ILE E 20 1.13 40.37 -24.29
N ARG E 21 1.93 39.32 -24.24
CA ARG E 21 1.55 38.06 -23.62
C ARG E 21 2.22 37.92 -22.26
N MET E 22 1.44 37.54 -21.26
CA MET E 22 1.85 37.53 -19.87
C MET E 22 1.67 36.13 -19.30
N PRO E 23 2.67 35.57 -18.61
CA PRO E 23 2.46 34.27 -17.96
C PRO E 23 1.38 34.37 -16.90
N ALA E 24 0.45 33.41 -16.93
CA ALA E 24 -0.71 33.47 -16.05
C ALA E 24 -0.31 33.42 -14.58
N LEU E 25 0.74 32.68 -14.24
CA LEU E 25 1.22 32.55 -12.88
C LEU E 25 2.58 33.21 -12.73
N GLY E 26 2.72 34.07 -11.72
CA GLY E 26 3.99 34.69 -11.41
C GLY E 26 4.28 34.59 -9.93
N MET E 27 5.53 34.89 -9.58
CA MET E 27 5.98 34.89 -8.20
C MET E 27 6.24 36.33 -7.75
N GLY E 28 5.78 36.65 -6.54
CA GLY E 28 5.92 37.99 -6.00
C GLY E 28 7.10 38.13 -5.05
N THR E 29 7.29 39.37 -4.62
CA THR E 29 8.37 39.75 -3.71
C THR E 29 7.83 39.83 -2.29
N ALA E 30 8.64 39.41 -1.32
CA ALA E 30 8.30 39.53 0.09
C ALA E 30 7.90 40.96 0.42
N GLU E 31 6.61 41.18 0.68
CA GLU E 31 6.09 42.51 0.96
C GLU E 31 6.63 43.04 2.29
N THR E 32 7.90 43.44 2.30
CA THR E 32 8.55 43.93 3.52
C THR E 32 9.43 45.11 3.15
N MET E 33 9.16 46.27 3.75
CA MET E 33 9.88 47.49 3.42
C MET E 33 11.24 47.54 4.12
N VAL E 34 12.00 46.46 4.02
CA VAL E 34 13.39 46.43 4.48
C VAL E 34 14.26 46.01 3.31
N LYS E 35 15.57 45.91 3.54
CA LYS E 35 16.48 45.57 2.45
C LYS E 35 16.29 44.12 2.02
N GLY E 36 16.73 43.84 0.80
CA GLY E 36 16.64 42.49 0.27
C GLY E 36 17.71 41.57 0.83
N THR E 37 17.36 40.30 0.94
CA THR E 37 18.24 39.29 1.51
C THR E 37 18.84 38.43 0.41
N GLU E 38 19.88 37.68 0.77
CA GLU E 38 20.45 36.70 -0.15
C GLU E 38 19.46 35.57 -0.40
N ARG E 39 18.68 35.20 0.62
CA ARG E 39 17.72 34.11 0.49
C ARG E 39 16.61 34.44 -0.50
N GLU E 40 16.39 35.72 -0.79
CA GLU E 40 15.41 36.10 -1.81
C GLU E 40 15.96 35.87 -3.21
N LYS E 41 17.21 36.29 -3.46
CA LYS E 41 17.85 35.99 -4.74
C LYS E 41 17.92 34.49 -4.97
N LEU E 42 18.23 33.73 -3.92
CA LEU E 42 18.28 32.28 -4.03
C LEU E 42 16.91 31.70 -4.35
N ALA E 43 15.84 32.32 -3.86
CA ALA E 43 14.50 31.85 -4.16
C ALA E 43 14.06 32.23 -5.57
N PHE E 44 14.47 33.39 -6.06
CA PHE E 44 14.14 33.78 -7.44
C PHE E 44 14.82 32.86 -8.44
N LEU E 45 16.07 32.49 -8.16
CA LEU E 45 16.79 31.56 -9.05
C LEU E 45 16.10 30.20 -9.08
N LYS E 46 15.72 29.68 -7.91
CA LYS E 46 15.02 28.40 -7.85
C LYS E 46 13.69 28.46 -8.61
N ALA E 47 13.03 29.62 -8.59
CA ALA E 47 11.83 29.78 -9.40
C ALA E 47 12.14 29.62 -10.89
N ILE E 48 13.16 30.32 -11.37
CA ILE E 48 13.58 30.18 -12.76
C ILE E 48 13.98 28.76 -13.06
N GLU E 49 14.73 28.13 -12.14
CA GLU E 49 15.20 26.77 -12.35
C GLU E 49 14.04 25.79 -12.42
N VAL E 50 12.98 26.03 -11.63
CA VAL E 50 11.83 25.14 -11.65
C VAL E 50 10.94 25.41 -12.85
N GLY E 51 10.81 26.66 -13.28
CA GLY E 51 10.07 26.96 -14.48
C GLY E 51 9.33 28.28 -14.49
N TYR E 52 9.56 29.11 -13.48
CA TYR E 52 8.88 30.40 -13.41
C TYR E 52 9.52 31.40 -14.36
N ARG E 53 8.68 32.17 -15.05
CA ARG E 53 9.13 33.24 -15.92
C ARG E 53 8.52 34.59 -15.61
N HIS E 54 7.37 34.64 -14.96
CA HIS E 54 6.75 35.90 -14.55
C HIS E 54 7.23 36.26 -13.15
N PHE E 55 7.72 37.48 -13.00
CA PHE E 55 8.22 37.94 -11.71
C PHE E 55 7.72 39.35 -11.44
N ASP E 56 7.24 39.58 -10.22
CA ASP E 56 6.55 40.81 -9.85
C ASP E 56 7.19 41.35 -8.58
N THR E 57 7.86 42.48 -8.70
CA THR E 57 8.46 43.17 -7.57
C THR E 57 7.84 44.56 -7.43
N ALA E 58 8.39 45.34 -6.51
CA ALA E 58 7.95 46.72 -6.30
C ALA E 58 9.10 47.51 -5.69
N ALA E 59 9.13 48.80 -5.99
CA ALA E 59 10.21 49.65 -5.50
C ALA E 59 10.19 49.79 -3.98
N ALA E 60 9.02 49.61 -3.36
CA ALA E 60 8.89 49.83 -1.93
C ALA E 60 9.56 48.74 -1.09
N TYR E 61 9.75 47.55 -1.66
CA TYR E 61 10.23 46.41 -0.88
C TYR E 61 11.75 46.25 -0.92
N GLN E 62 12.46 47.13 -1.64
CA GLN E 62 13.91 47.14 -1.69
C GLN E 62 14.49 45.75 -1.99
N SER E 63 13.77 44.98 -2.80
CA SER E 63 14.23 43.66 -3.21
C SER E 63 14.41 43.57 -4.73
N GLU E 64 14.44 44.72 -5.41
CA GLU E 64 14.70 44.72 -6.84
C GLU E 64 16.16 44.36 -7.14
N GLU E 65 17.08 44.70 -6.22
CA GLU E 65 18.45 44.23 -6.34
C GLU E 65 18.51 42.72 -6.42
N CYS E 66 17.76 42.04 -5.55
CA CYS E 66 17.80 40.58 -5.51
C CYS E 66 17.27 39.96 -6.80
N LEU E 67 16.24 40.57 -7.38
CA LEU E 67 15.71 40.05 -8.65
C LEU E 67 16.70 40.27 -9.77
N GLY E 68 17.35 41.42 -9.81
CA GLY E 68 18.35 41.67 -10.84
C GLY E 68 19.56 40.75 -10.72
N GLU E 69 19.94 40.42 -9.48
CA GLU E 69 21.07 39.52 -9.27
C GLU E 69 20.71 38.09 -9.67
N ALA E 70 19.47 37.67 -9.40
CA ALA E 70 19.05 36.33 -9.76
C ALA E 70 18.92 36.19 -11.27
N ILE E 71 18.39 37.22 -11.94
CA ILE E 71 18.28 37.18 -13.40
C ILE E 71 19.66 37.10 -14.03
N ALA E 72 20.63 37.85 -13.49
CA ALA E 72 21.98 37.80 -14.03
C ALA E 72 22.59 36.42 -13.88
N GLU E 73 22.36 35.76 -12.74
CA GLU E 73 22.90 34.42 -12.55
C GLU E 73 22.08 33.37 -13.29
N ALA E 74 20.77 33.59 -13.46
CA ALA E 74 19.96 32.66 -14.23
C ALA E 74 20.39 32.60 -15.68
N LEU E 75 20.95 33.69 -16.20
CA LEU E 75 21.39 33.72 -17.59
C LEU E 75 22.75 33.07 -17.77
N GLN E 76 23.66 33.28 -16.82
CA GLN E 76 24.98 32.65 -16.92
C GLN E 76 24.93 31.17 -16.57
N LEU E 77 23.90 30.72 -15.84
CA LEU E 77 23.70 29.31 -15.60
C LEU E 77 22.97 28.60 -16.74
N GLY E 78 22.47 29.36 -17.72
CA GLY E 78 21.78 28.76 -18.85
C GLY E 78 20.33 28.38 -18.60
N LEU E 79 19.77 28.78 -17.46
CA LEU E 79 18.37 28.46 -17.18
C LEU E 79 17.45 29.14 -18.18
N ILE E 80 17.78 30.35 -18.59
CA ILE E 80 17.08 31.07 -19.64
C ILE E 80 18.10 31.50 -20.68
N LYS E 81 17.68 31.49 -21.95
CA LYS E 81 18.58 31.87 -23.03
C LYS E 81 18.66 33.38 -23.23
N SER E 82 17.65 34.12 -22.80
CA SER E 82 17.61 35.56 -23.02
C SER E 82 16.73 36.22 -21.95
N ARG E 83 16.85 37.54 -21.87
CA ARG E 83 16.01 38.30 -20.94
C ARG E 83 14.56 38.37 -21.42
N ASP E 84 14.34 38.30 -22.74
CA ASP E 84 12.99 38.35 -23.27
C ASP E 84 12.18 37.08 -22.96
N GLU E 85 12.81 36.06 -22.35
CA GLU E 85 12.07 34.91 -21.86
C GLU E 85 11.40 35.17 -20.52
N LEU E 86 11.63 36.32 -19.91
CA LEU E 86 11.06 36.66 -18.61
C LEU E 86 10.06 37.81 -18.75
N PHE E 87 9.17 37.89 -17.76
CA PHE E 87 8.17 38.96 -17.68
C PHE E 87 8.34 39.65 -16.33
N ILE E 88 8.99 40.82 -16.34
CA ILE E 88 9.36 41.51 -15.12
C ILE E 88 8.38 42.65 -14.89
N THR E 89 7.71 42.63 -13.73
CA THR E 89 6.78 43.67 -13.33
C THR E 89 7.30 44.36 -12.09
N SER E 90 7.24 45.69 -12.07
CA SER E 90 7.54 46.46 -10.88
C SER E 90 6.49 47.55 -10.74
N LYS E 91 6.45 48.15 -9.55
CA LYS E 91 5.43 49.13 -9.21
C LYS E 91 6.08 50.45 -8.82
N LEU E 92 5.34 51.54 -9.03
CA LEU E 92 5.78 52.88 -8.66
C LEU E 92 5.28 53.20 -7.26
N TRP E 93 6.20 53.52 -6.36
CA TRP E 93 5.81 53.84 -5.00
C TRP E 93 5.14 55.21 -4.94
N CYS E 94 4.19 55.35 -4.00
CA CYS E 94 3.35 56.54 -3.93
C CYS E 94 4.16 57.80 -3.65
N ALA E 95 5.37 57.68 -3.12
CA ALA E 95 6.21 58.85 -2.91
C ALA E 95 6.59 59.51 -4.23
N ASP E 96 6.60 58.73 -5.31
CA ASP E 96 6.87 59.25 -6.65
C ASP E 96 5.61 59.31 -7.50
N ALA E 97 4.44 59.26 -6.87
CA ALA E 97 3.17 59.36 -7.59
C ALA E 97 2.91 60.79 -8.03
N HIS E 98 3.91 61.42 -8.63
CA HIS E 98 3.81 62.76 -9.17
C HIS E 98 4.44 62.76 -10.55
N ALA E 99 3.83 63.49 -11.49
CA ALA E 99 4.29 63.49 -12.87
C ALA E 99 5.77 63.84 -12.97
N ASP E 100 6.28 64.60 -12.01
CA ASP E 100 7.71 64.90 -11.94
C ASP E 100 8.54 63.63 -11.87
N LEU E 101 8.24 62.75 -10.92
CA LEU E 101 9.16 61.70 -10.49
C LEU E 101 8.79 60.32 -11.01
N VAL E 102 7.91 60.22 -12.01
CA VAL E 102 7.50 58.91 -12.50
C VAL E 102 8.62 58.26 -13.31
N LEU E 103 9.14 58.98 -14.30
CA LEU E 103 10.20 58.45 -15.14
C LEU E 103 11.52 58.30 -14.37
N PRO E 104 11.91 59.26 -13.51
CA PRO E 104 13.09 59.00 -12.67
C PRO E 104 12.94 57.77 -11.78
N ALA E 105 11.73 57.49 -11.30
CA ALA E 105 11.53 56.28 -10.50
C ALA E 105 11.70 55.03 -11.34
N LEU E 106 11.24 55.05 -12.59
CA LEU E 106 11.38 53.88 -13.46
C LEU E 106 12.85 53.61 -13.76
N GLN E 107 13.59 54.64 -14.17
CA GLN E 107 15.00 54.45 -14.49
C GLN E 107 15.80 54.03 -13.27
N ASN E 108 15.32 54.36 -12.07
CA ASN E 108 16.01 53.91 -10.86
C ASN E 108 15.73 52.45 -10.58
N SER E 109 14.47 52.02 -10.72
CA SER E 109 14.16 50.60 -10.57
C SER E 109 14.88 49.77 -11.61
N LEU E 110 15.01 50.29 -12.84
CA LEU E 110 15.74 49.57 -13.87
C LEU E 110 17.22 49.47 -13.55
N ARG E 111 17.77 50.45 -12.82
CA ARG E 111 19.17 50.36 -12.40
C ARG E 111 19.36 49.24 -11.38
N ASN E 112 18.47 49.16 -10.39
CA ASN E 112 18.56 48.09 -9.39
C ASN E 112 18.33 46.73 -10.04
N LEU E 113 17.36 46.64 -10.95
CA LEU E 113 17.12 45.40 -11.68
C LEU E 113 18.20 45.11 -12.71
N LYS E 114 19.07 46.10 -13.01
CA LYS E 114 20.10 45.95 -14.04
C LYS E 114 19.49 45.55 -15.38
N LEU E 115 18.34 46.15 -15.70
CA LEU E 115 17.63 45.88 -16.93
C LEU E 115 17.47 47.18 -17.73
N ASP E 116 17.13 47.03 -19.01
CA ASP E 116 16.87 48.17 -19.87
C ASP E 116 15.39 48.52 -19.97
N TYR E 117 14.50 47.56 -19.74
CA TYR E 117 13.07 47.83 -19.85
C TYR E 117 12.31 46.89 -18.91
N LEU E 118 11.20 47.39 -18.38
CA LEU E 118 10.23 46.56 -17.69
C LEU E 118 9.20 46.06 -18.67
N ASP E 119 8.64 44.89 -18.40
CA ASP E 119 7.52 44.40 -19.20
C ASP E 119 6.22 45.05 -18.77
N LEU E 120 6.11 45.43 -17.51
CA LEU E 120 4.88 46.03 -16.99
C LEU E 120 5.21 47.00 -15.88
N TYR E 121 4.74 48.23 -16.02
CA TYR E 121 4.75 49.19 -14.93
C TYR E 121 3.39 49.20 -14.28
N LEU E 122 3.38 49.36 -12.96
CA LEU E 122 2.14 49.42 -12.19
C LEU E 122 2.21 50.58 -11.21
N ILE E 123 1.06 51.20 -10.98
CA ILE E 123 0.90 52.18 -9.91
C ILE E 123 0.52 51.41 -8.65
N HIS E 124 1.30 51.59 -7.59
CA HIS E 124 1.17 50.72 -6.42
C HIS E 124 -0.15 50.94 -5.70
N HIS E 125 -0.54 52.19 -5.49
CA HIS E 125 -1.76 52.52 -4.76
C HIS E 125 -2.37 53.77 -5.37
N PRO E 126 -3.70 53.95 -5.25
CA PRO E 126 -4.36 55.18 -5.70
C PRO E 126 -4.22 56.35 -4.74
N VAL E 127 -3.00 56.56 -4.22
CA VAL E 127 -2.68 57.66 -3.34
C VAL E 127 -1.30 58.20 -3.70
N SER E 128 -1.05 59.45 -3.29
CA SER E 128 0.26 60.07 -3.41
C SER E 128 0.80 60.38 -2.02
N LEU E 129 2.12 60.41 -1.91
CA LEU E 129 2.80 60.70 -0.65
C LEU E 129 3.78 61.84 -0.85
N LYS E 130 4.17 62.46 0.24
CA LYS E 130 5.06 63.62 0.18
C LYS E 130 6.51 63.17 0.03
N PRO E 131 7.22 63.60 -1.03
CA PRO E 131 8.60 63.22 -1.34
C PRO E 131 9.59 63.53 -0.23
C ILE E 138 3.99 56.74 7.38
N PRO E 139 4.20 58.06 7.39
CA PRO E 139 3.32 58.95 8.16
C PRO E 139 1.89 58.98 7.64
N LYS E 140 1.08 59.92 8.15
CA LYS E 140 -0.31 60.07 7.76
C LYS E 140 -0.66 61.45 7.22
N ASP E 141 0.04 62.49 7.67
CA ASP E 141 -0.23 63.84 7.19
C ASP E 141 0.22 64.04 5.76
N HIS E 142 1.07 63.15 5.24
CA HIS E 142 1.62 63.27 3.90
C HIS E 142 0.77 62.57 2.84
N ILE E 143 -0.27 61.85 3.25
CA ILE E 143 -1.11 61.14 2.29
C ILE E 143 -1.98 62.13 1.55
N LEU E 144 -1.91 62.10 0.22
CA LEU E 144 -2.56 63.07 -0.65
C LEU E 144 -3.60 62.41 -1.54
N PRO E 145 -4.54 63.18 -2.08
CA PRO E 145 -5.27 62.73 -3.26
C PRO E 145 -4.34 62.75 -4.48
N MET E 146 -4.51 61.77 -5.35
CA MET E 146 -3.64 61.60 -6.50
C MET E 146 -4.25 62.28 -7.73
N ASP E 147 -3.43 63.04 -8.45
CA ASP E 147 -3.84 63.61 -9.73
C ASP E 147 -3.74 62.51 -10.77
N TYR E 148 -4.87 61.85 -11.04
CA TYR E 148 -4.86 60.69 -11.93
C TYR E 148 -4.44 61.07 -13.34
N LYS E 149 -4.83 62.25 -13.82
CA LYS E 149 -4.58 62.62 -15.20
C LYS E 149 -3.09 62.84 -15.45
N SER E 150 -2.44 63.61 -14.60
CA SER E 150 -1.02 63.94 -14.82
C SER E 150 -0.11 62.75 -14.54
N VAL E 151 -0.44 61.95 -13.52
CA VAL E 151 0.40 60.81 -13.18
C VAL E 151 0.32 59.75 -14.28
N TRP E 152 -0.90 59.41 -14.72
CA TRP E 152 -1.04 58.41 -15.76
C TRP E 152 -0.44 58.88 -17.08
N ALA E 153 -0.49 60.19 -17.34
CA ALA E 153 0.15 60.71 -18.55
C ALA E 153 1.66 60.51 -18.50
N ALA E 154 2.26 60.65 -17.30
CA ALA E 154 3.67 60.34 -17.15
C ALA E 154 3.94 58.85 -17.35
N MET E 155 3.04 58.01 -16.85
CA MET E 155 3.16 56.57 -17.09
C MET E 155 3.05 56.25 -18.58
N GLU E 156 2.17 56.96 -19.30
CA GLU E 156 2.04 56.75 -20.74
C GLU E 156 3.31 57.16 -21.46
N GLU E 157 3.97 58.21 -20.99
CA GLU E 157 5.23 58.62 -21.60
C GLU E 157 6.33 57.59 -21.35
N CYS E 158 6.29 56.91 -20.18
CA CYS E 158 7.28 55.88 -19.91
C CYS E 158 7.22 54.75 -20.93
N GLN E 159 6.01 54.40 -21.37
CA GLN E 159 5.86 53.40 -22.42
C GLN E 159 6.21 53.97 -23.78
N THR E 160 5.85 55.24 -24.02
CA THR E 160 6.19 55.89 -25.28
C THR E 160 7.70 55.88 -25.53
N LEU E 161 8.49 56.10 -24.47
CA LEU E 161 9.94 56.15 -24.57
C LEU E 161 10.57 54.77 -24.52
N GLY E 162 9.79 53.70 -24.41
CA GLY E 162 10.31 52.35 -24.49
C GLY E 162 10.89 51.80 -23.21
N PHE E 163 10.70 52.47 -22.07
CA PHE E 163 11.23 51.96 -20.81
C PHE E 163 10.32 50.93 -20.15
N THR E 164 9.07 50.84 -20.60
CA THR E 164 8.17 49.77 -20.19
C THR E 164 7.26 49.43 -21.37
N ARG E 165 7.02 48.14 -21.56
CA ARG E 165 6.18 47.70 -22.67
C ARG E 165 4.69 47.87 -22.38
N ALA E 166 4.31 47.92 -21.11
CA ALA E 166 2.91 48.07 -20.74
C ALA E 166 2.82 48.76 -19.39
N ILE E 167 1.64 49.31 -19.09
CA ILE E 167 1.40 50.04 -17.85
C ILE E 167 0.06 49.62 -17.27
N GLY E 168 -0.08 49.76 -15.96
CA GLY E 168 -1.30 49.40 -15.29
C GLY E 168 -1.41 50.02 -13.91
N VAL E 169 -2.32 49.47 -13.11
CA VAL E 169 -2.60 49.99 -11.78
C VAL E 169 -2.74 48.84 -10.80
N CYS E 170 -2.67 49.17 -9.51
CA CYS E 170 -2.87 48.22 -8.43
C CYS E 170 -3.88 48.78 -7.43
N ASN E 171 -4.77 47.91 -6.95
CA ASN E 171 -5.71 48.25 -5.88
C ASN E 171 -6.56 49.49 -6.24
N PHE E 172 -6.95 49.57 -7.51
CA PHE E 172 -7.89 50.59 -7.96
C PHE E 172 -9.30 50.03 -7.92
N SER E 173 -10.24 50.83 -7.42
CA SER E 173 -11.62 50.40 -7.36
C SER E 173 -12.28 50.56 -8.74
N CYS E 174 -13.53 50.09 -8.83
CA CYS E 174 -14.28 50.25 -10.07
C CYS E 174 -14.56 51.73 -10.36
N LYS E 175 -14.83 52.51 -9.32
CA LYS E 175 -15.00 53.95 -9.49
C LYS E 175 -13.70 54.61 -9.92
N LYS E 176 -12.60 54.28 -9.24
CA LYS E 176 -11.32 54.91 -9.52
C LYS E 176 -10.80 54.55 -10.91
N LEU E 177 -11.11 53.35 -11.40
CA LEU E 177 -10.72 52.99 -12.75
C LEU E 177 -11.44 53.86 -13.78
N GLN E 178 -12.72 54.17 -13.53
CA GLN E 178 -13.46 55.03 -14.46
C GLN E 178 -12.86 56.42 -14.51
N GLU E 179 -12.42 56.94 -13.36
CA GLU E 179 -11.78 58.25 -13.33
C GLU E 179 -10.47 58.24 -14.11
N LEU E 180 -9.60 57.29 -13.81
CA LEU E 180 -8.30 57.22 -14.48
C LEU E 180 -8.47 57.05 -15.98
N MET E 181 -9.44 56.23 -16.39
CA MET E 181 -9.62 55.86 -17.80
C MET E 181 -10.40 56.89 -18.60
N ALA E 182 -10.92 57.94 -17.96
CA ALA E 182 -11.69 58.94 -18.70
C ALA E 182 -10.79 59.78 -19.58
N ALA E 183 -9.58 60.09 -19.12
CA ALA E 183 -8.62 60.89 -19.88
C ALA E 183 -7.46 60.06 -20.41
N ALA E 184 -7.57 58.74 -20.34
CA ALA E 184 -6.46 57.88 -20.72
C ALA E 184 -6.33 57.78 -22.23
N LYS E 185 -5.11 57.91 -22.73
CA LYS E 185 -4.80 57.60 -24.12
C LYS E 185 -4.34 56.16 -24.28
N ILE E 186 -3.54 55.66 -23.33
CA ILE E 186 -3.18 54.26 -23.24
C ILE E 186 -3.93 53.68 -22.03
N PRO E 187 -4.97 52.89 -22.24
CA PRO E 187 -5.76 52.37 -21.11
C PRO E 187 -4.94 51.42 -20.27
N PRO E 188 -5.30 51.26 -18.99
CA PRO E 188 -4.57 50.31 -18.15
C PRO E 188 -4.73 48.88 -18.66
N VAL E 189 -3.61 48.17 -18.74
CA VAL E 189 -3.62 46.79 -19.20
C VAL E 189 -3.95 45.82 -18.07
N VAL E 190 -3.54 46.13 -16.84
CA VAL E 190 -3.72 45.25 -15.70
C VAL E 190 -4.18 46.08 -14.50
N ASN E 191 -5.11 45.53 -13.73
CA ASN E 191 -5.44 46.04 -12.40
C ASN E 191 -5.17 44.92 -11.40
N GLN E 192 -4.06 45.01 -10.68
CA GLN E 192 -3.67 43.98 -9.72
C GLN E 192 -4.35 44.28 -8.38
N VAL E 193 -5.32 43.46 -8.01
CA VAL E 193 -6.11 43.65 -6.80
C VAL E 193 -6.15 42.33 -6.01
N GLU E 194 -6.62 42.43 -4.78
CA GLU E 194 -6.79 41.23 -3.96
C GLU E 194 -8.00 40.45 -4.46
N MET E 195 -7.77 39.21 -4.87
CA MET E 195 -8.84 38.31 -5.30
C MET E 195 -8.55 36.93 -4.74
N SER E 196 -9.54 36.36 -4.06
CA SER E 196 -9.37 35.09 -3.38
C SER E 196 -10.75 34.44 -3.23
N PRO E 197 -10.80 33.18 -2.80
CA PRO E 197 -12.11 32.57 -2.48
C PRO E 197 -12.91 33.35 -1.44
N THR E 198 -12.29 34.28 -0.71
CA THR E 198 -13.01 35.12 0.25
C THR E 198 -13.24 36.53 -0.27
N LEU E 199 -12.75 36.87 -1.45
CA LEU E 199 -12.99 38.18 -2.05
C LEU E 199 -13.04 37.99 -3.56
N HIS E 200 -14.26 37.85 -4.10
CA HIS E 200 -14.43 37.49 -5.49
C HIS E 200 -14.27 38.66 -6.45
N GLN E 201 -14.49 39.89 -5.97
CA GLN E 201 -14.38 41.09 -6.81
C GLN E 201 -15.26 40.97 -8.05
N LYS E 202 -16.49 40.53 -7.84
CA LYS E 202 -17.37 40.18 -8.95
C LYS E 202 -17.76 41.40 -9.78
N ASN E 203 -17.92 42.56 -9.15
CA ASN E 203 -18.26 43.77 -9.90
C ASN E 203 -17.05 44.35 -10.61
N LEU E 204 -15.88 44.32 -9.97
CA LEU E 204 -14.67 44.78 -10.63
C LEU E 204 -14.32 43.91 -11.83
N ARG E 205 -14.67 42.62 -11.77
CA ARG E 205 -14.36 41.71 -12.87
C ARG E 205 -15.29 41.87 -14.05
N GLU E 206 -16.48 42.44 -13.85
CA GLU E 206 -17.34 42.75 -14.99
C GLU E 206 -16.88 43.99 -15.72
N TYR E 207 -16.47 45.02 -14.97
CA TYR E 207 -15.98 46.25 -15.60
C TYR E 207 -14.68 46.00 -16.35
N CYS E 208 -13.75 45.27 -15.73
CA CYS E 208 -12.46 45.03 -16.37
C CYS E 208 -12.61 44.11 -17.58
N LYS E 209 -13.54 43.15 -17.52
CA LYS E 209 -13.79 42.28 -18.67
C LYS E 209 -14.39 43.07 -19.83
N ALA E 210 -15.30 44.00 -19.52
CA ALA E 210 -15.96 44.78 -20.56
C ALA E 210 -15.02 45.79 -21.22
N ASN E 211 -13.90 46.12 -20.57
CA ASN E 211 -12.95 47.09 -21.10
C ASN E 211 -11.59 46.48 -21.38
N ASN E 212 -11.51 45.15 -21.43
CA ASN E 212 -10.28 44.43 -21.74
C ASN E 212 -9.14 44.84 -20.79
N ILE E 213 -9.44 44.80 -19.50
CA ILE E 213 -8.45 45.04 -18.44
C ILE E 213 -8.24 43.74 -17.70
N MET E 214 -6.98 43.32 -17.57
CA MET E 214 -6.68 42.05 -16.94
C MET E 214 -6.64 42.20 -15.42
N ILE E 215 -7.32 41.30 -14.73
CA ILE E 215 -7.26 41.23 -13.27
C ILE E 215 -6.11 40.31 -12.89
N THR E 216 -5.17 40.83 -12.11
CA THR E 216 -4.09 40.04 -11.54
C THR E 216 -4.31 39.95 -10.03
N ALA E 217 -4.47 38.74 -9.52
CA ALA E 217 -4.83 38.54 -8.13
C ALA E 217 -3.59 38.43 -7.26
N HIS E 218 -3.57 39.20 -6.17
CA HIS E 218 -2.59 39.04 -5.11
C HIS E 218 -3.33 38.69 -3.82
N SER E 219 -2.57 38.19 -2.85
CA SER E 219 -3.12 37.74 -1.57
C SER E 219 -4.18 36.65 -1.79
N VAL E 220 -3.87 35.70 -2.67
CA VAL E 220 -4.81 34.62 -2.96
C VAL E 220 -5.01 33.74 -1.74
N LEU E 221 -3.97 33.56 -0.93
CA LEU E 221 -4.07 32.77 0.29
C LEU E 221 -4.33 33.63 1.52
N GLY E 222 -4.83 34.85 1.32
CA GLY E 222 -5.20 35.73 2.41
C GLY E 222 -4.04 36.32 3.19
N ALA E 223 -2.82 36.24 2.68
CA ALA E 223 -1.63 36.73 3.38
C ALA E 223 -1.52 36.09 4.77
N ILE E 224 -1.45 34.75 4.77
CA ILE E 224 -1.37 34.01 6.02
C ILE E 224 -0.10 34.34 6.80
N CYS E 225 0.93 34.84 6.11
CA CYS E 225 2.22 35.11 6.74
C CYS E 225 2.44 36.59 7.04
N ALA E 226 1.46 37.44 6.75
CA ALA E 226 1.65 38.87 6.97
C ALA E 226 0.85 39.35 8.17
N PRO E 227 1.33 40.39 8.86
CA PRO E 227 0.53 40.98 9.95
C PRO E 227 -0.85 41.45 9.51
N TRP E 228 -0.96 42.02 8.32
CA TRP E 228 -2.25 42.51 7.85
C TRP E 228 -3.16 41.40 7.33
N GLY E 229 -2.67 40.17 7.22
CA GLY E 229 -3.44 39.09 6.65
C GLY E 229 -4.38 38.43 7.66
N SER E 230 -4.96 37.32 7.24
CA SER E 230 -5.90 36.58 8.06
C SER E 230 -5.80 35.10 7.71
N ASN E 231 -6.74 34.30 8.22
CA ASN E 231 -6.74 32.85 8.04
C ASN E 231 -7.99 32.37 7.32
N ALA E 232 -8.72 33.27 6.66
CA ALA E 232 -10.02 32.93 6.11
C ALA E 232 -9.93 31.96 4.93
N VAL E 233 -8.78 31.83 4.29
CA VAL E 233 -8.61 30.96 3.14
C VAL E 233 -7.95 29.64 3.52
N MET E 234 -6.85 29.70 4.27
CA MET E 234 -6.13 28.48 4.61
C MET E 234 -6.88 27.63 5.63
N ASP E 235 -7.68 28.25 6.48
CA ASP E 235 -8.46 27.53 7.48
C ASP E 235 -9.92 27.37 7.07
N SER E 236 -10.26 27.64 5.82
CA SER E 236 -11.63 27.50 5.36
C SER E 236 -11.95 26.02 5.19
N LYS E 237 -12.94 25.55 5.94
CA LYS E 237 -13.31 24.14 5.88
C LYS E 237 -14.05 23.79 4.60
N VAL E 238 -14.65 24.79 3.94
CA VAL E 238 -15.24 24.56 2.62
C VAL E 238 -14.15 24.19 1.62
N LEU E 239 -13.03 24.93 1.64
CA LEU E 239 -11.92 24.61 0.75
C LEU E 239 -11.23 23.31 1.15
N HIS E 240 -11.26 22.95 2.43
CA HIS E 240 -10.68 21.69 2.88
C HIS E 240 -11.43 20.50 2.29
N GLN E 241 -12.76 20.55 2.30
CA GLN E 241 -13.52 19.39 1.81
C GLN E 241 -13.48 19.28 0.29
N ILE E 242 -13.28 20.40 -0.41
CA ILE E 242 -13.02 20.33 -1.84
C ILE E 242 -11.61 19.80 -2.09
N ALA E 243 -10.66 20.20 -1.25
CA ALA E 243 -9.28 19.75 -1.40
C ALA E 243 -9.17 18.23 -1.26
N VAL E 244 -9.85 17.66 -0.27
CA VAL E 244 -9.82 16.21 -0.09
C VAL E 244 -10.62 15.51 -1.18
N ALA E 245 -11.71 16.14 -1.65
CA ALA E 245 -12.53 15.52 -2.69
C ALA E 245 -11.78 15.41 -4.00
N ARG E 246 -10.81 16.29 -4.25
CA ARG E 246 -10.05 16.30 -5.49
C ARG E 246 -8.60 15.85 -5.31
N GLY E 247 -8.16 15.64 -4.08
CA GLY E 247 -6.78 15.26 -3.84
C GLY E 247 -5.79 16.40 -4.04
N LYS E 248 -6.18 17.61 -3.66
CA LYS E 248 -5.34 18.79 -3.84
C LYS E 248 -5.17 19.48 -2.49
N SER E 249 -4.33 20.51 -2.47
CA SER E 249 -4.14 21.30 -1.27
C SER E 249 -5.14 22.45 -1.23
N VAL E 250 -5.26 23.08 -0.06
CA VAL E 250 -6.11 24.26 0.06
C VAL E 250 -5.57 25.39 -0.80
N ALA E 251 -4.24 25.52 -0.87
CA ALA E 251 -3.64 26.51 -1.75
C ALA E 251 -3.88 26.17 -3.22
N GLN E 252 -3.82 24.89 -3.57
CA GLN E 252 -4.11 24.46 -4.93
C GLN E 252 -5.52 24.85 -5.35
N VAL E 253 -6.50 24.59 -4.47
CA VAL E 253 -7.89 24.88 -4.80
C VAL E 253 -8.09 26.38 -4.97
N SER E 254 -7.51 27.18 -4.08
CA SER E 254 -7.71 28.63 -4.11
C SER E 254 -7.07 29.25 -5.35
N MET E 255 -5.88 28.80 -5.72
CA MET E 255 -5.20 29.37 -6.88
C MET E 255 -5.88 28.94 -8.18
N ARG E 256 -6.31 27.68 -8.27
CA ARG E 256 -7.05 27.25 -9.45
C ARG E 256 -8.34 28.04 -9.61
N TRP E 257 -8.98 28.39 -8.49
CA TRP E 257 -10.21 29.16 -8.57
C TRP E 257 -9.97 30.52 -9.19
N VAL E 258 -8.85 31.16 -8.86
CA VAL E 258 -8.55 32.48 -9.41
C VAL E 258 -8.33 32.39 -10.92
N TYR E 259 -7.50 31.44 -11.36
CA TYR E 259 -7.25 31.28 -12.79
C TYR E 259 -8.51 30.85 -13.54
N GLN E 260 -9.34 30.02 -12.91
CA GLN E 260 -10.55 29.53 -13.58
C GLN E 260 -11.59 30.63 -13.74
N GLN E 261 -11.63 31.59 -12.81
CA GLN E 261 -12.48 32.76 -12.99
C GLN E 261 -11.94 33.70 -14.07
N GLY E 262 -10.79 33.40 -14.66
CA GLY E 262 -10.28 34.18 -15.77
C GLY E 262 -9.27 35.24 -15.41
N ALA E 263 -8.63 35.13 -14.26
CA ALA E 263 -7.69 36.14 -13.79
C ALA E 263 -6.28 35.58 -13.73
N SER E 264 -5.32 36.49 -13.71
CA SER E 264 -3.93 36.15 -13.45
C SER E 264 -3.70 36.10 -11.93
N LEU E 265 -2.54 35.59 -11.53
CA LEU E 265 -2.22 35.54 -10.11
C LEU E 265 -0.72 35.59 -9.92
N VAL E 266 -0.29 36.43 -8.98
CA VAL E 266 1.08 36.49 -8.50
C VAL E 266 1.10 35.91 -7.10
N VAL E 267 1.86 34.83 -6.91
CA VAL E 267 1.89 34.10 -5.64
C VAL E 267 3.20 34.37 -4.93
N LYS E 268 3.14 34.56 -3.62
CA LYS E 268 4.33 34.66 -2.80
C LYS E 268 4.77 33.24 -2.43
N SER E 269 6.04 32.93 -2.69
CA SER E 269 6.58 31.62 -2.38
C SER E 269 7.87 31.77 -1.57
N PHE E 270 7.95 31.04 -0.46
CA PHE E 270 9.12 31.05 0.40
C PHE E 270 9.99 29.80 0.25
N ASN E 271 9.50 28.77 -0.43
CA ASN E 271 10.19 27.50 -0.45
C ASN E 271 9.87 26.75 -1.74
N GLU E 272 10.78 25.84 -2.12
CA GLU E 272 10.59 25.01 -3.30
C GLU E 272 9.36 24.11 -3.18
N GLY E 273 8.87 23.87 -1.97
CA GLY E 273 7.70 23.03 -1.76
C GLY E 273 6.48 23.46 -2.55
N ARG E 274 5.99 24.67 -2.28
CA ARG E 274 4.83 25.16 -3.03
C ARG E 274 5.21 25.56 -4.45
N MET E 275 6.44 26.01 -4.66
CA MET E 275 6.90 26.45 -5.99
C MET E 275 6.53 25.46 -7.07
N LYS E 276 7.03 24.22 -6.94
CA LYS E 276 6.79 23.21 -7.97
C LYS E 276 5.34 22.80 -8.02
N GLU E 277 4.61 22.92 -6.91
CA GLU E 277 3.22 22.47 -6.89
C GLU E 277 2.26 23.52 -7.44
N ASN E 278 2.57 24.81 -7.26
CA ASN E 278 1.70 25.85 -7.78
C ASN E 278 1.62 25.82 -9.30
N LEU E 279 2.67 25.35 -9.96
CA LEU E 279 2.68 25.21 -11.42
C LEU E 279 1.76 24.11 -11.91
N LYS E 280 1.11 23.37 -11.02
CA LYS E 280 0.25 22.26 -11.40
C LYS E 280 -1.24 22.59 -11.31
N ILE E 281 -1.58 23.85 -11.01
CA ILE E 281 -2.99 24.25 -11.04
C ILE E 281 -3.54 24.22 -12.45
N PHE E 282 -2.68 24.24 -13.46
CA PHE E 282 -3.10 24.23 -14.86
C PHE E 282 -3.32 22.82 -15.39
N ASP E 283 -3.19 21.79 -14.56
CA ASP E 283 -3.35 20.41 -14.99
C ASP E 283 -4.68 19.80 -14.56
N TRP E 284 -5.49 20.49 -13.77
CA TRP E 284 -6.76 19.98 -13.32
C TRP E 284 -7.80 21.10 -13.38
N GLU E 285 -9.07 20.71 -13.23
CA GLU E 285 -10.19 21.64 -13.35
C GLU E 285 -11.13 21.48 -12.16
N LEU E 286 -11.67 22.61 -11.70
CA LEU E 286 -12.67 22.59 -10.65
C LEU E 286 -14.06 22.34 -11.24
N THR E 287 -14.86 21.57 -10.53
CA THR E 287 -16.20 21.22 -11.00
C THR E 287 -17.16 22.37 -10.76
N ALA E 288 -18.33 22.29 -11.40
CA ALA E 288 -19.35 23.31 -11.21
C ALA E 288 -19.86 23.34 -9.77
N GLU E 289 -19.98 22.15 -9.15
CA GLU E 289 -20.33 22.10 -7.74
C GLU E 289 -19.26 22.78 -6.89
N ASN E 290 -17.98 22.50 -7.19
CA ASN E 290 -16.90 23.16 -6.47
C ASN E 290 -16.96 24.67 -6.59
N MET E 291 -17.46 25.17 -7.73
CA MET E 291 -17.56 26.62 -7.92
C MET E 291 -18.66 27.22 -7.05
N GLU E 292 -19.81 26.56 -6.96
CA GLU E 292 -20.93 27.11 -6.21
C GLU E 292 -20.62 27.16 -4.71
N LYS E 293 -19.95 26.13 -4.19
CA LYS E 293 -19.60 26.12 -2.77
C LYS E 293 -18.62 27.24 -2.43
N ILE E 294 -17.74 27.60 -3.37
CA ILE E 294 -16.84 28.72 -3.15
C ILE E 294 -17.58 30.05 -3.33
N SER E 295 -18.54 30.10 -4.25
CA SER E 295 -19.31 31.32 -4.45
C SER E 295 -20.13 31.70 -3.22
N GLU E 296 -20.42 30.74 -2.35
CA GLU E 296 -21.18 30.99 -1.13
C GLU E 296 -20.30 31.16 0.09
N ILE E 297 -18.98 31.12 -0.07
CA ILE E 297 -18.08 31.39 1.04
C ILE E 297 -18.24 32.85 1.47
N PRO E 298 -18.36 33.14 2.77
CA PRO E 298 -18.51 34.53 3.20
C PRO E 298 -17.35 35.40 2.74
N GLN E 299 -17.66 36.67 2.47
CA GLN E 299 -16.68 37.60 1.94
C GLN E 299 -15.91 38.29 3.05
N SER E 300 -14.60 38.41 2.87
CA SER E 300 -13.74 39.06 3.86
C SER E 300 -12.50 39.59 3.15
N ARG E 301 -12.23 40.89 3.30
CA ARG E 301 -11.06 41.50 2.69
C ARG E 301 -9.93 41.52 3.71
N THR E 302 -8.84 40.83 3.39
CA THR E 302 -7.68 40.81 4.28
C THR E 302 -6.77 42.02 4.04
N SER E 303 -6.73 42.52 2.81
CA SER E 303 -5.86 43.64 2.47
C SER E 303 -6.12 44.82 3.39
N SER E 304 -5.03 45.38 3.92
CA SER E 304 -5.08 46.54 4.78
C SER E 304 -4.68 47.76 3.97
N ALA E 305 -5.68 48.55 3.59
CA ALA E 305 -5.46 49.93 3.21
C ALA E 305 -5.25 50.82 4.42
N ASP E 306 -5.07 50.23 5.61
CA ASP E 306 -5.10 50.98 6.86
C ASP E 306 -3.90 51.90 7.03
N PHE E 307 -2.80 51.67 6.31
CA PHE E 307 -1.68 52.61 6.40
C PHE E 307 -1.97 53.90 5.65
N LEU E 308 -2.82 53.85 4.61
CA LEU E 308 -3.18 55.01 3.83
C LEU E 308 -4.48 55.67 4.31
N LEU E 309 -4.96 55.31 5.49
CA LEU E 309 -6.20 55.86 6.02
C LEU E 309 -5.89 56.83 7.16
N SER E 310 -6.51 58.00 7.10
CA SER E 310 -6.31 59.06 8.07
C SER E 310 -7.67 59.72 8.30
N PRO E 311 -8.05 59.97 9.55
CA PRO E 311 -9.35 60.61 9.81
C PRO E 311 -9.51 61.99 9.19
N THR E 312 -8.46 62.57 8.62
CA THR E 312 -8.55 63.92 8.04
C THR E 312 -7.67 64.01 6.79
N GLY E 313 -7.88 63.09 5.85
CA GLY E 313 -7.09 63.06 4.64
C GLY E 313 -7.89 62.71 3.41
N PRO E 314 -7.21 62.14 2.40
CA PRO E 314 -7.92 61.75 1.17
C PRO E 314 -8.95 60.65 1.39
N PHE E 315 -8.59 59.63 2.16
CA PHE E 315 -9.51 58.55 2.51
C PHE E 315 -9.50 58.37 4.03
N LYS E 316 -10.69 58.25 4.61
CA LYS E 316 -10.86 58.15 6.05
C LYS E 316 -11.24 56.75 6.51
N THR E 317 -12.26 56.15 5.90
CA THR E 317 -12.62 54.77 6.16
C THR E 317 -12.13 53.88 5.02
N GLU E 318 -12.32 52.57 5.17
CA GLU E 318 -12.02 51.66 4.07
C GLU E 318 -13.04 51.78 2.94
N GLU E 319 -14.28 52.17 3.27
CA GLU E 319 -15.30 52.37 2.26
C GLU E 319 -14.87 53.39 1.20
N GLU E 320 -14.12 54.42 1.59
CA GLU E 320 -13.72 55.43 0.63
C GLU E 320 -12.56 54.97 -0.23
N PHE E 321 -11.74 54.04 0.28
CA PHE E 321 -10.60 53.55 -0.49
C PHE E 321 -11.04 52.54 -1.54
N TRP E 322 -11.91 51.61 -1.16
CA TRP E 322 -12.35 50.55 -2.04
C TRP E 322 -13.63 50.88 -2.79
N ASP E 323 -14.37 51.90 -2.35
CA ASP E 323 -15.57 52.35 -3.05
C ASP E 323 -16.55 51.21 -3.30
N GLU E 324 -16.73 50.37 -2.27
CA GLU E 324 -17.59 49.20 -2.39
C GLU E 324 -18.23 48.86 -1.05
N GLY F 10 -9.47 27.26 27.83
CA GLY F 10 -8.32 27.89 28.44
C GLY F 10 -7.03 27.10 28.23
N VAL F 11 -5.91 27.81 28.17
CA VAL F 11 -4.61 27.19 27.97
C VAL F 11 -4.23 26.39 29.22
N PRO F 12 -4.06 25.08 29.12
CA PRO F 12 -3.66 24.30 30.30
C PRO F 12 -2.21 24.57 30.68
N MET F 13 -1.95 24.52 31.98
CA MET F 13 -0.60 24.63 32.50
C MET F 13 0.04 23.24 32.54
N ILE F 14 1.37 23.23 32.35
CA ILE F 14 2.15 22.00 32.44
C ILE F 14 3.14 22.15 33.59
N THR F 15 3.10 21.20 34.53
CA THR F 15 4.00 21.24 35.67
C THR F 15 5.36 20.68 35.26
N LEU F 16 6.40 21.51 35.37
CA LEU F 16 7.75 21.10 35.03
C LEU F 16 8.38 20.35 36.19
N SER F 17 9.55 19.75 35.92
CA SER F 17 10.17 18.87 36.91
C SER F 17 10.66 19.63 38.15
N SER F 18 10.82 20.94 38.05
CA SER F 18 11.22 21.75 39.20
C SER F 18 10.02 22.29 39.97
N GLY F 19 8.80 21.99 39.55
CA GLY F 19 7.60 22.52 40.16
C GLY F 19 7.06 23.77 39.49
N ILE F 20 7.87 24.45 38.69
CA ILE F 20 7.42 25.65 37.99
C ILE F 20 6.40 25.28 36.93
N ARG F 21 5.38 26.12 36.79
CA ARG F 21 4.27 25.84 35.88
C ARG F 21 4.41 26.69 34.61
N MET F 22 4.06 26.09 33.48
CA MET F 22 4.37 26.63 32.17
C MET F 22 3.15 26.49 31.26
N PRO F 23 2.73 27.56 30.59
CA PRO F 23 1.61 27.44 29.65
C PRO F 23 1.94 26.46 28.52
N ALA F 24 0.98 25.59 28.22
CA ALA F 24 1.22 24.56 27.22
C ALA F 24 1.44 25.15 25.83
N LEU F 25 0.86 26.32 25.57
CA LEU F 25 0.93 26.96 24.27
C LEU F 25 1.49 28.37 24.41
N GLY F 26 2.46 28.71 23.57
CA GLY F 26 3.05 30.03 23.58
C GLY F 26 3.28 30.55 22.18
N MET F 27 3.68 31.81 22.11
CA MET F 27 3.98 32.48 20.84
C MET F 27 5.47 32.75 20.72
N GLY F 28 6.03 32.47 19.54
CA GLY F 28 7.44 32.65 19.30
C GLY F 28 7.76 33.95 18.57
N THR F 29 9.06 34.17 18.41
CA THR F 29 9.59 35.34 17.74
C THR F 29 10.07 34.96 16.35
N ALA F 30 9.61 35.71 15.35
CA ALA F 30 10.05 35.49 13.97
C ALA F 30 11.57 35.56 13.90
N GLU F 31 12.18 34.47 13.42
CA GLU F 31 13.62 34.31 13.49
C GLU F 31 14.37 35.20 12.50
N THR F 32 13.77 36.34 12.14
CA THR F 32 14.42 37.33 11.28
C THR F 32 15.46 38.06 12.11
N MET F 33 16.72 37.68 11.94
CA MET F 33 17.81 38.31 12.70
C MET F 33 18.06 39.73 12.24
N VAL F 34 17.17 40.63 12.61
CA VAL F 34 17.26 42.04 12.25
C VAL F 34 16.26 42.85 13.08
N GLU F 40 7.13 44.09 15.51
CA GLU F 40 6.77 42.84 16.20
C GLU F 40 5.96 43.12 17.47
N LYS F 41 6.21 44.27 18.09
CA LYS F 41 5.61 44.54 19.40
C LYS F 41 4.10 44.59 19.34
N LEU F 42 3.52 44.96 18.20
CA LEU F 42 2.07 45.00 18.11
C LEU F 42 1.48 43.60 18.04
N ALA F 43 2.13 42.69 17.31
CA ALA F 43 1.72 41.30 17.32
C ALA F 43 1.78 40.72 18.73
N PHE F 44 2.77 41.15 19.51
CA PHE F 44 2.84 40.70 20.90
C PHE F 44 1.71 41.30 21.73
N LEU F 45 1.43 42.59 21.53
CA LEU F 45 0.31 43.23 22.22
C LEU F 45 -1.00 42.51 21.91
N LYS F 46 -1.28 42.29 20.62
CA LYS F 46 -2.47 41.55 20.23
C LYS F 46 -2.52 40.16 20.84
N ALA F 47 -1.35 39.53 21.00
CA ALA F 47 -1.33 38.19 21.59
C ALA F 47 -1.70 38.23 23.07
N ILE F 48 -1.24 39.25 23.80
CA ILE F 48 -1.50 39.31 25.24
C ILE F 48 -2.98 39.56 25.52
N GLU F 49 -3.66 40.31 24.66
CA GLU F 49 -5.10 40.52 24.87
C GLU F 49 -5.90 39.28 24.54
N VAL F 50 -5.42 38.47 23.57
CA VAL F 50 -6.13 37.24 23.21
C VAL F 50 -6.04 36.22 24.34
N GLY F 51 -4.92 36.20 25.06
CA GLY F 51 -4.78 35.30 26.19
C GLY F 51 -3.44 34.59 26.25
N TYR F 52 -2.46 35.09 25.50
CA TYR F 52 -1.14 34.49 25.47
C TYR F 52 -0.33 34.95 26.68
N ARG F 53 0.14 33.98 27.48
CA ARG F 53 1.01 34.27 28.61
C ARG F 53 2.43 33.76 28.43
N HIS F 54 2.65 32.80 27.53
CA HIS F 54 3.95 32.23 27.28
C HIS F 54 4.56 32.88 26.05
N PHE F 55 5.73 33.49 26.20
CA PHE F 55 6.44 34.12 25.10
C PHE F 55 7.87 33.63 25.08
N ASP F 56 8.43 33.50 23.87
CA ASP F 56 9.77 32.94 23.69
C ASP F 56 10.50 33.75 22.64
N THR F 57 11.62 34.36 23.03
CA THR F 57 12.49 35.10 22.13
C THR F 57 13.88 34.48 22.18
N ALA F 58 14.82 35.11 21.48
CA ALA F 58 16.19 34.63 21.44
C ALA F 58 17.12 35.80 21.18
N ALA F 59 18.32 35.74 21.78
CA ALA F 59 19.32 36.79 21.61
C ALA F 59 19.88 36.84 20.20
N ALA F 60 19.61 35.83 19.37
CA ALA F 60 20.14 35.84 18.01
C ALA F 60 19.30 36.71 17.08
N TYR F 61 17.98 36.71 17.26
CA TYR F 61 17.08 37.38 16.33
C TYR F 61 16.93 38.87 16.62
N GLN F 62 17.38 39.35 17.78
CA GLN F 62 17.39 40.77 18.12
C GLN F 62 15.99 41.36 18.09
N SER F 63 15.02 40.63 18.63
CA SER F 63 13.67 41.13 18.83
C SER F 63 13.31 41.24 20.30
N GLU F 64 14.32 41.29 21.17
CA GLU F 64 14.05 41.33 22.61
C GLU F 64 13.53 42.68 23.06
N GLU F 65 13.89 43.75 22.34
CA GLU F 65 13.33 45.06 22.66
C GLU F 65 11.86 45.13 22.28
N CYS F 66 11.48 44.52 21.17
CA CYS F 66 10.07 44.49 20.76
C CYS F 66 9.22 43.78 21.79
N LEU F 67 9.69 42.64 22.30
CA LEU F 67 8.99 41.97 23.38
C LEU F 67 8.98 42.85 24.63
N GLY F 68 10.14 43.37 25.02
CA GLY F 68 10.24 44.17 26.23
C GLY F 68 9.35 45.40 26.23
N GLU F 69 9.14 46.00 25.05
CA GLU F 69 8.20 47.11 24.95
C GLU F 69 6.77 46.65 25.19
N ALA F 70 6.41 45.47 24.68
CA ALA F 70 5.04 44.98 24.81
C ALA F 70 4.70 44.62 26.25
N ILE F 71 5.70 44.22 27.05
CA ILE F 71 5.44 43.82 28.42
C ILE F 71 4.94 45.02 29.23
N ALA F 72 5.66 46.14 29.16
CA ALA F 72 5.31 47.30 29.96
C ALA F 72 3.96 47.88 29.54
N GLU F 73 3.68 47.91 28.23
CA GLU F 73 2.43 48.46 27.75
C GLU F 73 1.24 47.55 28.11
N ALA F 74 1.49 46.24 28.22
CA ALA F 74 0.46 45.35 28.76
C ALA F 74 0.25 45.57 30.24
N LEU F 75 1.25 46.10 30.95
CA LEU F 75 1.09 46.46 32.36
C LEU F 75 0.45 47.83 32.51
N GLN F 76 0.81 48.77 31.63
CA GLN F 76 0.19 50.09 31.66
C GLN F 76 -1.30 50.00 31.34
N LEU F 77 -1.66 49.25 30.30
CA LEU F 77 -3.05 49.08 29.90
C LEU F 77 -3.86 48.27 30.90
N GLY F 78 -3.22 47.63 31.87
CA GLY F 78 -3.92 46.73 32.76
C GLY F 78 -4.30 45.41 32.15
N LEU F 79 -3.73 45.06 30.99
CA LEU F 79 -4.01 43.77 30.37
C LEU F 79 -3.59 42.63 31.29
N ILE F 80 -2.31 42.62 31.67
CA ILE F 80 -1.80 41.70 32.68
C ILE F 80 -1.70 42.47 33.99
N LYS F 81 -2.08 41.83 35.10
CA LYS F 81 -2.11 42.50 36.39
C LYS F 81 -0.71 42.54 37.01
N SER F 82 -0.01 41.41 36.98
CA SER F 82 1.37 41.34 37.45
C SER F 82 2.23 40.69 36.37
N ARG F 83 3.54 40.86 36.51
CA ARG F 83 4.47 40.29 35.53
C ARG F 83 4.63 38.79 35.68
N ASP F 84 4.45 38.26 36.89
CA ASP F 84 4.57 36.82 37.11
C ASP F 84 3.49 36.02 36.39
N GLU F 85 2.44 36.68 35.89
CA GLU F 85 1.44 36.01 35.07
C GLU F 85 1.96 35.68 33.67
N LEU F 86 3.11 36.23 33.29
CA LEU F 86 3.74 35.95 32.01
C LEU F 86 4.88 34.95 32.20
N PHE F 87 5.08 34.11 31.19
CA PHE F 87 6.21 33.18 31.15
C PHE F 87 7.13 33.61 30.03
N ILE F 88 8.26 34.22 30.39
CA ILE F 88 9.19 34.80 29.42
C ILE F 88 10.36 33.86 29.23
N THR F 89 10.63 33.48 27.98
CA THR F 89 11.75 32.64 27.62
C THR F 89 12.68 33.39 26.68
N SER F 90 13.99 33.22 26.90
CA SER F 90 15.01 33.78 26.01
C SER F 90 16.11 32.74 25.87
N LYS F 91 17.00 32.99 24.91
CA LYS F 91 18.01 32.00 24.55
C LYS F 91 19.39 32.65 24.45
N LEU F 92 20.41 31.80 24.47
CA LEU F 92 21.81 32.21 24.48
C LEU F 92 22.43 31.85 23.14
N TRP F 93 22.90 32.85 22.40
CA TRP F 93 23.49 32.58 21.09
C TRP F 93 24.87 31.94 21.25
N CYS F 94 25.24 31.13 20.25
CA CYS F 94 26.43 30.30 20.33
C CYS F 94 27.70 31.12 20.51
N ALA F 95 27.70 32.39 20.12
CA ALA F 95 28.87 33.23 20.35
C ALA F 95 29.09 33.50 21.83
N ASP F 96 28.06 33.37 22.66
CA ASP F 96 28.18 33.54 24.10
C ASP F 96 28.12 32.21 24.84
N ALA F 97 28.28 31.08 24.14
CA ALA F 97 28.28 29.78 24.77
C ALA F 97 29.67 29.44 25.31
N HIS F 98 30.27 30.39 26.02
CA HIS F 98 31.51 30.16 26.75
C HIS F 98 31.27 30.56 28.20
N ALA F 99 31.94 29.84 29.12
CA ALA F 99 31.58 29.90 30.53
C ALA F 99 31.58 31.33 31.08
N ASP F 100 32.59 32.12 30.74
CA ASP F 100 32.65 33.49 31.24
C ASP F 100 31.60 34.40 30.60
N LEU F 101 30.94 33.95 29.55
CA LEU F 101 30.09 34.81 28.73
C LEU F 101 28.60 34.50 28.86
N VAL F 102 28.22 33.57 29.73
CA VAL F 102 26.81 33.20 29.84
C VAL F 102 26.06 34.17 30.74
N LEU F 103 26.63 34.49 31.90
CA LEU F 103 25.98 35.40 32.84
C LEU F 103 25.89 36.82 32.29
N PRO F 104 26.96 37.38 31.70
CA PRO F 104 26.79 38.70 31.07
C PRO F 104 25.81 38.72 29.92
N ALA F 105 25.73 37.64 29.13
CA ALA F 105 24.78 37.59 28.03
C ALA F 105 23.34 37.50 28.53
N LEU F 106 23.13 36.82 29.65
CA LEU F 106 21.79 36.74 30.22
C LEU F 106 21.31 38.11 30.69
N GLN F 107 22.19 38.88 31.32
CA GLN F 107 21.82 40.22 31.78
C GLN F 107 21.56 41.15 30.60
N ASN F 108 22.32 40.99 29.51
CA ASN F 108 22.12 41.82 28.33
C ASN F 108 20.74 41.60 27.74
N SER F 109 20.25 40.37 27.78
CA SER F 109 18.87 40.10 27.35
C SER F 109 17.87 40.70 28.32
N LEU F 110 18.15 40.59 29.63
CA LEU F 110 17.26 41.18 30.63
C LEU F 110 17.22 42.70 30.52
N ARG F 111 18.33 43.31 30.10
CA ARG F 111 18.34 44.76 29.89
C ARG F 111 17.40 45.15 28.75
N ASN F 112 17.51 44.47 27.61
CA ASN F 112 16.62 44.76 26.50
C ASN F 112 15.17 44.39 26.83
N LEU F 113 14.97 43.23 27.46
CA LEU F 113 13.64 42.85 27.91
C LEU F 113 13.09 43.77 28.99
N LYS F 114 13.94 44.62 29.58
CA LYS F 114 13.53 45.51 30.67
C LYS F 114 12.86 44.73 31.79
N LEU F 115 13.45 43.58 32.11
CA LEU F 115 12.99 42.69 33.16
C LEU F 115 14.11 42.46 34.17
N ASP F 116 13.75 41.86 35.31
CA ASP F 116 14.72 41.54 36.34
C ASP F 116 15.03 40.05 36.44
N TYR F 117 14.22 39.20 35.82
CA TYR F 117 14.47 37.76 35.83
C TYR F 117 13.78 37.12 34.65
N LEU F 118 14.31 35.98 34.23
CA LEU F 118 13.68 35.17 33.20
C LEU F 118 12.96 33.99 33.82
N ASP F 119 11.91 33.52 33.14
CA ASP F 119 11.23 32.31 33.58
C ASP F 119 11.93 31.06 33.09
N LEU F 120 12.61 31.14 31.95
CA LEU F 120 13.30 29.99 31.38
C LEU F 120 14.39 30.50 30.44
N TYR F 121 15.62 30.01 30.66
CA TYR F 121 16.77 30.40 29.83
C TYR F 121 17.34 29.15 29.17
N LEU F 122 17.34 29.14 27.84
CA LEU F 122 17.71 27.97 27.06
C LEU F 122 18.99 28.23 26.28
N ILE F 123 19.81 27.19 26.16
CA ILE F 123 20.94 27.22 25.23
C ILE F 123 20.41 27.01 23.81
N HIS F 124 20.86 27.85 22.87
CA HIS F 124 20.26 27.85 21.54
C HIS F 124 20.65 26.61 20.76
N HIS F 125 21.93 26.27 20.72
CA HIS F 125 22.41 25.19 19.88
C HIS F 125 23.54 24.46 20.60
N PRO F 126 23.76 23.17 20.27
CA PRO F 126 24.86 22.43 20.90
C PRO F 126 26.22 22.75 20.30
N VAL F 127 26.47 24.02 19.97
CA VAL F 127 27.73 24.44 19.38
C VAL F 127 28.16 25.76 20.00
N SER F 128 29.46 26.04 19.87
CA SER F 128 30.03 27.31 20.30
C SER F 128 30.60 28.05 19.09
N LEU F 129 30.52 29.37 19.14
CA LEU F 129 31.05 30.23 18.10
C LEU F 129 32.20 31.06 18.64
N LYS F 130 33.09 31.46 17.75
CA LYS F 130 34.17 32.38 18.13
C LYS F 130 33.57 33.74 18.43
N PRO F 131 33.74 34.27 19.66
CA PRO F 131 33.19 35.54 20.17
C PRO F 131 33.17 36.68 19.14
N GLU F 137 26.23 37.45 8.44
CA GLU F 137 27.41 37.28 9.29
C GLU F 137 27.59 35.82 9.68
N ILE F 138 27.88 34.97 8.69
CA ILE F 138 28.00 33.54 8.93
C ILE F 138 29.37 33.04 8.50
N PRO F 139 30.24 32.69 9.44
CA PRO F 139 31.47 31.98 9.08
C PRO F 139 31.32 30.48 9.27
N LYS F 140 32.37 29.73 8.94
CA LYS F 140 32.38 28.28 9.15
C LYS F 140 33.50 27.84 10.09
N ASP F 141 34.68 28.45 10.01
CA ASP F 141 35.78 28.13 10.90
C ASP F 141 35.70 28.86 12.24
N HIS F 142 34.61 29.59 12.49
CA HIS F 142 34.33 30.11 13.82
C HIS F 142 33.47 29.16 14.63
N ILE F 143 33.15 27.98 14.10
CA ILE F 143 32.33 26.99 14.78
C ILE F 143 33.25 26.14 15.65
N LEU F 144 33.08 26.23 16.96
CA LEU F 144 33.90 25.45 17.89
C LEU F 144 33.03 24.44 18.63
N PRO F 145 33.59 23.31 19.04
CA PRO F 145 32.84 22.37 19.89
C PRO F 145 32.52 23.00 21.24
N MET F 146 31.28 22.84 21.68
CA MET F 146 30.82 23.45 22.92
C MET F 146 31.27 22.59 24.11
N ASP F 147 31.88 23.25 25.10
CA ASP F 147 32.28 22.59 26.34
C ASP F 147 31.03 22.48 27.21
N TYR F 148 30.35 21.34 27.11
CA TYR F 148 29.02 21.20 27.70
C TYR F 148 29.03 21.34 29.22
N LYS F 149 30.12 20.96 29.88
CA LYS F 149 30.15 20.98 31.34
C LYS F 149 30.25 22.41 31.87
N SER F 150 31.22 23.18 31.37
CA SER F 150 31.43 24.53 31.87
C SER F 150 30.29 25.46 31.47
N VAL F 151 29.77 25.31 30.24
CA VAL F 151 28.67 26.16 29.79
C VAL F 151 27.42 25.88 30.63
N TRP F 152 27.15 24.62 30.95
CA TRP F 152 26.01 24.30 31.79
C TRP F 152 26.25 24.70 33.23
N ALA F 153 27.50 24.69 33.69
CA ALA F 153 27.82 25.15 35.03
C ALA F 153 27.45 26.62 35.21
N ALA F 154 27.79 27.45 34.20
CA ALA F 154 27.38 28.84 34.24
C ALA F 154 25.86 28.98 34.16
N MET F 155 25.21 28.07 33.43
CA MET F 155 23.75 28.06 33.39
C MET F 155 23.16 27.82 34.77
N GLU F 156 23.74 26.89 35.53
CA GLU F 156 23.24 26.61 36.87
C GLU F 156 23.50 27.79 37.81
N GLU F 157 24.66 28.44 37.68
CA GLU F 157 24.93 29.63 38.48
C GLU F 157 23.99 30.77 38.10
N CYS F 158 23.52 30.80 36.85
CA CYS F 158 22.52 31.79 36.46
C CYS F 158 21.22 31.59 37.22
N GLN F 159 20.82 30.33 37.43
CA GLN F 159 19.61 30.07 38.19
C GLN F 159 19.85 30.25 39.68
N THR F 160 21.05 29.95 40.16
CA THR F 160 21.37 30.11 41.58
C THR F 160 21.31 31.58 41.99
N LEU F 161 21.87 32.47 41.16
CA LEU F 161 21.90 33.89 41.50
C LEU F 161 20.54 34.57 41.33
N GLY F 162 19.54 33.87 40.79
CA GLY F 162 18.20 34.42 40.69
C GLY F 162 17.87 35.14 39.40
N PHE F 163 18.75 35.09 38.40
CA PHE F 163 18.47 35.73 37.12
C PHE F 163 17.53 34.91 36.24
N THR F 164 17.28 33.66 36.58
CA THR F 164 16.34 32.83 35.83
C THR F 164 15.77 31.76 36.75
N ARG F 165 14.52 31.40 36.50
CA ARG F 165 13.85 30.41 37.32
C ARG F 165 14.09 28.98 36.87
N ALA F 166 14.37 28.78 35.58
CA ALA F 166 14.59 27.44 35.04
C ALA F 166 15.54 27.55 33.86
N ILE F 167 16.22 26.44 33.57
CA ILE F 167 17.20 26.38 32.48
C ILE F 167 16.90 25.15 31.62
N GLY F 168 17.32 25.23 30.37
CA GLY F 168 17.09 24.15 29.44
C GLY F 168 17.97 24.28 28.22
N VAL F 169 17.60 23.53 27.16
CA VAL F 169 18.38 23.45 25.94
C VAL F 169 17.45 23.56 24.74
N CYS F 170 18.04 23.62 23.55
CA CYS F 170 17.30 23.68 22.30
C CYS F 170 18.03 22.87 21.25
N ASN F 171 17.28 22.05 20.51
CA ASN F 171 17.81 21.27 19.39
C ASN F 171 18.93 20.34 19.84
N PHE F 172 18.79 19.77 21.03
CA PHE F 172 19.69 18.76 21.56
C PHE F 172 19.14 17.38 21.26
N SER F 173 20.00 16.47 20.82
CA SER F 173 19.60 15.10 20.54
C SER F 173 19.64 14.27 21.82
N CYS F 174 19.25 12.99 21.69
CA CYS F 174 19.38 12.06 22.81
C CYS F 174 20.82 12.02 23.31
N LYS F 175 21.76 11.78 22.40
CA LYS F 175 23.17 11.62 22.79
C LYS F 175 23.70 12.86 23.49
N LYS F 176 23.32 14.05 22.99
CA LYS F 176 23.83 15.28 23.58
C LYS F 176 23.25 15.53 24.96
N LEU F 177 22.00 15.11 25.20
CA LEU F 177 21.39 15.32 26.51
C LEU F 177 22.08 14.47 27.57
N GLN F 178 22.25 13.18 27.32
CA GLN F 178 22.93 12.31 28.28
C GLN F 178 24.31 12.85 28.63
N GLU F 179 25.01 13.39 27.63
CA GLU F 179 26.31 14.00 27.88
C GLU F 179 26.18 15.23 28.78
N LEU F 180 25.09 15.98 28.64
CA LEU F 180 24.85 17.12 29.52
C LEU F 180 24.43 16.66 30.91
N MET F 181 23.62 15.60 30.99
CA MET F 181 23.14 15.10 32.28
C MET F 181 24.27 14.52 33.13
N ALA F 182 25.43 14.24 32.54
CA ALA F 182 26.51 13.61 33.29
C ALA F 182 26.99 14.50 34.43
N ALA F 183 27.38 15.73 34.11
CA ALA F 183 27.89 16.68 35.11
C ALA F 183 26.83 17.72 35.50
N ALA F 184 25.55 17.35 35.45
CA ALA F 184 24.47 18.28 35.72
C ALA F 184 24.00 18.16 37.16
N LYS F 185 23.87 19.29 37.83
CA LYS F 185 23.28 19.37 39.16
C LYS F 185 21.84 19.87 39.12
N ILE F 186 21.57 20.89 38.30
CA ILE F 186 20.20 21.30 38.00
C ILE F 186 19.88 20.79 36.61
N PRO F 187 19.14 19.69 36.48
CA PRO F 187 18.94 19.10 35.16
C PRO F 187 18.09 20.00 34.28
N PRO F 188 18.27 19.94 32.96
CA PRO F 188 17.43 20.77 32.07
C PRO F 188 15.97 20.37 32.19
N VAL F 189 15.12 21.38 32.37
CA VAL F 189 13.70 21.15 32.58
C VAL F 189 12.91 21.13 31.28
N VAL F 190 13.46 21.67 30.20
CA VAL F 190 12.77 21.74 28.91
C VAL F 190 13.81 21.58 27.81
N ASN F 191 13.47 20.81 26.77
CA ASN F 191 14.27 20.71 25.56
C ASN F 191 13.39 21.11 24.38
N GLN F 192 13.70 22.25 23.76
CA GLN F 192 12.90 22.79 22.67
C GLN F 192 13.47 22.29 21.35
N VAL F 193 12.70 21.47 20.64
CA VAL F 193 13.14 20.85 19.39
C VAL F 193 12.01 20.96 18.37
N GLU F 194 12.34 20.67 17.11
CA GLU F 194 11.34 20.61 16.07
C GLU F 194 10.51 19.34 16.21
N MET F 195 9.19 19.50 16.18
CA MET F 195 8.30 18.34 16.28
C MET F 195 7.02 18.64 15.51
N SER F 196 6.65 17.72 14.62
CA SER F 196 5.50 17.89 13.75
C SER F 196 5.12 16.50 13.22
N PRO F 197 4.00 16.40 12.49
CA PRO F 197 3.69 15.11 11.84
C PRO F 197 4.73 14.65 10.82
N THR F 198 5.76 15.46 10.57
CA THR F 198 6.87 15.07 9.71
C THR F 198 8.16 14.84 10.47
N LEU F 199 8.16 15.00 11.80
CA LEU F 199 9.33 14.72 12.62
C LEU F 199 8.81 14.31 14.00
N HIS F 200 8.68 13.01 14.21
CA HIS F 200 8.00 12.49 15.39
C HIS F 200 8.87 12.48 16.64
N GLN F 201 10.19 12.48 16.49
CA GLN F 201 11.13 12.57 17.61
C GLN F 201 10.88 11.45 18.63
N LYS F 202 10.55 10.26 18.13
CA LYS F 202 10.12 9.18 19.02
C LYS F 202 11.24 8.67 19.92
N ASN F 203 12.51 8.81 19.51
CA ASN F 203 13.60 8.46 20.41
C ASN F 203 13.78 9.52 21.48
N LEU F 204 13.90 10.79 21.07
CA LEU F 204 14.09 11.87 22.02
C LEU F 204 12.93 12.01 22.99
N ARG F 205 11.71 11.67 22.56
CA ARG F 205 10.52 11.78 23.40
C ARG F 205 10.44 10.71 24.46
N GLU F 206 11.14 9.59 24.29
CA GLU F 206 11.18 8.56 25.32
C GLU F 206 12.24 8.85 26.36
N TYR F 207 13.40 9.35 25.94
CA TYR F 207 14.44 9.73 26.89
C TYR F 207 13.96 10.88 27.76
N CYS F 208 13.42 11.93 27.15
CA CYS F 208 12.96 13.08 27.91
C CYS F 208 11.79 12.75 28.82
N LYS F 209 11.02 11.69 28.52
CA LYS F 209 9.98 11.26 29.42
C LYS F 209 10.54 10.46 30.59
N ALA F 210 11.54 9.61 30.31
CA ALA F 210 12.16 8.81 31.37
C ALA F 210 12.94 9.66 32.36
N ASN F 211 13.33 10.87 31.98
CA ASN F 211 14.10 11.75 32.86
C ASN F 211 13.37 13.06 33.13
N ASN F 212 12.05 13.10 32.90
CA ASN F 212 11.20 14.23 33.26
C ASN F 212 11.71 15.53 32.63
N ILE F 213 12.02 15.47 31.34
CA ILE F 213 12.39 16.64 30.55
C ILE F 213 11.23 16.95 29.63
N MET F 214 10.71 18.18 29.70
CA MET F 214 9.56 18.55 28.90
C MET F 214 9.98 18.92 27.49
N ILE F 215 9.29 18.37 26.51
CA ILE F 215 9.55 18.67 25.11
C ILE F 215 8.73 19.88 24.71
N THR F 216 9.40 20.91 24.21
CA THR F 216 8.73 22.07 23.61
C THR F 216 8.92 21.99 22.10
N ALA F 217 7.82 21.96 21.37
CA ALA F 217 7.84 21.73 19.93
C ALA F 217 7.73 23.06 19.19
N HIS F 218 8.72 23.34 18.35
CA HIS F 218 8.65 24.45 17.41
C HIS F 218 8.59 23.90 15.99
N SER F 219 8.21 24.78 15.06
CA SER F 219 8.04 24.41 13.64
C SER F 219 6.98 23.32 13.48
N VAL F 220 5.89 23.43 14.25
CA VAL F 220 4.82 22.45 14.17
C VAL F 220 4.19 22.45 12.78
N LEU F 221 3.97 23.63 12.21
CA LEU F 221 3.40 23.76 10.89
C LEU F 221 4.45 23.73 9.79
N GLY F 222 5.62 23.15 10.05
CA GLY F 222 6.66 23.05 9.06
C GLY F 222 7.32 24.36 8.68
N ALA F 223 6.96 25.46 9.35
CA ALA F 223 7.49 26.79 9.06
C ALA F 223 7.21 27.16 7.60
N ILE F 224 5.93 27.28 7.27
CA ILE F 224 5.54 27.57 5.88
C ILE F 224 5.93 28.99 5.51
N CYS F 225 6.06 29.89 6.48
CA CYS F 225 6.35 31.29 6.23
C CYS F 225 7.84 31.61 6.24
N ALA F 226 8.68 30.62 6.44
CA ALA F 226 10.10 30.91 6.57
C ALA F 226 10.85 30.56 5.30
N PRO F 227 11.94 31.28 5.00
CA PRO F 227 12.78 30.88 3.85
C PRO F 227 13.37 29.49 4.01
N TRP F 228 13.75 29.11 5.23
CA TRP F 228 14.26 27.77 5.51
C TRP F 228 13.15 26.73 5.62
N GLY F 229 11.90 27.11 5.35
CA GLY F 229 10.76 26.27 5.60
C GLY F 229 10.45 25.32 4.46
N SER F 230 9.36 24.59 4.62
CA SER F 230 8.89 23.62 3.64
C SER F 230 7.38 23.55 3.71
N ASN F 231 6.81 22.66 2.89
CA ASN F 231 5.36 22.50 2.81
C ASN F 231 4.91 21.08 3.16
N ALA F 232 5.78 20.30 3.81
CA ALA F 232 5.48 18.90 4.09
C ALA F 232 4.29 18.73 5.02
N VAL F 233 3.99 19.74 5.84
CA VAL F 233 2.89 19.67 6.79
C VAL F 233 1.62 20.28 6.24
N MET F 234 1.70 21.51 5.74
CA MET F 234 0.50 22.22 5.29
C MET F 234 -0.10 21.62 4.03
N ASP F 235 0.66 20.82 3.28
CA ASP F 235 0.16 20.18 2.07
C ASP F 235 0.10 18.67 2.18
N SER F 236 0.27 18.13 3.38
CA SER F 236 0.14 16.69 3.58
C SER F 236 -1.27 16.23 3.26
N LYS F 237 -1.39 15.27 2.34
CA LYS F 237 -2.71 14.78 1.96
C LYS F 237 -3.36 13.99 3.09
N VAL F 238 -2.56 13.27 3.87
CA VAL F 238 -3.09 12.55 5.02
C VAL F 238 -3.68 13.51 6.03
N LEU F 239 -2.95 14.60 6.32
CA LEU F 239 -3.43 15.59 7.28
C LEU F 239 -4.69 16.30 6.79
N HIS F 240 -4.79 16.53 5.48
CA HIS F 240 -6.02 17.10 4.92
C HIS F 240 -7.20 16.17 5.13
N GLN F 241 -6.98 14.85 4.97
CA GLN F 241 -8.07 13.89 5.12
C GLN F 241 -8.55 13.82 6.56
N ILE F 242 -7.62 13.85 7.52
CA ILE F 242 -8.01 13.89 8.93
C ILE F 242 -8.66 15.23 9.26
N ALA F 243 -8.25 16.29 8.57
CA ALA F 243 -8.80 17.62 8.86
C ALA F 243 -10.29 17.66 8.54
N VAL F 244 -10.71 17.12 7.40
CA VAL F 244 -12.12 17.16 7.03
C VAL F 244 -12.92 16.16 7.86
N ALA F 245 -12.30 15.06 8.28
CA ALA F 245 -13.01 14.07 9.07
C ALA F 245 -13.34 14.56 10.46
N ARG F 246 -12.65 15.60 10.94
CA ARG F 246 -12.87 16.12 12.28
C ARG F 246 -13.39 17.54 12.30
N GLY F 247 -13.67 18.13 11.13
CA GLY F 247 -14.12 19.51 11.09
C GLY F 247 -13.12 20.49 11.67
N LYS F 248 -11.84 20.29 11.39
CA LYS F 248 -10.78 21.16 11.86
C LYS F 248 -9.83 21.42 10.70
N SER F 249 -9.02 22.47 10.84
CA SER F 249 -8.04 22.79 9.81
C SER F 249 -6.85 21.85 9.90
N VAL F 250 -6.07 21.81 8.82
CA VAL F 250 -4.81 21.07 8.84
C VAL F 250 -3.88 21.64 9.91
N ALA F 251 -4.02 22.92 10.22
CA ALA F 251 -3.11 23.58 11.16
C ALA F 251 -3.20 22.95 12.54
N GLN F 252 -4.40 22.87 13.10
CA GLN F 252 -4.54 22.40 14.47
C GLN F 252 -4.80 20.90 14.55
N VAL F 253 -4.78 20.19 13.42
CA VAL F 253 -4.54 18.75 13.48
C VAL F 253 -3.09 18.48 13.85
N SER F 254 -2.16 19.24 13.25
CA SER F 254 -0.75 19.09 13.58
C SER F 254 -0.45 19.57 14.99
N MET F 255 -1.12 20.64 15.42
CA MET F 255 -0.85 21.18 16.75
C MET F 255 -1.47 20.32 17.85
N ARG F 256 -2.66 19.75 17.60
CA ARG F 256 -3.24 18.83 18.56
C ARG F 256 -2.41 17.56 18.67
N TRP F 257 -1.90 17.06 17.53
CA TRP F 257 -1.04 15.88 17.56
C TRP F 257 0.19 16.12 18.42
N VAL F 258 0.69 17.36 18.44
CA VAL F 258 1.86 17.67 19.26
C VAL F 258 1.48 17.64 20.74
N TYR F 259 0.45 18.39 21.12
CA TYR F 259 0.06 18.46 22.53
C TYR F 259 -0.43 17.13 23.05
N GLN F 260 -1.10 16.34 22.21
CA GLN F 260 -1.62 15.04 22.66
C GLN F 260 -0.53 13.99 22.77
N GLN F 261 0.61 14.18 22.13
CA GLN F 261 1.77 13.35 22.40
C GLN F 261 2.48 13.74 23.68
N GLY F 262 1.92 14.68 24.44
CA GLY F 262 2.46 15.06 25.72
C GLY F 262 3.52 16.14 25.69
N ALA F 263 3.54 16.98 24.65
CA ALA F 263 4.55 18.01 24.51
C ALA F 263 3.90 19.39 24.50
N SER F 264 4.72 20.39 24.85
CA SER F 264 4.31 21.78 24.70
C SER F 264 4.66 22.27 23.31
N LEU F 265 4.19 23.47 22.97
CA LEU F 265 4.37 23.99 21.62
C LEU F 265 4.42 25.51 21.66
N VAL F 266 5.35 26.08 20.90
CA VAL F 266 5.43 27.51 20.69
C VAL F 266 5.13 27.77 19.22
N VAL F 267 4.04 28.49 18.95
CA VAL F 267 3.56 28.70 17.59
C VAL F 267 3.92 30.10 17.12
N LYS F 268 4.35 30.20 15.88
CA LYS F 268 4.52 31.48 15.23
C LYS F 268 3.17 32.01 14.79
N SER F 269 2.82 33.20 15.26
CA SER F 269 1.54 33.82 14.91
C SER F 269 1.80 35.19 14.30
N PHE F 270 1.44 35.35 13.03
CA PHE F 270 1.58 36.62 12.34
C PHE F 270 0.30 37.45 12.32
N ASN F 271 -0.85 36.82 12.56
CA ASN F 271 -2.12 37.52 12.52
C ASN F 271 -3.05 36.95 13.59
N GLU F 272 -4.12 37.71 13.87
CA GLU F 272 -5.09 37.28 14.87
C GLU F 272 -5.83 36.03 14.45
N GLY F 273 -5.83 35.69 13.16
CA GLY F 273 -6.58 34.57 12.65
C GLY F 273 -6.29 33.27 13.37
N ARG F 274 -5.04 32.81 13.33
CA ARG F 274 -4.68 31.61 14.06
C ARG F 274 -4.56 31.86 15.56
N MET F 275 -4.29 33.10 15.97
CA MET F 275 -4.09 33.41 17.38
C MET F 275 -5.22 32.85 18.25
N LYS F 276 -6.44 33.36 18.08
CA LYS F 276 -7.59 32.82 18.78
C LYS F 276 -7.97 31.43 18.29
N GLU F 277 -7.55 31.04 17.09
CA GLU F 277 -7.87 29.74 16.52
C GLU F 277 -6.92 28.64 16.97
N ASN F 278 -5.67 28.96 17.29
CA ASN F 278 -4.78 27.98 17.90
C ASN F 278 -5.18 27.68 19.34
N LEU F 279 -5.91 28.58 19.98
CA LEU F 279 -6.33 28.39 21.37
C LEU F 279 -7.41 27.33 21.53
N LYS F 280 -7.99 26.86 20.43
CA LYS F 280 -9.09 25.91 20.48
C LYS F 280 -8.64 24.48 20.21
N ILE F 281 -7.33 24.22 20.24
CA ILE F 281 -6.84 22.85 20.11
C ILE F 281 -7.11 22.07 21.39
N PHE F 282 -7.27 22.74 22.53
CA PHE F 282 -7.49 22.08 23.80
C PHE F 282 -8.95 21.74 24.04
N ASP F 283 -9.85 22.09 23.13
CA ASP F 283 -11.28 21.84 23.28
C ASP F 283 -11.75 20.62 22.52
N TRP F 284 -10.87 19.93 21.81
CA TRP F 284 -11.23 18.74 21.06
C TRP F 284 -10.10 17.73 21.19
N GLU F 285 -10.27 16.57 20.55
CA GLU F 285 -9.43 15.41 20.86
C GLU F 285 -9.31 14.52 19.64
N LEU F 286 -8.09 14.06 19.36
CA LEU F 286 -7.83 13.21 18.20
C LEU F 286 -8.14 11.76 18.53
N THR F 287 -8.79 11.06 17.60
CA THR F 287 -9.07 9.65 17.77
C THR F 287 -7.81 8.82 17.52
N ALA F 288 -7.85 7.57 17.98
CA ALA F 288 -6.68 6.70 17.82
C ALA F 288 -6.47 6.31 16.37
N GLU F 289 -7.54 6.28 15.56
CA GLU F 289 -7.38 6.03 14.13
C GLU F 289 -6.57 7.14 13.47
N ASN F 290 -6.91 8.40 13.78
CA ASN F 290 -6.15 9.53 13.28
C ASN F 290 -4.69 9.44 13.73
N MET F 291 -4.47 9.09 15.00
CA MET F 291 -3.13 9.02 15.54
C MET F 291 -2.28 7.97 14.84
N GLU F 292 -2.88 6.86 14.43
CA GLU F 292 -2.13 5.83 13.72
C GLU F 292 -1.73 6.30 12.33
N LYS F 293 -2.67 6.89 11.59
CA LYS F 293 -2.37 7.35 10.24
C LYS F 293 -1.29 8.43 10.23
N ILE F 294 -1.25 9.27 11.27
CA ILE F 294 -0.23 10.30 11.34
C ILE F 294 1.14 9.70 11.63
N SER F 295 1.19 8.61 12.40
CA SER F 295 2.47 7.98 12.71
C SER F 295 3.18 7.47 11.47
N GLU F 296 2.42 7.19 10.41
CA GLU F 296 2.97 6.64 9.17
C GLU F 296 3.33 7.71 8.15
N ILE F 297 3.16 8.98 8.47
CA ILE F 297 3.53 10.06 7.56
C ILE F 297 5.05 10.04 7.35
N PRO F 298 5.54 10.09 6.12
CA PRO F 298 6.98 10.07 5.90
C PRO F 298 7.67 11.27 6.52
N GLN F 299 8.89 11.03 6.99
CA GLN F 299 9.62 11.99 7.82
C GLN F 299 10.48 12.92 6.96
N SER F 300 10.62 14.15 7.45
CA SER F 300 11.47 15.15 6.81
C SER F 300 11.72 16.28 7.80
N ARG F 301 12.98 16.65 7.98
CA ARG F 301 13.35 17.71 8.91
C ARG F 301 13.46 19.02 8.14
N THR F 302 12.68 20.02 8.57
CA THR F 302 12.64 21.30 7.87
C THR F 302 13.80 22.20 8.28
N SER F 303 13.98 22.43 9.58
CA SER F 303 15.03 23.31 10.08
C SER F 303 16.35 22.56 10.05
N SER F 304 17.25 22.97 9.17
CA SER F 304 18.55 22.31 9.03
C SER F 304 19.58 22.95 9.96
N ALA F 305 20.72 22.28 10.10
CA ALA F 305 21.86 22.81 10.82
C ALA F 305 23.02 23.17 9.89
N ASP F 306 22.69 23.71 8.71
CA ASP F 306 23.71 23.87 7.66
C ASP F 306 24.68 25.00 7.98
N PHE F 307 24.24 25.97 8.79
CA PHE F 307 25.13 27.04 9.19
C PHE F 307 26.18 26.54 10.19
N LEU F 308 25.83 25.55 11.02
CA LEU F 308 26.69 25.01 12.06
C LEU F 308 27.45 23.74 11.64
N LEU F 309 27.53 23.47 10.34
CA LEU F 309 28.28 22.33 9.81
C LEU F 309 29.55 22.83 9.13
N SER F 310 30.67 22.16 9.44
CA SER F 310 31.96 22.59 8.92
C SER F 310 32.91 21.41 9.00
N PRO F 311 33.82 21.22 8.03
CA PRO F 311 34.77 20.11 8.12
C PRO F 311 35.87 20.35 9.14
N THR F 312 35.99 21.55 9.69
CA THR F 312 36.92 21.82 10.77
C THR F 312 36.22 22.04 12.11
N GLY F 313 34.88 22.13 12.11
CA GLY F 313 34.13 22.31 13.33
C GLY F 313 33.74 20.99 13.97
N PRO F 314 32.92 21.06 15.01
CA PRO F 314 32.53 19.83 15.72
C PRO F 314 31.70 18.87 14.88
N PHE F 315 30.88 19.38 13.97
CA PHE F 315 29.96 18.55 13.20
C PHE F 315 30.12 18.85 11.71
N LYS F 316 30.27 17.79 10.92
CA LYS F 316 30.42 17.91 9.47
C LYS F 316 29.24 17.37 8.68
N THR F 317 28.54 16.36 9.21
CA THR F 317 27.36 15.80 8.57
C THR F 317 26.12 16.17 9.36
N GLU F 318 24.99 16.26 8.66
CA GLU F 318 23.75 16.66 9.31
C GLU F 318 23.32 15.64 10.36
N GLU F 319 23.54 14.35 10.08
CA GLU F 319 23.23 13.30 11.03
C GLU F 319 24.23 13.23 12.18
N GLU F 320 25.32 14.00 12.11
CA GLU F 320 26.24 14.16 13.22
C GLU F 320 25.82 15.25 14.18
N PHE F 321 25.10 16.26 13.66
CA PHE F 321 24.49 17.28 14.52
C PHE F 321 23.30 16.71 15.28
N TRP F 322 22.41 16.01 14.57
CA TRP F 322 21.19 15.48 15.16
C TRP F 322 21.35 14.06 15.71
N ASP F 323 22.46 13.39 15.42
CA ASP F 323 22.77 12.06 15.94
C ASP F 323 21.72 11.02 15.56
N GLU F 324 20.83 11.33 14.62
CA GLU F 324 19.81 10.38 14.17
C GLU F 324 19.62 10.46 12.66
#